data_6XX2
# 
_entry.id   6XX2 
# 
_audit_conform.dict_name       mmcif_pdbx.dic 
_audit_conform.dict_version    5.383 
_audit_conform.dict_location   http://mmcif.pdb.org/dictionaries/ascii/mmcif_pdbx.dic 
# 
loop_
_database_2.database_id 
_database_2.database_code 
_database_2.pdbx_database_accession 
_database_2.pdbx_DOI 
PDB   6XX2         pdb_00006xx2 10.2210/pdb6xx2/pdb 
WWPDB D_1292106477 ?            ?                   
# 
loop_
_pdbx_audit_revision_history.ordinal 
_pdbx_audit_revision_history.data_content_type 
_pdbx_audit_revision_history.major_revision 
_pdbx_audit_revision_history.minor_revision 
_pdbx_audit_revision_history.revision_date 
1 'Structure model' 1 0 2020-04-22 
2 'Structure model' 1 1 2020-06-03 
3 'Structure model' 2 0 2020-07-29 
4 'Structure model' 2 1 2024-01-24 
# 
loop_
_pdbx_audit_revision_details.ordinal 
_pdbx_audit_revision_details.revision_ordinal 
_pdbx_audit_revision_details.data_content_type 
_pdbx_audit_revision_details.provider 
_pdbx_audit_revision_details.type 
_pdbx_audit_revision_details.description 
_pdbx_audit_revision_details.details 
1 1 'Structure model' repository 'Initial release' ?                          ? 
2 3 'Structure model' repository Remediation       'Carbohydrate remediation' ? 
# 
loop_
_pdbx_audit_revision_group.ordinal 
_pdbx_audit_revision_group.revision_ordinal 
_pdbx_audit_revision_group.data_content_type 
_pdbx_audit_revision_group.group 
1  2 'Structure model' 'Database references'        
2  3 'Structure model' 'Atomic model'               
3  3 'Structure model' 'Author supporting evidence' 
4  3 'Structure model' 'Data collection'            
5  3 'Structure model' 'Derived calculations'       
6  3 'Structure model' 'Non-polymer description'    
7  3 'Structure model' 'Structure summary'          
8  4 'Structure model' 'Data collection'            
9  4 'Structure model' 'Database references'        
10 4 'Structure model' 'Refinement description'     
11 4 'Structure model' 'Structure summary'          
# 
loop_
_pdbx_audit_revision_category.ordinal 
_pdbx_audit_revision_category.revision_ordinal 
_pdbx_audit_revision_category.data_content_type 
_pdbx_audit_revision_category.category 
1  2 'Structure model' citation                      
2  3 'Structure model' atom_site                     
3  3 'Structure model' atom_site_anisotrop           
4  3 'Structure model' chem_comp                     
5  3 'Structure model' entity                        
6  3 'Structure model' entity_name_com               
7  3 'Structure model' pdbx_branch_scheme            
8  3 'Structure model' pdbx_chem_comp_identifier     
9  3 'Structure model' pdbx_entity_branch            
10 3 'Structure model' pdbx_entity_branch_descriptor 
11 3 'Structure model' pdbx_entity_branch_link       
12 3 'Structure model' pdbx_entity_branch_list       
13 3 'Structure model' pdbx_entity_instance_feature  
14 3 'Structure model' pdbx_entity_nonpoly           
15 3 'Structure model' pdbx_molecule_features        
16 3 'Structure model' pdbx_nonpoly_scheme           
17 3 'Structure model' pdbx_struct_conn_angle        
18 3 'Structure model' struct_conn                   
19 3 'Structure model' struct_conn_type              
20 3 'Structure model' struct_site                   
21 3 'Structure model' struct_site_gen               
22 4 'Structure model' chem_comp                     
23 4 'Structure model' chem_comp_atom                
24 4 'Structure model' chem_comp_bond                
25 4 'Structure model' database_2                    
26 4 'Structure model' pdbx_initial_refinement_model 
# 
loop_
_pdbx_audit_revision_item.ordinal 
_pdbx_audit_revision_item.revision_ordinal 
_pdbx_audit_revision_item.data_content_type 
_pdbx_audit_revision_item.item 
1  2 'Structure model' '_citation.journal_volume'                    
2  2 'Structure model' '_citation.page_first'                        
3  2 'Structure model' '_citation.page_last'                         
4  3 'Structure model' '_atom_site.B_iso_or_equiv'                   
5  3 'Structure model' '_atom_site.Cartn_x'                          
6  3 'Structure model' '_atom_site.Cartn_y'                          
7  3 'Structure model' '_atom_site.Cartn_z'                          
8  3 'Structure model' '_atom_site.auth_asym_id'                     
9  3 'Structure model' '_atom_site.auth_atom_id'                     
10 3 'Structure model' '_atom_site.auth_comp_id'                     
11 3 'Structure model' '_atom_site.auth_seq_id'                      
12 3 'Structure model' '_atom_site.label_asym_id'                    
13 3 'Structure model' '_atom_site.label_atom_id'                    
14 3 'Structure model' '_atom_site.label_comp_id'                    
15 3 'Structure model' '_atom_site.label_entity_id'                  
16 3 'Structure model' '_atom_site.occupancy'                        
17 3 'Structure model' '_atom_site.type_symbol'                      
18 3 'Structure model' '_atom_site_anisotrop.U[1][1]'                
19 3 'Structure model' '_atom_site_anisotrop.U[1][2]'                
20 3 'Structure model' '_atom_site_anisotrop.U[1][3]'                
21 3 'Structure model' '_atom_site_anisotrop.U[2][2]'                
22 3 'Structure model' '_atom_site_anisotrop.U[2][3]'                
23 3 'Structure model' '_atom_site_anisotrop.U[3][3]'                
24 3 'Structure model' '_atom_site_anisotrop.id'                     
25 3 'Structure model' '_atom_site_anisotrop.pdbx_auth_asym_id'      
26 3 'Structure model' '_atom_site_anisotrop.pdbx_auth_atom_id'      
27 3 'Structure model' '_atom_site_anisotrop.pdbx_auth_comp_id'      
28 3 'Structure model' '_atom_site_anisotrop.pdbx_auth_seq_id'       
29 3 'Structure model' '_atom_site_anisotrop.pdbx_label_asym_id'     
30 3 'Structure model' '_atom_site_anisotrop.pdbx_label_atom_id'     
31 3 'Structure model' '_atom_site_anisotrop.pdbx_label_comp_id'     
32 3 'Structure model' '_atom_site_anisotrop.type_symbol'            
33 3 'Structure model' '_chem_comp.formula'                          
34 3 'Structure model' '_chem_comp.formula_weight'                   
35 3 'Structure model' '_chem_comp.id'                               
36 3 'Structure model' '_chem_comp.mon_nstd_flag'                    
37 3 'Structure model' '_chem_comp.name'                             
38 3 'Structure model' '_chem_comp.pdbx_synonyms'                    
39 3 'Structure model' '_chem_comp.type'                             
40 3 'Structure model' '_entity.formula_weight'                      
41 3 'Structure model' '_entity.pdbx_description'                    
42 3 'Structure model' '_entity.src_method'                          
43 3 'Structure model' '_entity.type'                                
44 3 'Structure model' '_pdbx_struct_conn_angle.ptnr2_label_asym_id' 
45 4 'Structure model' '_chem_comp.pdbx_synonyms'                    
46 4 'Structure model' '_database_2.pdbx_DOI'                        
47 4 'Structure model' '_database_2.pdbx_database_accession'         
# 
_pdbx_database_status.status_code                     REL 
_pdbx_database_status.status_code_sf                  REL 
_pdbx_database_status.status_code_mr                  ? 
_pdbx_database_status.entry_id                        6XX2 
_pdbx_database_status.recvd_initial_deposition_date   2020-01-26 
_pdbx_database_status.SG_entry                        N 
_pdbx_database_status.deposit_site                    PDBE 
_pdbx_database_status.process_site                    PDBE 
_pdbx_database_status.status_code_cs                  ? 
_pdbx_database_status.status_code_nmr_data            ? 
_pdbx_database_status.methods_development_category    ? 
_pdbx_database_status.pdb_format_compatible           Y 
# 
_audit_author.name               'Camara-Artigas, A.' 
_audit_author.pdbx_ordinal       1 
_audit_author.identifier_ORCID   0000-0003-2197-726X 
# 
_citation.abstract                  ? 
_citation.abstract_id_CAS           ? 
_citation.book_id_ISBN              ? 
_citation.book_publisher            ? 
_citation.book_publisher_city       ? 
_citation.book_title                ? 
_citation.coordinate_linkage        ? 
_citation.country                   GW 
_citation.database_id_Medline       ? 
_citation.details                   ? 
_citation.id                        primary 
_citation.journal_abbrev            J.Biol.Inorg.Chem. 
_citation.journal_id_ASTM           JJBCFA 
_citation.journal_id_CSD            ? 
_citation.journal_id_ISSN           1432-1327 
_citation.journal_full              ? 
_citation.journal_issue             ? 
_citation.journal_volume            25 
_citation.language                  ? 
_citation.page_first                621 
_citation.page_last                 634 
_citation.title                     
'The effect of an engineered ATCUN motif on the structure and biophysical properties of the SH3 domain of c-Src tyrosine kinase.' 
_citation.year                      2020 
_citation.database_id_CSD           ? 
_citation.pdbx_database_id_DOI      10.1007/s00775-020-01785-0 
_citation.pdbx_database_id_PubMed   32279137 
_citation.unpublished_flag          ? 
# 
loop_
_citation_author.citation_id 
_citation_author.name 
_citation_author.ordinal 
_citation_author.identifier_ORCID 
primary 'Plaza-Garrido, M.'    1 ? 
primary 'Salinas-Garcia, M.C.' 2 ? 
primary 'Martinez, J.C.'       3 ? 
primary 'Camara-Artigas, A.'   4 ? 
# 
loop_
_entity.id 
_entity.type 
_entity.src_method 
_entity.pdbx_description 
_entity.formula_weight 
_entity.pdbx_number_of_molecules 
_entity.pdbx_ec 
_entity.pdbx_mutation 
_entity.pdbx_fragment 
_entity.details 
1 polymer     man 'Proto-oncogene tyrosine-protein kinase Src' 6925.596 1  2.7.10.2 'H122R Q128K' ? ? 
2 branched    man 
;Cyclic 2,3-di-O-methyl-alpha-D-glucopyranose-(1-4)-2-O-methyl-alpha-D-glucopyranose-(1-4)-2,6-di-O-methyl-alpha-D-glucopyranose-(1-4)-2-O-methyl-alpha-D-glucopyranose-(1-4)-alpha-D-glucopyranose-(1-4)-alpha-D-glucopyranose-(1-4)-3-O-methyl-alpha-D-glucopyranose
;
1251.185 1  ?        ?             ? ? 
3 non-polymer syn 'COPPER (II) ION' 63.546   1  ?        ?             ? ? 
4 water       nat water 18.015   40 ?        ?             ? ? 
# 
loop_
_entity_name_com.entity_id 
_entity_name_com.name 
1 'Proto-oncogene c-Src,pp60c-src,p60-Src' 
2 methyl-beta-cyclodextrin                 
# 
_entity_poly.entity_id                      1 
_entity_poly.type                           'polypeptide(L)' 
_entity_poly.nstd_linkage                   no 
_entity_poly.nstd_monomer                   no 
_entity_poly.pdbx_seq_one_letter_code       GSHMTFVALYDYESRTETDLSFKKGERLQIVNNTEGDWWLARSLTTGKTGYIPSNYVAPSD 
_entity_poly.pdbx_seq_one_letter_code_can   GSHMTFVALYDYESRTETDLSFKKGERLQIVNNTEGDWWLARSLTTGKTGYIPSNYVAPSD 
_entity_poly.pdbx_strand_id                 A 
_entity_poly.pdbx_target_identifier         ? 
# 
loop_
_pdbx_entity_nonpoly.entity_id 
_pdbx_entity_nonpoly.name 
_pdbx_entity_nonpoly.comp_id 
3 'COPPER (II) ION' CU  
4 water             HOH 
# 
loop_
_entity_poly_seq.entity_id 
_entity_poly_seq.num 
_entity_poly_seq.mon_id 
_entity_poly_seq.hetero 
1 1  GLY n 
1 2  SER n 
1 3  HIS n 
1 4  MET n 
1 5  THR n 
1 6  PHE n 
1 7  VAL n 
1 8  ALA n 
1 9  LEU n 
1 10 TYR n 
1 11 ASP n 
1 12 TYR n 
1 13 GLU n 
1 14 SER n 
1 15 ARG n 
1 16 THR n 
1 17 GLU n 
1 18 THR n 
1 19 ASP n 
1 20 LEU n 
1 21 SER n 
1 22 PHE n 
1 23 LYS n 
1 24 LYS n 
1 25 GLY n 
1 26 GLU n 
1 27 ARG n 
1 28 LEU n 
1 29 GLN n 
1 30 ILE n 
1 31 VAL n 
1 32 ASN n 
1 33 ASN n 
1 34 THR n 
1 35 GLU n 
1 36 GLY n 
1 37 ASP n 
1 38 TRP n 
1 39 TRP n 
1 40 LEU n 
1 41 ALA n 
1 42 ARG n 
1 43 SER n 
1 44 LEU n 
1 45 THR n 
1 46 THR n 
1 47 GLY n 
1 48 LYS n 
1 49 THR n 
1 50 GLY n 
1 51 TYR n 
1 52 ILE n 
1 53 PRO n 
1 54 SER n 
1 55 ASN n 
1 56 TYR n 
1 57 VAL n 
1 58 ALA n 
1 59 PRO n 
1 60 SER n 
1 61 ASP n 
# 
_entity_src_gen.entity_id                          1 
_entity_src_gen.pdbx_src_id                        1 
_entity_src_gen.pdbx_alt_source_flag               sample 
_entity_src_gen.pdbx_seq_type                      'Biological sequence' 
_entity_src_gen.pdbx_beg_seq_num                   1 
_entity_src_gen.pdbx_end_seq_num                   61 
_entity_src_gen.gene_src_common_name               Chicken 
_entity_src_gen.gene_src_genus                     ? 
_entity_src_gen.pdbx_gene_src_gene                 SRC 
_entity_src_gen.gene_src_species                   ? 
_entity_src_gen.gene_src_strain                    ? 
_entity_src_gen.gene_src_tissue                    ? 
_entity_src_gen.gene_src_tissue_fraction           ? 
_entity_src_gen.gene_src_details                   ? 
_entity_src_gen.pdbx_gene_src_fragment             ? 
_entity_src_gen.pdbx_gene_src_scientific_name      'Gallus gallus' 
_entity_src_gen.pdbx_gene_src_ncbi_taxonomy_id     9031 
_entity_src_gen.pdbx_gene_src_variant              ? 
_entity_src_gen.pdbx_gene_src_cell_line            ? 
_entity_src_gen.pdbx_gene_src_atcc                 ? 
_entity_src_gen.pdbx_gene_src_organ                ? 
_entity_src_gen.pdbx_gene_src_organelle            ? 
_entity_src_gen.pdbx_gene_src_cell                 ? 
_entity_src_gen.pdbx_gene_src_cellular_location    ? 
_entity_src_gen.host_org_common_name               ? 
_entity_src_gen.pdbx_host_org_scientific_name      'Escherichia coli BL21(DE3)' 
_entity_src_gen.pdbx_host_org_ncbi_taxonomy_id     469008 
_entity_src_gen.host_org_genus                     ? 
_entity_src_gen.pdbx_host_org_gene                 ? 
_entity_src_gen.pdbx_host_org_organ                ? 
_entity_src_gen.host_org_species                   ? 
_entity_src_gen.pdbx_host_org_tissue               ? 
_entity_src_gen.pdbx_host_org_tissue_fraction      ? 
_entity_src_gen.pdbx_host_org_strain               ? 
_entity_src_gen.pdbx_host_org_variant              ? 
_entity_src_gen.pdbx_host_org_cell_line            ? 
_entity_src_gen.pdbx_host_org_atcc                 ? 
_entity_src_gen.pdbx_host_org_culture_collection   ? 
_entity_src_gen.pdbx_host_org_cell                 ? 
_entity_src_gen.pdbx_host_org_organelle            ? 
_entity_src_gen.pdbx_host_org_cellular_location    ? 
_entity_src_gen.pdbx_host_org_vector_type          plasmid 
_entity_src_gen.pdbx_host_org_vector               ? 
_entity_src_gen.host_org_details                   ? 
_entity_src_gen.expression_system_id               ? 
_entity_src_gen.plasmid_name                       pHTP1 
_entity_src_gen.plasmid_details                    ? 
_entity_src_gen.pdbx_description                   ? 
# 
_pdbx_entity_branch.entity_id   2 
_pdbx_entity_branch.type        oligosaccharide 
# 
_pdbx_entity_branch_descriptor.ordinal           1 
_pdbx_entity_branch_descriptor.entity_id         2 
_pdbx_entity_branch_descriptor.descriptor        
;WURCS=2.0/5,7,7/[a2122h-1a_1-5_2*OC_3*OC][a2122h-1a_1-5_3*OC][a2122h-1a_1-5][a2122h-1a_1-5_2*OC][a2122h-1a_1-5_2*OC_6*OC]/1-2-3-3-4-5-4/a1-g4_a4-b1_b4-c1_c4-d1_d4-e1_e4-f1_f4-g1
;
_pdbx_entity_branch_descriptor.type              WURCS 
_pdbx_entity_branch_descriptor.program           PDB2Glycan 
_pdbx_entity_branch_descriptor.program_version   1.1.0 
# 
loop_
_pdbx_entity_branch_link.link_id 
_pdbx_entity_branch_link.entity_id 
_pdbx_entity_branch_link.entity_branch_list_num_1 
_pdbx_entity_branch_link.comp_id_1 
_pdbx_entity_branch_link.atom_id_1 
_pdbx_entity_branch_link.leaving_atom_id_1 
_pdbx_entity_branch_link.entity_branch_list_num_2 
_pdbx_entity_branch_link.comp_id_2 
_pdbx_entity_branch_link.atom_id_2 
_pdbx_entity_branch_link.leaving_atom_id_2 
_pdbx_entity_branch_link.value_order 
_pdbx_entity_branch_link.details 
1 2 1 ZB1 C1 O1 7 ZB0 O4 HO4 sing ? 
2 2 2 GLC C1 O1 1 ZB1 O4 HO4 sing ? 
3 2 3 GLC C1 O1 2 GLC O4 HO4 sing ? 
4 2 4 ZB2 C1 O1 3 GLC O4 HO4 sing ? 
5 2 5 ZB3 C1 O1 4 ZB2 O4 HO4 sing ? 
6 2 6 ZB2 C1 O1 5 ZB3 O4 HO4 sing ? 
7 2 7 ZB0 C1 O1 6 ZB2 O4 HO4 sing ? 
# 
loop_
_chem_comp.id 
_chem_comp.type 
_chem_comp.mon_nstd_flag 
_chem_comp.name 
_chem_comp.pdbx_synonyms 
_chem_comp.formula 
_chem_comp.formula_weight 
ALA 'L-peptide linking'           y ALANINE                               ?                                     'C3 H7 N O2'     
89.093  
ARG 'L-peptide linking'           y ARGININE                              ?                                     'C6 H15 N4 O2 1' 
175.209 
ASN 'L-peptide linking'           y ASPARAGINE                            ?                                     'C4 H8 N2 O3'    
132.118 
ASP 'L-peptide linking'           y 'ASPARTIC ACID'                       ?                                     'C4 H7 N O4'     
133.103 
CU  non-polymer                   . 'COPPER (II) ION'                     ?                                     'Cu 2'           
63.546  
GLC 'D-saccharide, alpha linking' . alpha-D-glucopyranose                 'alpha-D-glucose; D-glucose; glucose' 'C6 H12 O6'      
180.156 
GLN 'L-peptide linking'           y GLUTAMINE                             ?                                     'C5 H10 N2 O3'   
146.144 
GLU 'L-peptide linking'           y 'GLUTAMIC ACID'                       ?                                     'C5 H9 N O4'     
147.129 
GLY 'peptide linking'             y GLYCINE                               ?                                     'C2 H5 N O2'     
75.067  
HIS 'L-peptide linking'           y HISTIDINE                             ?                                     'C6 H10 N3 O2 1' 
156.162 
HOH non-polymer                   . WATER                                 ?                                     'H2 O'           
18.015  
ILE 'L-peptide linking'           y ISOLEUCINE                            ?                                     'C6 H13 N O2'    
131.173 
LEU 'L-peptide linking'           y LEUCINE                               ?                                     'C6 H13 N O2'    
131.173 
LYS 'L-peptide linking'           y LYSINE                                ?                                     'C6 H15 N2 O2 1' 
147.195 
MET 'L-peptide linking'           y METHIONINE                            ?                                     'C5 H11 N O2 S'  
149.211 
PHE 'L-peptide linking'           y PHENYLALANINE                         ?                                     'C9 H11 N O2'    
165.189 
PRO 'L-peptide linking'           y PROLINE                               ?                                     'C5 H9 N O2'     
115.130 
SER 'L-peptide linking'           y SERINE                                ?                                     'C3 H7 N O3'     
105.093 
THR 'L-peptide linking'           y THREONINE                             ?                                     'C4 H9 N O3'     
119.119 
TRP 'L-peptide linking'           y TRYPTOPHAN                            ?                                     'C11 H12 N2 O2'  
204.225 
TYR 'L-peptide linking'           y TYROSINE                              ?                                     'C9 H11 N O3'    
181.189 
VAL 'L-peptide linking'           y VALINE                                ?                                     'C5 H11 N O2'    
117.146 
ZB0 'D-saccharide, alpha linking' n 2,3-di-O-methyl-alpha-D-glucopyranose ?                                     'C8 H16 O6'      
208.209 
ZB1 'D-saccharide, alpha linking' n 3-O-methyl-alpha-D-glucopyranose      ?                                     'C7 H14 O6'      
194.182 
ZB2 'D-saccharide, alpha linking' n 2-O-methyl-alpha-D-glucopyranose      ?                                     'C7 H14 O6'      
194.182 
ZB3 'D-saccharide, alpha linking' n 2,6-di-O-methyl-alpha-D-glucopyranose ?                                     'C8 H16 O6'      
208.209 
# 
loop_
_pdbx_chem_comp_identifier.comp_id 
_pdbx_chem_comp_identifier.type 
_pdbx_chem_comp_identifier.program 
_pdbx_chem_comp_identifier.program_version 
_pdbx_chem_comp_identifier.identifier 
GLC 'CONDENSED IUPAC CARBOHYDRATE SYMBOL' GMML     1.0 DGlcpa            
GLC 'COMMON NAME'                         GMML     1.0 a-D-glucopyranose 
GLC 'IUPAC CARBOHYDRATE SYMBOL'           PDB-CARE 1.0 a-D-Glcp          
GLC 'SNFG CARBOHYDRATE SYMBOL'            GMML     1.0 Glc               
# 
loop_
_pdbx_poly_seq_scheme.asym_id 
_pdbx_poly_seq_scheme.entity_id 
_pdbx_poly_seq_scheme.seq_id 
_pdbx_poly_seq_scheme.mon_id 
_pdbx_poly_seq_scheme.ndb_seq_num 
_pdbx_poly_seq_scheme.pdb_seq_num 
_pdbx_poly_seq_scheme.auth_seq_num 
_pdbx_poly_seq_scheme.pdb_mon_id 
_pdbx_poly_seq_scheme.auth_mon_id 
_pdbx_poly_seq_scheme.pdb_strand_id 
_pdbx_poly_seq_scheme.pdb_ins_code 
_pdbx_poly_seq_scheme.hetero 
A 1 1  GLY 1  81  ?   ?   ?   A . n 
A 1 2  SER 2  82  82  SER SER A . n 
A 1 3  HIS 3  83  83  HIS HIS A . n 
A 1 4  MET 4  84  84  MET MET A . n 
A 1 5  THR 5  85  85  THR THR A . n 
A 1 6  PHE 6  86  86  PHE PHE A . n 
A 1 7  VAL 7  87  87  VAL VAL A . n 
A 1 8  ALA 8  88  88  ALA ALA A . n 
A 1 9  LEU 9  89  89  LEU LEU A . n 
A 1 10 TYR 10 90  90  TYR TYR A . n 
A 1 11 ASP 11 91  91  ASP ASP A . n 
A 1 12 TYR 12 92  92  TYR TYR A . n 
A 1 13 GLU 13 93  93  GLU GLU A . n 
A 1 14 SER 14 94  94  SER SER A . n 
A 1 15 ARG 15 95  95  ARG ARG A . n 
A 1 16 THR 16 96  96  THR THR A . n 
A 1 17 GLU 17 97  97  GLU GLU A . n 
A 1 18 THR 18 98  98  THR THR A . n 
A 1 19 ASP 19 99  99  ASP ASP A . n 
A 1 20 LEU 20 100 100 LEU LEU A . n 
A 1 21 SER 21 101 101 SER SER A . n 
A 1 22 PHE 22 102 102 PHE PHE A . n 
A 1 23 LYS 23 103 103 LYS LYS A . n 
A 1 24 LYS 24 104 104 LYS LYS A . n 
A 1 25 GLY 25 105 105 GLY GLY A . n 
A 1 26 GLU 26 106 106 GLU GLU A . n 
A 1 27 ARG 27 107 107 ARG ARG A . n 
A 1 28 LEU 28 108 108 LEU LEU A . n 
A 1 29 GLN 29 109 109 GLN GLN A . n 
A 1 30 ILE 30 110 110 ILE ILE A . n 
A 1 31 VAL 31 111 111 VAL VAL A . n 
A 1 32 ASN 32 112 ?   ?   ?   A . n 
A 1 33 ASN 33 113 ?   ?   ?   A . n 
A 1 34 THR 34 114 ?   ?   ?   A . n 
A 1 35 GLU 35 115 ?   ?   ?   A . n 
A 1 36 GLY 36 116 116 GLY GLY A . n 
A 1 37 ASP 37 117 117 ASP ASP A . n 
A 1 38 TRP 38 118 118 TRP TRP A . n 
A 1 39 TRP 39 119 119 TRP TRP A . n 
A 1 40 LEU 40 120 120 LEU LEU A . n 
A 1 41 ALA 41 121 121 ALA ALA A . n 
A 1 42 ARG 42 122 122 ARG ARG A . n 
A 1 43 SER 43 123 123 SER SER A . n 
A 1 44 LEU 44 124 124 LEU LEU A . n 
A 1 45 THR 45 125 125 THR THR A . n 
A 1 46 THR 46 126 126 THR THR A . n 
A 1 47 GLY 47 127 127 GLY GLY A . n 
A 1 48 LYS 48 128 128 LYS LYS A . n 
A 1 49 THR 49 129 129 THR THR A . n 
A 1 50 GLY 50 130 130 GLY GLY A . n 
A 1 51 TYR 51 131 131 TYR TYR A . n 
A 1 52 ILE 52 132 132 ILE ILE A . n 
A 1 53 PRO 53 133 133 PRO PRO A . n 
A 1 54 SER 54 134 134 SER SER A . n 
A 1 55 ASN 55 135 135 ASN ASN A . n 
A 1 56 TYR 56 136 136 TYR TYR A . n 
A 1 57 VAL 57 137 137 VAL VAL A . n 
A 1 58 ALA 58 138 138 ALA ALA A . n 
A 1 59 PRO 59 139 139 PRO PRO A . n 
A 1 60 SER 60 140 140 SER SER A . n 
A 1 61 ASP 61 141 141 ASP ASP A . n 
# 
loop_
_pdbx_branch_scheme.asym_id 
_pdbx_branch_scheme.entity_id 
_pdbx_branch_scheme.mon_id 
_pdbx_branch_scheme.num 
_pdbx_branch_scheme.pdb_asym_id 
_pdbx_branch_scheme.pdb_mon_id 
_pdbx_branch_scheme.pdb_seq_num 
_pdbx_branch_scheme.auth_asym_id 
_pdbx_branch_scheme.auth_mon_id 
_pdbx_branch_scheme.auth_seq_num 
_pdbx_branch_scheme.hetero 
B 2 ZB1 1 B ZB1 1 B QKH 1 n 
B 2 GLC 2 B GLC 2 B QKH 1 n 
B 2 GLC 3 B GLC 3 B QKH 1 n 
B 2 ZB2 4 B ZB2 4 B QKH 1 n 
B 2 ZB3 5 B ZB3 5 B QKH 1 n 
B 2 ZB2 6 B ZB2 6 B QKH 1 n 
B 2 ZB0 7 B ZB0 7 B QKH 1 n 
# 
loop_
_pdbx_nonpoly_scheme.asym_id 
_pdbx_nonpoly_scheme.entity_id 
_pdbx_nonpoly_scheme.mon_id 
_pdbx_nonpoly_scheme.ndb_seq_num 
_pdbx_nonpoly_scheme.pdb_seq_num 
_pdbx_nonpoly_scheme.auth_seq_num 
_pdbx_nonpoly_scheme.pdb_mon_id 
_pdbx_nonpoly_scheme.auth_mon_id 
_pdbx_nonpoly_scheme.pdb_strand_id 
_pdbx_nonpoly_scheme.pdb_ins_code 
C 3 CU  1  201 1  CU  CU  A . 
D 4 HOH 1  301 10 HOH HOH A . 
D 4 HOH 2  302 12 HOH HOH A . 
D 4 HOH 3  303 40 HOH HOH A . 
D 4 HOH 4  304 41 HOH HOH A . 
D 4 HOH 5  305 28 HOH HOH A . 
D 4 HOH 6  306 5  HOH HOH A . 
D 4 HOH 7  307 9  HOH HOH A . 
D 4 HOH 8  308 21 HOH HOH A . 
D 4 HOH 9  309 33 HOH HOH A . 
D 4 HOH 10 310 3  HOH HOH A . 
D 4 HOH 11 311 1  HOH HOH A . 
D 4 HOH 12 312 25 HOH HOH A . 
D 4 HOH 13 313 11 HOH HOH A . 
D 4 HOH 14 314 16 HOH HOH A . 
D 4 HOH 15 315 6  HOH HOH A . 
D 4 HOH 16 316 2  HOH HOH A . 
D 4 HOH 17 317 19 HOH HOH A . 
D 4 HOH 18 318 13 HOH HOH A . 
D 4 HOH 19 319 7  HOH HOH A . 
D 4 HOH 20 320 30 HOH HOH A . 
D 4 HOH 21 321 29 HOH HOH A . 
D 4 HOH 22 322 15 HOH HOH A . 
D 4 HOH 23 323 37 HOH HOH A . 
D 4 HOH 24 324 39 HOH HOH A . 
D 4 HOH 25 325 26 HOH HOH A . 
D 4 HOH 26 326 36 HOH HOH A . 
D 4 HOH 27 327 34 HOH HOH A . 
D 4 HOH 28 328 35 HOH HOH A . 
D 4 HOH 29 329 14 HOH HOH A . 
D 4 HOH 30 330 17 HOH HOH A . 
D 4 HOH 31 331 4  HOH HOH A . 
D 4 HOH 32 332 32 HOH HOH A . 
D 4 HOH 33 333 8  HOH HOH A . 
D 4 HOH 34 334 24 HOH HOH A . 
D 4 HOH 35 335 27 HOH HOH A . 
D 4 HOH 36 336 23 HOH HOH A . 
D 4 HOH 37 337 18 HOH HOH A . 
D 4 HOH 38 338 31 HOH HOH A . 
D 4 HOH 39 339 22 HOH HOH A . 
D 4 HOH 40 340 38 HOH HOH A . 
# 
loop_
_pdbx_unobs_or_zero_occ_atoms.id 
_pdbx_unobs_or_zero_occ_atoms.PDB_model_num 
_pdbx_unobs_or_zero_occ_atoms.polymer_flag 
_pdbx_unobs_or_zero_occ_atoms.occupancy_flag 
_pdbx_unobs_or_zero_occ_atoms.auth_asym_id 
_pdbx_unobs_or_zero_occ_atoms.auth_comp_id 
_pdbx_unobs_or_zero_occ_atoms.auth_seq_id 
_pdbx_unobs_or_zero_occ_atoms.PDB_ins_code 
_pdbx_unobs_or_zero_occ_atoms.auth_atom_id 
_pdbx_unobs_or_zero_occ_atoms.label_alt_id 
_pdbx_unobs_or_zero_occ_atoms.label_asym_id 
_pdbx_unobs_or_zero_occ_atoms.label_comp_id 
_pdbx_unobs_or_zero_occ_atoms.label_seq_id 
_pdbx_unobs_or_zero_occ_atoms.label_atom_id 
1  1 Y 1 A SER 82  ? OG  ? A SER 2  OG  
2  1 Y 1 A GLU 93  ? CG  ? A GLU 13 CG  
3  1 Y 1 A GLU 93  ? CD  ? A GLU 13 CD  
4  1 Y 1 A GLU 93  ? OE1 ? A GLU 13 OE1 
5  1 Y 1 A GLU 93  ? OE2 ? A GLU 13 OE2 
6  1 Y 1 A GLU 97  ? CG  ? A GLU 17 CG  
7  1 Y 1 A GLU 97  ? CD  ? A GLU 17 CD  
8  1 Y 1 A GLU 97  ? OE1 ? A GLU 17 OE1 
9  1 Y 1 A GLU 97  ? OE2 ? A GLU 17 OE2 
10 1 Y 1 A LYS 103 ? CG  ? A LYS 23 CG  
11 1 Y 1 A LYS 103 ? CD  ? A LYS 23 CD  
12 1 Y 1 A LYS 103 ? CE  ? A LYS 23 CE  
13 1 Y 1 A LYS 103 ? NZ  ? A LYS 23 NZ  
14 1 Y 1 A ASP 141 ? CG  ? A ASP 61 CG  
15 1 Y 1 A ASP 141 ? OD1 ? A ASP 61 OD1 
16 1 Y 1 A ASP 141 ? OD2 ? A ASP 61 OD2 
# 
loop_
_software.citation_id 
_software.classification 
_software.compiler_name 
_software.compiler_version 
_software.contact_author 
_software.contact_author_email 
_software.date 
_software.description 
_software.dependencies 
_software.hardware 
_software.language 
_software.location 
_software.mods 
_software.name 
_software.os 
_software.os_version 
_software.type 
_software.version 
_software.pdbx_ordinal 
? refinement        ? ? ? ? ? ? ? ? ? ? ? PHENIX      ? ? ? 1.17.1 1 
? 'data reduction'  ? ? ? ? ? ? ? ? ? ? ? XDS         ? ? ? .      2 
? 'data scaling'    ? ? ? ? ? ? ? ? ? ? ? Aimless     ? ? ? 0.2.8  3 
? 'data extraction' ? ? ? ? ? ? ? ? ? ? ? PDB_EXTRACT ? ? ? 3.25   4 
? phasing           ? ? ? ? ? ? ? ? ? ? ? PHASER      ? ? ? .      5 
# 
_cell.angle_alpha                  90.000 
_cell.angle_alpha_esd              ? 
_cell.angle_beta                   90.000 
_cell.angle_beta_esd               ? 
_cell.angle_gamma                  120.000 
_cell.angle_gamma_esd              ? 
_cell.entry_id                     6XX2 
_cell.details                      ? 
_cell.formula_units_Z              ? 
_cell.length_a                     35.606 
_cell.length_a_esd                 ? 
_cell.length_b                     35.606 
_cell.length_b_esd                 ? 
_cell.length_c                     81.228 
_cell.length_c_esd                 ? 
_cell.volume                       ? 
_cell.volume_esd                   ? 
_cell.Z_PDB                        6 
_cell.reciprocal_angle_alpha       ? 
_cell.reciprocal_angle_beta        ? 
_cell.reciprocal_angle_gamma       ? 
_cell.reciprocal_angle_alpha_esd   ? 
_cell.reciprocal_angle_beta_esd    ? 
_cell.reciprocal_angle_gamma_esd   ? 
_cell.reciprocal_length_a          ? 
_cell.reciprocal_length_b          ? 
_cell.reciprocal_length_c          ? 
_cell.reciprocal_length_a_esd      ? 
_cell.reciprocal_length_b_esd      ? 
_cell.reciprocal_length_c_esd      ? 
_cell.pdbx_unique_axis             ? 
# 
_symmetry.entry_id                         6XX2 
_symmetry.cell_setting                     ? 
_symmetry.Int_Tables_number                152 
_symmetry.space_group_name_Hall            ? 
_symmetry.space_group_name_H-M             'P 31 2 1' 
_symmetry.pdbx_full_space_group_name_H-M   ? 
# 
_exptl.absorpt_coefficient_mu     ? 
_exptl.absorpt_correction_T_max   ? 
_exptl.absorpt_correction_T_min   ? 
_exptl.absorpt_correction_type    ? 
_exptl.absorpt_process_details    ? 
_exptl.entry_id                   6XX2 
_exptl.crystals_number            1 
_exptl.details                    ? 
_exptl.method                     'X-RAY DIFFRACTION' 
_exptl.method_details             ? 
# 
_exptl_crystal.colour                      ? 
_exptl_crystal.density_diffrn              ? 
_exptl_crystal.density_Matthews            2.15 
_exptl_crystal.density_method              ? 
_exptl_crystal.density_percent_sol         42.69 
_exptl_crystal.description                 ? 
_exptl_crystal.F_000                       ? 
_exptl_crystal.id                          1 
_exptl_crystal.preparation                 ? 
_exptl_crystal.size_max                    ? 
_exptl_crystal.size_mid                    ? 
_exptl_crystal.size_min                    ? 
_exptl_crystal.size_rad                    ? 
_exptl_crystal.colour_lustre               ? 
_exptl_crystal.colour_modifier             ? 
_exptl_crystal.colour_primary              ? 
_exptl_crystal.density_meas                ? 
_exptl_crystal.density_meas_esd            ? 
_exptl_crystal.density_meas_gt             ? 
_exptl_crystal.density_meas_lt             ? 
_exptl_crystal.density_meas_temp           ? 
_exptl_crystal.density_meas_temp_esd       ? 
_exptl_crystal.density_meas_temp_gt        ? 
_exptl_crystal.density_meas_temp_lt        ? 
_exptl_crystal.pdbx_crystal_image_url      ? 
_exptl_crystal.pdbx_crystal_image_format   ? 
_exptl_crystal.pdbx_mosaicity              0.150 
_exptl_crystal.pdbx_mosaicity_esd          ? 
# 
_exptl_crystal_grow.apparatus       ? 
_exptl_crystal_grow.atmosphere      ? 
_exptl_crystal_grow.crystal_id      1 
_exptl_crystal_grow.details         ? 
_exptl_crystal_grow.method          'VAPOR DIFFUSION, SITTING DROP' 
_exptl_crystal_grow.method_ref      ? 
_exptl_crystal_grow.pH              7.5 
_exptl_crystal_grow.pressure        ? 
_exptl_crystal_grow.pressure_esd    ? 
_exptl_crystal_grow.seeding         ? 
_exptl_crystal_grow.seeding_ref     ? 
_exptl_crystal_grow.temp            298 
_exptl_crystal_grow.temp_details    ? 
_exptl_crystal_grow.temp_esd        ? 
_exptl_crystal_grow.time            ? 
_exptl_crystal_grow.pdbx_details    '1.9 M ammonium sulfate, 0.1 HEPES, 5 mM copper chloride, 5 mM methyl beta-cyclodextrin' 
_exptl_crystal_grow.pdbx_pH_range   ? 
# 
_diffrn.ambient_environment              ? 
_diffrn.ambient_temp                     100 
_diffrn.ambient_temp_details             ? 
_diffrn.ambient_temp_esd                 ? 
_diffrn.crystal_id                       1 
_diffrn.crystal_support                  ? 
_diffrn.crystal_treatment                ? 
_diffrn.details                          ? 
_diffrn.id                               1 
_diffrn.ambient_pressure                 ? 
_diffrn.ambient_pressure_esd             ? 
_diffrn.ambient_pressure_gt              ? 
_diffrn.ambient_pressure_lt              ? 
_diffrn.ambient_temp_gt                  ? 
_diffrn.ambient_temp_lt                  ? 
_diffrn.pdbx_serial_crystal_experiment   N 
# 
_diffrn_detector.details                      ? 
_diffrn_detector.detector                     PIXEL 
_diffrn_detector.diffrn_id                    1 
_diffrn_detector.type                         'DECTRIS PILATUS 6M' 
_diffrn_detector.area_resol_mean              ? 
_diffrn_detector.dtime                        ? 
_diffrn_detector.pdbx_frames_total            ? 
_diffrn_detector.pdbx_collection_time_total   ? 
_diffrn_detector.pdbx_collection_date         2013-07-13 
_diffrn_detector.pdbx_frequency               ? 
# 
_diffrn_radiation.collimation                      ? 
_diffrn_radiation.diffrn_id                        1 
_diffrn_radiation.filter_edge                      ? 
_diffrn_radiation.inhomogeneity                    ? 
_diffrn_radiation.monochromator                    ? 
_diffrn_radiation.polarisn_norm                    ? 
_diffrn_radiation.polarisn_ratio                   ? 
_diffrn_radiation.probe                            ? 
_diffrn_radiation.type                             ? 
_diffrn_radiation.xray_symbol                      ? 
_diffrn_radiation.wavelength_id                    1 
_diffrn_radiation.pdbx_monochromatic_or_laue_m_l   M 
_diffrn_radiation.pdbx_wavelength_list             ? 
_diffrn_radiation.pdbx_wavelength                  ? 
_diffrn_radiation.pdbx_diffrn_protocol             'SINGLE WAVELENGTH' 
_diffrn_radiation.pdbx_analyzer                    ? 
_diffrn_radiation.pdbx_scattering_type             x-ray 
# 
_diffrn_radiation_wavelength.id           1 
_diffrn_radiation_wavelength.wavelength   0.97949 
_diffrn_radiation_wavelength.wt           1.0 
# 
_diffrn_source.current                     ? 
_diffrn_source.details                     ? 
_diffrn_source.diffrn_id                   1 
_diffrn_source.power                       ? 
_diffrn_source.size                        ? 
_diffrn_source.source                      SYNCHROTRON 
_diffrn_source.target                      ? 
_diffrn_source.type                        'ALBA BEAMLINE XALOC' 
_diffrn_source.voltage                     ? 
_diffrn_source.take-off_angle              ? 
_diffrn_source.pdbx_wavelength_list        0.97949 
_diffrn_source.pdbx_wavelength             ? 
_diffrn_source.pdbx_synchrotron_beamline   XALOC 
_diffrn_source.pdbx_synchrotron_site       ALBA 
# 
_reflns.B_iso_Wilson_estimate            ? 
_reflns.entry_id                         6XX2 
_reflns.data_reduction_details           ? 
_reflns.data_reduction_method            ? 
_reflns.d_resolution_high                1.250 
_reflns.d_resolution_low                 81.230 
_reflns.details                          ? 
_reflns.limit_h_max                      ? 
_reflns.limit_h_min                      ? 
_reflns.limit_k_max                      ? 
_reflns.limit_k_min                      ? 
_reflns.limit_l_max                      ? 
_reflns.limit_l_min                      ? 
_reflns.number_all                       ? 
_reflns.number_obs                       31902 
_reflns.observed_criterion               ? 
_reflns.observed_criterion_F_max         ? 
_reflns.observed_criterion_F_min         ? 
_reflns.observed_criterion_I_max         ? 
_reflns.observed_criterion_I_min         ? 
_reflns.observed_criterion_sigma_F       ? 
_reflns.observed_criterion_sigma_I       ? 
_reflns.percent_possible_obs             100.000 
_reflns.R_free_details                   ? 
_reflns.Rmerge_F_all                     ? 
_reflns.Rmerge_F_obs                     ? 
_reflns.Friedel_coverage                 ? 
_reflns.number_gt                        ? 
_reflns.threshold_expression             ? 
_reflns.pdbx_redundancy                  9.200 
_reflns.pdbx_Rmerge_I_obs                0.045 
_reflns.pdbx_Rmerge_I_all                ? 
_reflns.pdbx_Rsym_value                  ? 
_reflns.pdbx_netI_over_av_sigmaI         ? 
_reflns.pdbx_netI_over_sigmaI            28.900 
_reflns.pdbx_res_netI_over_av_sigmaI_2   ? 
_reflns.pdbx_res_netI_over_sigmaI_2      ? 
_reflns.pdbx_chi_squared                 ? 
_reflns.pdbx_scaling_rejects             ? 
_reflns.pdbx_d_res_high_opt              ? 
_reflns.pdbx_d_res_low_opt               ? 
_reflns.pdbx_d_res_opt_method            ? 
_reflns.phase_calculation_details        ? 
_reflns.pdbx_Rrim_I_all                  0.048 
_reflns.pdbx_Rpim_I_all                  0.016 
_reflns.pdbx_d_opt                       ? 
_reflns.pdbx_number_measured_all         ? 
_reflns.pdbx_diffrn_id                   1 
_reflns.pdbx_ordinal                     1 
_reflns.pdbx_CC_half                     0.999 
_reflns.pdbx_CC_star                     ? 
_reflns.pdbx_R_split                     ? 
# 
loop_
_reflns_shell.d_res_high 
_reflns_shell.d_res_low 
_reflns_shell.meanI_over_sigI_all 
_reflns_shell.meanI_over_sigI_obs 
_reflns_shell.number_measured_all 
_reflns_shell.number_measured_obs 
_reflns_shell.number_possible 
_reflns_shell.number_unique_all 
_reflns_shell.number_unique_obs 
_reflns_shell.percent_possible_all 
_reflns_shell.percent_possible_obs 
_reflns_shell.Rmerge_F_all 
_reflns_shell.Rmerge_F_obs 
_reflns_shell.Rmerge_I_all 
_reflns_shell.Rmerge_I_obs 
_reflns_shell.meanI_over_sigI_gt 
_reflns_shell.meanI_over_uI_all 
_reflns_shell.meanI_over_uI_gt 
_reflns_shell.number_measured_gt 
_reflns_shell.number_unique_gt 
_reflns_shell.percent_possible_gt 
_reflns_shell.Rmerge_F_gt 
_reflns_shell.Rmerge_I_gt 
_reflns_shell.pdbx_redundancy 
_reflns_shell.pdbx_Rsym_value 
_reflns_shell.pdbx_chi_squared 
_reflns_shell.pdbx_netI_over_sigmaI_all 
_reflns_shell.pdbx_netI_over_sigmaI_obs 
_reflns_shell.pdbx_Rrim_I_all 
_reflns_shell.pdbx_Rpim_I_all 
_reflns_shell.pdbx_rejects 
_reflns_shell.pdbx_ordinal 
_reflns_shell.pdbx_diffrn_id 
_reflns_shell.pdbx_CC_half 
_reflns_shell.pdbx_CC_star 
_reflns_shell.pdbx_R_split 
1.250 1.270  ? ? 6905 ? ? ? 863 100.000 ? ? ? ? 0.610 ? ? ? ? ? ? ? ? 8.000 ? ? ? 3.400  0.652 0.229 ? 1 1 0.934 ? ? 
6.850 81.230 ? ? 826  ? ? ? 136 97.500  ? ? ? ? 0.061 ? ? ? ? ? ? ? ? 6.100 ? ? ? 47.700 0.067 0.028 ? 2 1 0.992 ? ? 
# 
_refine.aniso_B[1][1]                            ? 
_refine.aniso_B[1][2]                            ? 
_refine.aniso_B[1][3]                            ? 
_refine.aniso_B[2][2]                            ? 
_refine.aniso_B[2][3]                            ? 
_refine.aniso_B[3][3]                            ? 
_refine.B_iso_max                                67.700 
_refine.B_iso_mean                               26.4952 
_refine.B_iso_min                                13.810 
_refine.correlation_coeff_Fo_to_Fc               ? 
_refine.correlation_coeff_Fo_to_Fc_free          ? 
_refine.details                                  ? 
_refine.diff_density_max                         ? 
_refine.diff_density_max_esd                     ? 
_refine.diff_density_min                         ? 
_refine.diff_density_min_esd                     ? 
_refine.diff_density_rms                         ? 
_refine.diff_density_rms_esd                     ? 
_refine.entry_id                                 6XX2 
_refine.pdbx_refine_id                           'X-RAY DIFFRACTION' 
_refine.ls_abs_structure_details                 ? 
_refine.ls_abs_structure_Flack                   ? 
_refine.ls_abs_structure_Flack_esd               ? 
_refine.ls_abs_structure_Rogers                  ? 
_refine.ls_abs_structure_Rogers_esd              ? 
_refine.ls_d_res_high                            1.2500 
_refine.ls_d_res_low                             28.8300 
_refine.ls_extinction_coef                       ? 
_refine.ls_extinction_coef_esd                   ? 
_refine.ls_extinction_expression                 ? 
_refine.ls_extinction_method                     ? 
_refine.ls_goodness_of_fit_all                   ? 
_refine.ls_goodness_of_fit_all_esd               ? 
_refine.ls_goodness_of_fit_obs                   ? 
_refine.ls_goodness_of_fit_obs_esd               ? 
_refine.ls_hydrogen_treatment                    ? 
_refine.ls_matrix_type                           ? 
_refine.ls_number_constraints                    ? 
_refine.ls_number_parameters                     ? 
_refine.ls_number_reflns_all                     ? 
_refine.ls_number_reflns_obs                     31902 
_refine.ls_number_reflns_R_free                  1603 
_refine.ls_number_reflns_R_work                  ? 
_refine.ls_number_restraints                     ? 
_refine.ls_percent_reflns_obs                    99.9800 
_refine.ls_percent_reflns_R_free                 5.0200 
_refine.ls_R_factor_all                          ? 
_refine.ls_R_factor_obs                          0.1799 
_refine.ls_R_factor_R_free                       0.2067 
_refine.ls_R_factor_R_free_error                 ? 
_refine.ls_R_factor_R_free_error_details         ? 
_refine.ls_R_factor_R_work                       0.1785 
_refine.ls_R_Fsqd_factor_obs                     ? 
_refine.ls_R_I_factor_obs                        ? 
_refine.ls_redundancy_reflns_all                 ? 
_refine.ls_redundancy_reflns_obs                 ? 
_refine.ls_restrained_S_all                      ? 
_refine.ls_restrained_S_obs                      ? 
_refine.ls_shift_over_esd_max                    ? 
_refine.ls_shift_over_esd_mean                   ? 
_refine.ls_structure_factor_coef                 ? 
_refine.ls_weighting_details                     ? 
_refine.ls_weighting_scheme                      ? 
_refine.ls_wR_factor_all                         ? 
_refine.ls_wR_factor_obs                         ? 
_refine.ls_wR_factor_R_free                      ? 
_refine.ls_wR_factor_R_work                      ? 
_refine.occupancy_max                            ? 
_refine.occupancy_min                            ? 
_refine.solvent_model_details                    ? 
_refine.solvent_model_param_bsol                 ? 
_refine.solvent_model_param_ksol                 ? 
_refine.pdbx_R_complete                          ? 
_refine.ls_R_factor_gt                           ? 
_refine.ls_goodness_of_fit_gt                    ? 
_refine.ls_goodness_of_fit_ref                   ? 
_refine.ls_shift_over_su_max                     ? 
_refine.ls_shift_over_su_max_lt                  ? 
_refine.ls_shift_over_su_mean                    ? 
_refine.ls_shift_over_su_mean_lt                 ? 
_refine.pdbx_ls_sigma_I                          ? 
_refine.pdbx_ls_sigma_F                          0.040 
_refine.pdbx_ls_sigma_Fsqd                       ? 
_refine.pdbx_data_cutoff_high_absF               ? 
_refine.pdbx_data_cutoff_high_rms_absF           ? 
_refine.pdbx_data_cutoff_low_absF                ? 
_refine.pdbx_isotropic_thermal_model             ? 
_refine.pdbx_ls_cross_valid_method               THROUGHOUT 
_refine.pdbx_method_to_determine_struct          'MOLECULAR REPLACEMENT' 
_refine.pdbx_starting_model                      4JZ4 
_refine.pdbx_stereochemistry_target_values       ? 
_refine.pdbx_R_Free_selection_details            ? 
_refine.pdbx_stereochem_target_val_spec_case     ? 
_refine.pdbx_overall_ESU_R                       ? 
_refine.pdbx_overall_ESU_R_Free                  ? 
_refine.pdbx_solvent_vdw_probe_radii             1.1100 
_refine.pdbx_solvent_ion_probe_radii             ? 
_refine.pdbx_solvent_shrinkage_radii             0.9000 
_refine.pdbx_real_space_R                        ? 
_refine.pdbx_density_correlation                 ? 
_refine.pdbx_pd_number_of_powder_patterns        ? 
_refine.pdbx_pd_number_of_points                 ? 
_refine.pdbx_pd_meas_number_of_points            ? 
_refine.pdbx_pd_proc_ls_prof_R_factor            ? 
_refine.pdbx_pd_proc_ls_prof_wR_factor           ? 
_refine.pdbx_pd_Marquardt_correlation_coeff      ? 
_refine.pdbx_pd_Fsqrd_R_factor                   ? 
_refine.pdbx_pd_ls_matrix_band_width             ? 
_refine.pdbx_overall_phase_error                 20.5500 
_refine.pdbx_overall_SU_R_free_Cruickshank_DPI   ? 
_refine.pdbx_overall_SU_R_free_Blow_DPI          ? 
_refine.pdbx_overall_SU_R_Blow_DPI               ? 
_refine.pdbx_TLS_residual_ADP_flag               ? 
_refine.pdbx_diffrn_id                           1 
_refine.overall_SU_B                             ? 
_refine.overall_SU_ML                            0.1300 
_refine.overall_SU_R_Cruickshank_DPI             ? 
_refine.overall_SU_R_free                        ? 
_refine.overall_FOM_free_R_set                   ? 
_refine.overall_FOM_work_R_set                   ? 
_refine.pdbx_average_fsc_overall                 ? 
_refine.pdbx_average_fsc_work                    ? 
_refine.pdbx_average_fsc_free                    ? 
# 
_refine_hist.pdbx_refine_id                   'X-RAY DIFFRACTION' 
_refine_hist.cycle_id                         final 
_refine_hist.details                          ? 
_refine_hist.d_res_high                       1.2500 
_refine_hist.d_res_low                        28.8300 
_refine_hist.number_atoms_solvent             40 
_refine_hist.number_atoms_total               646 
_refine_hist.number_reflns_all                ? 
_refine_hist.number_reflns_obs                ? 
_refine_hist.number_reflns_R_free             ? 
_refine_hist.number_reflns_R_work             ? 
_refine_hist.R_factor_all                     ? 
_refine_hist.R_factor_obs                     ? 
_refine_hist.R_factor_R_free                  ? 
_refine_hist.R_factor_R_work                  ? 
_refine_hist.pdbx_number_residues_total       56 
_refine_hist.pdbx_B_iso_mean_ligand           32.12 
_refine_hist.pdbx_B_iso_mean_solvent          34.39 
_refine_hist.pdbx_number_atoms_protein        437 
_refine_hist.pdbx_number_atoms_nucleic_acid   0 
_refine_hist.pdbx_number_atoms_ligand         169 
_refine_hist.pdbx_number_atoms_lipid          ? 
_refine_hist.pdbx_number_atoms_carb           ? 
_refine_hist.pdbx_pseudo_atom_details         ? 
# 
loop_
_refine_ls_shell.pdbx_refine_id 
_refine_ls_shell.d_res_high 
_refine_ls_shell.d_res_low 
_refine_ls_shell.number_reflns_all 
_refine_ls_shell.number_reflns_obs 
_refine_ls_shell.number_reflns_R_free 
_refine_ls_shell.number_reflns_R_work 
_refine_ls_shell.percent_reflns_obs 
_refine_ls_shell.percent_reflns_R_free 
_refine_ls_shell.R_factor_all 
_refine_ls_shell.R_factor_obs 
_refine_ls_shell.R_factor_R_free 
_refine_ls_shell.R_factor_R_free_error 
_refine_ls_shell.R_factor_R_work 
_refine_ls_shell.redundancy_reflns_all 
_refine_ls_shell.redundancy_reflns_obs 
_refine_ls_shell.wR_factor_all 
_refine_ls_shell.wR_factor_obs 
_refine_ls_shell.wR_factor_R_free 
_refine_ls_shell.wR_factor_R_work 
_refine_ls_shell.pdbx_R_complete 
_refine_ls_shell.pdbx_total_number_of_bins_used 
_refine_ls_shell.pdbx_phase_error 
_refine_ls_shell.pdbx_fsc_work 
_refine_ls_shell.pdbx_fsc_free 
'X-RAY DIFFRACTION' 1.2500 1.2900  2901 . 148 2753 100.0000 . . . 0.2237 0.0000 0.2233 . . . . . . . 11 . . . 
'X-RAY DIFFRACTION' 1.2900 1.3400  2908 . 147 2761 100.0000 . . . 0.2700 0.0000 0.2069 . . . . . . . 11 . . . 
'X-RAY DIFFRACTION' 1.3400 1.3900  2899 . 139 2760 100.0000 . . . 0.2338 0.0000 0.1913 . . . . . . . 11 . . . 
'X-RAY DIFFRACTION' 1.3900 1.4500  2885 . 149 2736 100.0000 . . . 0.2234 0.0000 0.1754 . . . . . . . 11 . . . 
'X-RAY DIFFRACTION' 1.4500 1.5300  2900 . 151 2749 100.0000 . . . 0.1873 0.0000 0.1704 . . . . . . . 11 . . . 
'X-RAY DIFFRACTION' 1.5300 1.6300  2917 . 152 2765 100.0000 . . . 0.2521 0.0000 0.1650 . . . . . . . 11 . . . 
'X-RAY DIFFRACTION' 1.6300 1.7500  2888 . 144 2744 100.0000 . . . 0.2063 0.0000 0.1533 . . . . . . . 11 . . . 
'X-RAY DIFFRACTION' 1.7500 1.9300  2907 . 145 2762 100.0000 . . . 0.1996 0.0000 0.1530 . . . . . . . 11 . . . 
'X-RAY DIFFRACTION' 1.9300 2.2100  2922 . 143 2779 100.0000 . . . 0.1557 0.0000 0.1522 . . . . . . . 11 . . . 
'X-RAY DIFFRACTION' 2.2100 2.7800  2885 . 157 2728 100.0000 . . . 0.2176 0.0000 0.1938 . . . . . . . 11 . . . 
'X-RAY DIFFRACTION' 2.7800 28.8300 2890 . 128 2762 100.0000 . . . 0.2115 0.0000 0.1871 . . . . . . . 11 . . . 
# 
_struct.entry_id                     6XX2 
_struct.title                        
;Crystal structure of the c-Src SH3 domain H122R-Q128K mutant in complex with Cu(II) at pH 7.5 co-crystallized with methyl beta-cyclodextrin
;
_struct.pdbx_model_details           'ATCUN site' 
_struct.pdbx_formula_weight          ? 
_struct.pdbx_formula_weight_method   ? 
_struct.pdbx_model_type_details      ? 
_struct.pdbx_CASP_flag               N 
# 
_struct_keywords.entry_id        6XX2 
_struct_keywords.text            'beta barrel, SH3 domain, PROTEIN BINDING' 
_struct_keywords.pdbx_keywords   'PROTEIN BINDING' 
# 
loop_
_struct_asym.id 
_struct_asym.pdbx_blank_PDB_chainid_flag 
_struct_asym.pdbx_modified 
_struct_asym.entity_id 
_struct_asym.details 
A N N 1 ? 
B N N 2 ? 
C N N 3 ? 
D N N 4 ? 
# 
_struct_ref.id                         1 
_struct_ref.db_name                    UNP 
_struct_ref.db_code                    SRC_CHICK 
_struct_ref.pdbx_db_accession          P00523 
_struct_ref.pdbx_db_isoform            ? 
_struct_ref.entity_id                  1 
_struct_ref.pdbx_seq_one_letter_code   TFVALYDYESRTETDLSFKKGERLQIVNNTEGDWWLAHSLTTGQTGYIPSNYVAPSD 
_struct_ref.pdbx_align_begin           85 
# 
_struct_ref_seq.align_id                      1 
_struct_ref_seq.ref_id                        1 
_struct_ref_seq.pdbx_PDB_id_code              6XX2 
_struct_ref_seq.pdbx_strand_id                A 
_struct_ref_seq.seq_align_beg                 5 
_struct_ref_seq.pdbx_seq_align_beg_ins_code   ? 
_struct_ref_seq.seq_align_end                 61 
_struct_ref_seq.pdbx_seq_align_end_ins_code   ? 
_struct_ref_seq.pdbx_db_accession             P00523 
_struct_ref_seq.db_align_beg                  85 
_struct_ref_seq.pdbx_db_align_beg_ins_code    ? 
_struct_ref_seq.db_align_end                  141 
_struct_ref_seq.pdbx_db_align_end_ins_code    ? 
_struct_ref_seq.pdbx_auth_seq_align_beg       85 
_struct_ref_seq.pdbx_auth_seq_align_end       141 
# 
loop_
_struct_ref_seq_dif.align_id 
_struct_ref_seq_dif.pdbx_pdb_id_code 
_struct_ref_seq_dif.mon_id 
_struct_ref_seq_dif.pdbx_pdb_strand_id 
_struct_ref_seq_dif.seq_num 
_struct_ref_seq_dif.pdbx_pdb_ins_code 
_struct_ref_seq_dif.pdbx_seq_db_name 
_struct_ref_seq_dif.pdbx_seq_db_accession_code 
_struct_ref_seq_dif.db_mon_id 
_struct_ref_seq_dif.pdbx_seq_db_seq_num 
_struct_ref_seq_dif.details 
_struct_ref_seq_dif.pdbx_auth_seq_num 
_struct_ref_seq_dif.pdbx_ordinal 
1 6XX2 GLY A 1  ? UNP P00523 ?   ?   'expression tag'      81  1 
1 6XX2 SER A 2  ? UNP P00523 ?   ?   'expression tag'      82  2 
1 6XX2 HIS A 3  ? UNP P00523 ?   ?   'expression tag'      83  3 
1 6XX2 MET A 4  ? UNP P00523 ?   ?   'expression tag'      84  4 
1 6XX2 ARG A 42 ? UNP P00523 HIS 122 'engineered mutation' 122 5 
1 6XX2 LYS A 48 ? UNP P00523 GLN 128 'engineered mutation' 128 6 
# 
_pdbx_struct_assembly.id                   1 
_pdbx_struct_assembly.details              author_and_software_defined_assembly 
_pdbx_struct_assembly.method_details       PISA 
_pdbx_struct_assembly.oligomeric_details   monomeric 
_pdbx_struct_assembly.oligomeric_count     1 
# 
loop_
_pdbx_struct_assembly_prop.biol_id 
_pdbx_struct_assembly_prop.type 
_pdbx_struct_assembly_prop.value 
_pdbx_struct_assembly_prop.details 
1 'ABSA (A^2)' 270  ? 
1 MORE         -11  ? 
1 'SSA (A^2)'  4740 ? 
# 
_pdbx_struct_assembly_gen.assembly_id       1 
_pdbx_struct_assembly_gen.oper_expression   1 
_pdbx_struct_assembly_gen.asym_id_list      A,B,C,D 
# 
_pdbx_struct_assembly_auth_evidence.id                     1 
_pdbx_struct_assembly_auth_evidence.assembly_id            1 
_pdbx_struct_assembly_auth_evidence.experimental_support   'light scattering' 
_pdbx_struct_assembly_auth_evidence.details                ? 
# 
_pdbx_struct_oper_list.id                   1 
_pdbx_struct_oper_list.type                 'identity operation' 
_pdbx_struct_oper_list.name                 1_555 
_pdbx_struct_oper_list.symmetry_operation   x,y,z 
_pdbx_struct_oper_list.matrix[1][1]         1.0000000000 
_pdbx_struct_oper_list.matrix[1][2]         0.0000000000 
_pdbx_struct_oper_list.matrix[1][3]         0.0000000000 
_pdbx_struct_oper_list.vector[1]            0.0000000000 
_pdbx_struct_oper_list.matrix[2][1]         0.0000000000 
_pdbx_struct_oper_list.matrix[2][2]         1.0000000000 
_pdbx_struct_oper_list.matrix[2][3]         0.0000000000 
_pdbx_struct_oper_list.vector[2]            0.0000000000 
_pdbx_struct_oper_list.matrix[3][1]         0.0000000000 
_pdbx_struct_oper_list.matrix[3][2]         0.0000000000 
_pdbx_struct_oper_list.matrix[3][3]         1.0000000000 
_pdbx_struct_oper_list.vector[3]            0.0000000000 
# 
loop_
_struct_conn.id 
_struct_conn.conn_type_id 
_struct_conn.pdbx_leaving_atom_flag 
_struct_conn.pdbx_PDB_id 
_struct_conn.ptnr1_label_asym_id 
_struct_conn.ptnr1_label_comp_id 
_struct_conn.ptnr1_label_seq_id 
_struct_conn.ptnr1_label_atom_id 
_struct_conn.pdbx_ptnr1_label_alt_id 
_struct_conn.pdbx_ptnr1_PDB_ins_code 
_struct_conn.pdbx_ptnr1_standard_comp_id 
_struct_conn.ptnr1_symmetry 
_struct_conn.ptnr2_label_asym_id 
_struct_conn.ptnr2_label_comp_id 
_struct_conn.ptnr2_label_seq_id 
_struct_conn.ptnr2_label_atom_id 
_struct_conn.pdbx_ptnr2_label_alt_id 
_struct_conn.pdbx_ptnr2_PDB_ins_code 
_struct_conn.ptnr1_auth_asym_id 
_struct_conn.ptnr1_auth_comp_id 
_struct_conn.ptnr1_auth_seq_id 
_struct_conn.ptnr2_auth_asym_id 
_struct_conn.ptnr2_auth_comp_id 
_struct_conn.ptnr2_auth_seq_id 
_struct_conn.ptnr2_symmetry 
_struct_conn.pdbx_ptnr3_label_atom_id 
_struct_conn.pdbx_ptnr3_label_seq_id 
_struct_conn.pdbx_ptnr3_label_comp_id 
_struct_conn.pdbx_ptnr3_label_asym_id 
_struct_conn.pdbx_ptnr3_label_alt_id 
_struct_conn.pdbx_ptnr3_PDB_ins_code 
_struct_conn.details 
_struct_conn.pdbx_dist_value 
_struct_conn.pdbx_value_order 
_struct_conn.pdbx_role 
covale1 covale both ? B ZB1 . O4  ? ? ? 1_555 B GLC . C1 ? ? B ZB1 1  B GLC 2   1_555 ? ? ? ? ? ? ? 1.422 sing ? 
covale2 covale both ? B ZB1 . C1  ? ? ? 1_555 B ZB0 . O4 ? ? B ZB1 1  B ZB0 7   1_555 ? ? ? ? ? ? ? 1.430 sing ? 
covale3 covale both ? B GLC . O4  ? ? ? 1_555 B GLC . C1 ? ? B GLC 2  B GLC 3   1_555 ? ? ? ? ? ? ? 1.431 sing ? 
covale4 covale both ? B GLC . O4  ? ? ? 1_555 B ZB2 . C1 ? ? B GLC 3  B ZB2 4   1_555 ? ? ? ? ? ? ? 1.427 sing ? 
covale5 covale both ? B ZB2 . O4  ? ? ? 1_555 B ZB3 . C1 ? ? B ZB2 4  B ZB3 5   1_555 ? ? ? ? ? ? ? 1.427 sing ? 
covale6 covale both ? B ZB3 . O4  ? ? ? 1_555 B ZB2 . C1 ? ? B ZB3 5  B ZB2 6   1_555 ? ? ? ? ? ? ? 1.426 sing ? 
covale7 covale both ? B ZB2 . O4  ? ? ? 1_555 B ZB0 . C1 ? ? B ZB2 6  B ZB0 7   1_555 ? ? ? ? ? ? ? 1.438 sing ? 
metalc1 metalc ?    ? A SER 2 N   ? ? ? 1_555 C CU  . CU ? ? A SER 82 A CU  201 1_555 ? ? ? ? ? ? ? 2.045 ?    ? 
metalc2 metalc ?    ? A HIS 3 N   ? ? ? 1_555 C CU  . CU ? ? A HIS 83 A CU  201 1_555 ? ? ? ? ? ? ? 2.177 ?    ? 
metalc3 metalc ?    ? A HIS 3 ND1 ? ? ? 1_555 C CU  . CU ? ? A HIS 83 A CU  201 1_555 ? ? ? ? ? ? ? 1.825 ?    ? 
# 
loop_
_struct_conn_type.id 
_struct_conn_type.criteria 
_struct_conn_type.reference 
covale ? ? 
metalc ? ? 
# 
loop_
_pdbx_struct_conn_angle.id 
_pdbx_struct_conn_angle.ptnr1_label_atom_id 
_pdbx_struct_conn_angle.ptnr1_label_alt_id 
_pdbx_struct_conn_angle.ptnr1_label_asym_id 
_pdbx_struct_conn_angle.ptnr1_label_comp_id 
_pdbx_struct_conn_angle.ptnr1_label_seq_id 
_pdbx_struct_conn_angle.ptnr1_auth_atom_id 
_pdbx_struct_conn_angle.ptnr1_auth_asym_id 
_pdbx_struct_conn_angle.ptnr1_auth_comp_id 
_pdbx_struct_conn_angle.ptnr1_auth_seq_id 
_pdbx_struct_conn_angle.ptnr1_PDB_ins_code 
_pdbx_struct_conn_angle.ptnr1_symmetry 
_pdbx_struct_conn_angle.ptnr2_label_atom_id 
_pdbx_struct_conn_angle.ptnr2_label_alt_id 
_pdbx_struct_conn_angle.ptnr2_label_asym_id 
_pdbx_struct_conn_angle.ptnr2_label_comp_id 
_pdbx_struct_conn_angle.ptnr2_label_seq_id 
_pdbx_struct_conn_angle.ptnr2_auth_atom_id 
_pdbx_struct_conn_angle.ptnr2_auth_asym_id 
_pdbx_struct_conn_angle.ptnr2_auth_comp_id 
_pdbx_struct_conn_angle.ptnr2_auth_seq_id 
_pdbx_struct_conn_angle.ptnr2_PDB_ins_code 
_pdbx_struct_conn_angle.ptnr2_symmetry 
_pdbx_struct_conn_angle.ptnr3_label_atom_id 
_pdbx_struct_conn_angle.ptnr3_label_alt_id 
_pdbx_struct_conn_angle.ptnr3_label_asym_id 
_pdbx_struct_conn_angle.ptnr3_label_comp_id 
_pdbx_struct_conn_angle.ptnr3_label_seq_id 
_pdbx_struct_conn_angle.ptnr3_auth_atom_id 
_pdbx_struct_conn_angle.ptnr3_auth_asym_id 
_pdbx_struct_conn_angle.ptnr3_auth_comp_id 
_pdbx_struct_conn_angle.ptnr3_auth_seq_id 
_pdbx_struct_conn_angle.ptnr3_PDB_ins_code 
_pdbx_struct_conn_angle.ptnr3_symmetry 
_pdbx_struct_conn_angle.value 
_pdbx_struct_conn_angle.value_esd 
1 N ? A SER 2 ? A SER 82 ? 1_555 CU ? C CU . ? A CU 201 ? 1_555 N   ? A HIS 3 ? A HIS 83 ? 1_555 78.6  ? 
2 N ? A SER 2 ? A SER 82 ? 1_555 CU ? C CU . ? A CU 201 ? 1_555 ND1 ? A HIS 3 ? A HIS 83 ? 1_555 160.5 ? 
3 N ? A HIS 3 ? A HIS 83 ? 1_555 CU ? C CU . ? A CU 201 ? 1_555 ND1 ? A HIS 3 ? A HIS 83 ? 1_555 90.9  ? 
# 
_struct_sheet.id               AA1 
_struct_sheet.type             ? 
_struct_sheet.number_strands   5 
_struct_sheet.details          ? 
# 
loop_
_struct_sheet_order.sheet_id 
_struct_sheet_order.range_id_1 
_struct_sheet_order.range_id_2 
_struct_sheet_order.offset 
_struct_sheet_order.sense 
AA1 1 2 ? anti-parallel 
AA1 2 3 ? anti-parallel 
AA1 3 4 ? anti-parallel 
AA1 4 5 ? anti-parallel 
# 
loop_
_struct_sheet_range.sheet_id 
_struct_sheet_range.id 
_struct_sheet_range.beg_label_comp_id 
_struct_sheet_range.beg_label_asym_id 
_struct_sheet_range.beg_label_seq_id 
_struct_sheet_range.pdbx_beg_PDB_ins_code 
_struct_sheet_range.end_label_comp_id 
_struct_sheet_range.end_label_asym_id 
_struct_sheet_range.end_label_seq_id 
_struct_sheet_range.pdbx_end_PDB_ins_code 
_struct_sheet_range.beg_auth_comp_id 
_struct_sheet_range.beg_auth_asym_id 
_struct_sheet_range.beg_auth_seq_id 
_struct_sheet_range.end_auth_comp_id 
_struct_sheet_range.end_auth_asym_id 
_struct_sheet_range.end_auth_seq_id 
AA1 1 THR A 49 ? PRO A 53 ? THR A 129 PRO A 133 
AA1 2 TRP A 38 ? SER A 43 ? TRP A 118 SER A 123 
AA1 3 ARG A 27 ? ILE A 30 ? ARG A 107 ILE A 110 
AA1 4 THR A 5  ? ALA A 8  ? THR A 85  ALA A 88  
AA1 5 VAL A 57 ? PRO A 59 ? VAL A 137 PRO A 139 
# 
loop_
_pdbx_struct_sheet_hbond.sheet_id 
_pdbx_struct_sheet_hbond.range_id_1 
_pdbx_struct_sheet_hbond.range_id_2 
_pdbx_struct_sheet_hbond.range_1_label_atom_id 
_pdbx_struct_sheet_hbond.range_1_label_comp_id 
_pdbx_struct_sheet_hbond.range_1_label_asym_id 
_pdbx_struct_sheet_hbond.range_1_label_seq_id 
_pdbx_struct_sheet_hbond.range_1_PDB_ins_code 
_pdbx_struct_sheet_hbond.range_1_auth_atom_id 
_pdbx_struct_sheet_hbond.range_1_auth_comp_id 
_pdbx_struct_sheet_hbond.range_1_auth_asym_id 
_pdbx_struct_sheet_hbond.range_1_auth_seq_id 
_pdbx_struct_sheet_hbond.range_2_label_atom_id 
_pdbx_struct_sheet_hbond.range_2_label_comp_id 
_pdbx_struct_sheet_hbond.range_2_label_asym_id 
_pdbx_struct_sheet_hbond.range_2_label_seq_id 
_pdbx_struct_sheet_hbond.range_2_PDB_ins_code 
_pdbx_struct_sheet_hbond.range_2_auth_atom_id 
_pdbx_struct_sheet_hbond.range_2_auth_comp_id 
_pdbx_struct_sheet_hbond.range_2_auth_asym_id 
_pdbx_struct_sheet_hbond.range_2_auth_seq_id 
AA1 1 2 O GLY A 50 ? O GLY A 130 N ALA A 41 ? N ALA A 121 
AA1 2 3 O ARG A 42 ? O ARG A 122 N GLN A 29 ? N GLN A 109 
AA1 3 4 O LEU A 28 ? O LEU A 108 N PHE A 6  ? N PHE A 86  
AA1 4 5 N VAL A 7  ? N VAL A 87  O ALA A 58 ? O ALA A 138 
# 
_pdbx_molecule_features.prd_id    PRD_900086 
_pdbx_molecule_features.name      methyl-beta-cyclodextrin 
_pdbx_molecule_features.type      Oligosaccharide 
_pdbx_molecule_features.class     'Drug delivery' 
_pdbx_molecule_features.details   'cyclic oligosaccharide' 
# 
_pdbx_molecule.instance_id   1 
_pdbx_molecule.prd_id        PRD_900086 
_pdbx_molecule.asym_id       B 
# 
_pdbx_entry_details.entry_id                 6XX2 
_pdbx_entry_details.has_ligand_of_interest   Y 
_pdbx_entry_details.compound_details         ? 
_pdbx_entry_details.source_details           ? 
_pdbx_entry_details.nonpolymer_details       ? 
_pdbx_entry_details.sequence_details         ? 
# 
loop_
_pdbx_unobs_or_zero_occ_residues.id 
_pdbx_unobs_or_zero_occ_residues.PDB_model_num 
_pdbx_unobs_or_zero_occ_residues.polymer_flag 
_pdbx_unobs_or_zero_occ_residues.occupancy_flag 
_pdbx_unobs_or_zero_occ_residues.auth_asym_id 
_pdbx_unobs_or_zero_occ_residues.auth_comp_id 
_pdbx_unobs_or_zero_occ_residues.auth_seq_id 
_pdbx_unobs_or_zero_occ_residues.PDB_ins_code 
_pdbx_unobs_or_zero_occ_residues.label_asym_id 
_pdbx_unobs_or_zero_occ_residues.label_comp_id 
_pdbx_unobs_or_zero_occ_residues.label_seq_id 
1 1 Y 1 A GLY 81  ? A GLY 1  
2 1 Y 1 A ASN 112 ? A ASN 32 
3 1 Y 1 A ASN 113 ? A ASN 33 
4 1 Y 1 A THR 114 ? A THR 34 
5 1 Y 1 A GLU 115 ? A GLU 35 
# 
loop_
_chem_comp_atom.comp_id 
_chem_comp_atom.atom_id 
_chem_comp_atom.type_symbol 
_chem_comp_atom.pdbx_aromatic_flag 
_chem_comp_atom.pdbx_stereo_config 
_chem_comp_atom.pdbx_ordinal 
ALA N    N  N N 1   
ALA CA   C  N S 2   
ALA C    C  N N 3   
ALA O    O  N N 4   
ALA CB   C  N N 5   
ALA OXT  O  N N 6   
ALA H    H  N N 7   
ALA H2   H  N N 8   
ALA HA   H  N N 9   
ALA HB1  H  N N 10  
ALA HB2  H  N N 11  
ALA HB3  H  N N 12  
ALA HXT  H  N N 13  
ARG N    N  N N 14  
ARG CA   C  N S 15  
ARG C    C  N N 16  
ARG O    O  N N 17  
ARG CB   C  N N 18  
ARG CG   C  N N 19  
ARG CD   C  N N 20  
ARG NE   N  N N 21  
ARG CZ   C  N N 22  
ARG NH1  N  N N 23  
ARG NH2  N  N N 24  
ARG OXT  O  N N 25  
ARG H    H  N N 26  
ARG H2   H  N N 27  
ARG HA   H  N N 28  
ARG HB2  H  N N 29  
ARG HB3  H  N N 30  
ARG HG2  H  N N 31  
ARG HG3  H  N N 32  
ARG HD2  H  N N 33  
ARG HD3  H  N N 34  
ARG HE   H  N N 35  
ARG HH11 H  N N 36  
ARG HH12 H  N N 37  
ARG HH21 H  N N 38  
ARG HH22 H  N N 39  
ARG HXT  H  N N 40  
ASN N    N  N N 41  
ASN CA   C  N S 42  
ASN C    C  N N 43  
ASN O    O  N N 44  
ASN CB   C  N N 45  
ASN CG   C  N N 46  
ASN OD1  O  N N 47  
ASN ND2  N  N N 48  
ASN OXT  O  N N 49  
ASN H    H  N N 50  
ASN H2   H  N N 51  
ASN HA   H  N N 52  
ASN HB2  H  N N 53  
ASN HB3  H  N N 54  
ASN HD21 H  N N 55  
ASN HD22 H  N N 56  
ASN HXT  H  N N 57  
ASP N    N  N N 58  
ASP CA   C  N S 59  
ASP C    C  N N 60  
ASP O    O  N N 61  
ASP CB   C  N N 62  
ASP CG   C  N N 63  
ASP OD1  O  N N 64  
ASP OD2  O  N N 65  
ASP OXT  O  N N 66  
ASP H    H  N N 67  
ASP H2   H  N N 68  
ASP HA   H  N N 69  
ASP HB2  H  N N 70  
ASP HB3  H  N N 71  
ASP HD2  H  N N 72  
ASP HXT  H  N N 73  
CU  CU   CU N N 74  
GLC C1   C  N S 75  
GLC C2   C  N R 76  
GLC C3   C  N S 77  
GLC C4   C  N S 78  
GLC C5   C  N R 79  
GLC C6   C  N N 80  
GLC O1   O  N N 81  
GLC O2   O  N N 82  
GLC O3   O  N N 83  
GLC O4   O  N N 84  
GLC O5   O  N N 85  
GLC O6   O  N N 86  
GLC H1   H  N N 87  
GLC H2   H  N N 88  
GLC H3   H  N N 89  
GLC H4   H  N N 90  
GLC H5   H  N N 91  
GLC H61  H  N N 92  
GLC H62  H  N N 93  
GLC HO1  H  N N 94  
GLC HO2  H  N N 95  
GLC HO3  H  N N 96  
GLC HO4  H  N N 97  
GLC HO6  H  N N 98  
GLN N    N  N N 99  
GLN CA   C  N S 100 
GLN C    C  N N 101 
GLN O    O  N N 102 
GLN CB   C  N N 103 
GLN CG   C  N N 104 
GLN CD   C  N N 105 
GLN OE1  O  N N 106 
GLN NE2  N  N N 107 
GLN OXT  O  N N 108 
GLN H    H  N N 109 
GLN H2   H  N N 110 
GLN HA   H  N N 111 
GLN HB2  H  N N 112 
GLN HB3  H  N N 113 
GLN HG2  H  N N 114 
GLN HG3  H  N N 115 
GLN HE21 H  N N 116 
GLN HE22 H  N N 117 
GLN HXT  H  N N 118 
GLU N    N  N N 119 
GLU CA   C  N S 120 
GLU C    C  N N 121 
GLU O    O  N N 122 
GLU CB   C  N N 123 
GLU CG   C  N N 124 
GLU CD   C  N N 125 
GLU OE1  O  N N 126 
GLU OE2  O  N N 127 
GLU OXT  O  N N 128 
GLU H    H  N N 129 
GLU H2   H  N N 130 
GLU HA   H  N N 131 
GLU HB2  H  N N 132 
GLU HB3  H  N N 133 
GLU HG2  H  N N 134 
GLU HG3  H  N N 135 
GLU HE2  H  N N 136 
GLU HXT  H  N N 137 
GLY N    N  N N 138 
GLY CA   C  N N 139 
GLY C    C  N N 140 
GLY O    O  N N 141 
GLY OXT  O  N N 142 
GLY H    H  N N 143 
GLY H2   H  N N 144 
GLY HA2  H  N N 145 
GLY HA3  H  N N 146 
GLY HXT  H  N N 147 
HIS N    N  N N 148 
HIS CA   C  N S 149 
HIS C    C  N N 150 
HIS O    O  N N 151 
HIS CB   C  N N 152 
HIS CG   C  Y N 153 
HIS ND1  N  Y N 154 
HIS CD2  C  Y N 155 
HIS CE1  C  Y N 156 
HIS NE2  N  Y N 157 
HIS OXT  O  N N 158 
HIS H    H  N N 159 
HIS H2   H  N N 160 
HIS HA   H  N N 161 
HIS HB2  H  N N 162 
HIS HB3  H  N N 163 
HIS HD1  H  N N 164 
HIS HD2  H  N N 165 
HIS HE1  H  N N 166 
HIS HE2  H  N N 167 
HIS HXT  H  N N 168 
HOH O    O  N N 169 
HOH H1   H  N N 170 
HOH H2   H  N N 171 
ILE N    N  N N 172 
ILE CA   C  N S 173 
ILE C    C  N N 174 
ILE O    O  N N 175 
ILE CB   C  N S 176 
ILE CG1  C  N N 177 
ILE CG2  C  N N 178 
ILE CD1  C  N N 179 
ILE OXT  O  N N 180 
ILE H    H  N N 181 
ILE H2   H  N N 182 
ILE HA   H  N N 183 
ILE HB   H  N N 184 
ILE HG12 H  N N 185 
ILE HG13 H  N N 186 
ILE HG21 H  N N 187 
ILE HG22 H  N N 188 
ILE HG23 H  N N 189 
ILE HD11 H  N N 190 
ILE HD12 H  N N 191 
ILE HD13 H  N N 192 
ILE HXT  H  N N 193 
LEU N    N  N N 194 
LEU CA   C  N S 195 
LEU C    C  N N 196 
LEU O    O  N N 197 
LEU CB   C  N N 198 
LEU CG   C  N N 199 
LEU CD1  C  N N 200 
LEU CD2  C  N N 201 
LEU OXT  O  N N 202 
LEU H    H  N N 203 
LEU H2   H  N N 204 
LEU HA   H  N N 205 
LEU HB2  H  N N 206 
LEU HB3  H  N N 207 
LEU HG   H  N N 208 
LEU HD11 H  N N 209 
LEU HD12 H  N N 210 
LEU HD13 H  N N 211 
LEU HD21 H  N N 212 
LEU HD22 H  N N 213 
LEU HD23 H  N N 214 
LEU HXT  H  N N 215 
LYS N    N  N N 216 
LYS CA   C  N S 217 
LYS C    C  N N 218 
LYS O    O  N N 219 
LYS CB   C  N N 220 
LYS CG   C  N N 221 
LYS CD   C  N N 222 
LYS CE   C  N N 223 
LYS NZ   N  N N 224 
LYS OXT  O  N N 225 
LYS H    H  N N 226 
LYS H2   H  N N 227 
LYS HA   H  N N 228 
LYS HB2  H  N N 229 
LYS HB3  H  N N 230 
LYS HG2  H  N N 231 
LYS HG3  H  N N 232 
LYS HD2  H  N N 233 
LYS HD3  H  N N 234 
LYS HE2  H  N N 235 
LYS HE3  H  N N 236 
LYS HZ1  H  N N 237 
LYS HZ2  H  N N 238 
LYS HZ3  H  N N 239 
LYS HXT  H  N N 240 
MET N    N  N N 241 
MET CA   C  N S 242 
MET C    C  N N 243 
MET O    O  N N 244 
MET CB   C  N N 245 
MET CG   C  N N 246 
MET SD   S  N N 247 
MET CE   C  N N 248 
MET OXT  O  N N 249 
MET H    H  N N 250 
MET H2   H  N N 251 
MET HA   H  N N 252 
MET HB2  H  N N 253 
MET HB3  H  N N 254 
MET HG2  H  N N 255 
MET HG3  H  N N 256 
MET HE1  H  N N 257 
MET HE2  H  N N 258 
MET HE3  H  N N 259 
MET HXT  H  N N 260 
PHE N    N  N N 261 
PHE CA   C  N S 262 
PHE C    C  N N 263 
PHE O    O  N N 264 
PHE CB   C  N N 265 
PHE CG   C  Y N 266 
PHE CD1  C  Y N 267 
PHE CD2  C  Y N 268 
PHE CE1  C  Y N 269 
PHE CE2  C  Y N 270 
PHE CZ   C  Y N 271 
PHE OXT  O  N N 272 
PHE H    H  N N 273 
PHE H2   H  N N 274 
PHE HA   H  N N 275 
PHE HB2  H  N N 276 
PHE HB3  H  N N 277 
PHE HD1  H  N N 278 
PHE HD2  H  N N 279 
PHE HE1  H  N N 280 
PHE HE2  H  N N 281 
PHE HZ   H  N N 282 
PHE HXT  H  N N 283 
PRO N    N  N N 284 
PRO CA   C  N S 285 
PRO C    C  N N 286 
PRO O    O  N N 287 
PRO CB   C  N N 288 
PRO CG   C  N N 289 
PRO CD   C  N N 290 
PRO OXT  O  N N 291 
PRO H    H  N N 292 
PRO HA   H  N N 293 
PRO HB2  H  N N 294 
PRO HB3  H  N N 295 
PRO HG2  H  N N 296 
PRO HG3  H  N N 297 
PRO HD2  H  N N 298 
PRO HD3  H  N N 299 
PRO HXT  H  N N 300 
SER N    N  N N 301 
SER CA   C  N S 302 
SER C    C  N N 303 
SER O    O  N N 304 
SER CB   C  N N 305 
SER OG   O  N N 306 
SER OXT  O  N N 307 
SER H    H  N N 308 
SER H2   H  N N 309 
SER HA   H  N N 310 
SER HB2  H  N N 311 
SER HB3  H  N N 312 
SER HG   H  N N 313 
SER HXT  H  N N 314 
THR N    N  N N 315 
THR CA   C  N S 316 
THR C    C  N N 317 
THR O    O  N N 318 
THR CB   C  N R 319 
THR OG1  O  N N 320 
THR CG2  C  N N 321 
THR OXT  O  N N 322 
THR H    H  N N 323 
THR H2   H  N N 324 
THR HA   H  N N 325 
THR HB   H  N N 326 
THR HG1  H  N N 327 
THR HG21 H  N N 328 
THR HG22 H  N N 329 
THR HG23 H  N N 330 
THR HXT  H  N N 331 
TRP N    N  N N 332 
TRP CA   C  N S 333 
TRP C    C  N N 334 
TRP O    O  N N 335 
TRP CB   C  N N 336 
TRP CG   C  Y N 337 
TRP CD1  C  Y N 338 
TRP CD2  C  Y N 339 
TRP NE1  N  Y N 340 
TRP CE2  C  Y N 341 
TRP CE3  C  Y N 342 
TRP CZ2  C  Y N 343 
TRP CZ3  C  Y N 344 
TRP CH2  C  Y N 345 
TRP OXT  O  N N 346 
TRP H    H  N N 347 
TRP H2   H  N N 348 
TRP HA   H  N N 349 
TRP HB2  H  N N 350 
TRP HB3  H  N N 351 
TRP HD1  H  N N 352 
TRP HE1  H  N N 353 
TRP HE3  H  N N 354 
TRP HZ2  H  N N 355 
TRP HZ3  H  N N 356 
TRP HH2  H  N N 357 
TRP HXT  H  N N 358 
TYR N    N  N N 359 
TYR CA   C  N S 360 
TYR C    C  N N 361 
TYR O    O  N N 362 
TYR CB   C  N N 363 
TYR CG   C  Y N 364 
TYR CD1  C  Y N 365 
TYR CD2  C  Y N 366 
TYR CE1  C  Y N 367 
TYR CE2  C  Y N 368 
TYR CZ   C  Y N 369 
TYR OH   O  N N 370 
TYR OXT  O  N N 371 
TYR H    H  N N 372 
TYR H2   H  N N 373 
TYR HA   H  N N 374 
TYR HB2  H  N N 375 
TYR HB3  H  N N 376 
TYR HD1  H  N N 377 
TYR HD2  H  N N 378 
TYR HE1  H  N N 379 
TYR HE2  H  N N 380 
TYR HH   H  N N 381 
TYR HXT  H  N N 382 
VAL N    N  N N 383 
VAL CA   C  N S 384 
VAL C    C  N N 385 
VAL O    O  N N 386 
VAL CB   C  N N 387 
VAL CG1  C  N N 388 
VAL CG2  C  N N 389 
VAL OXT  O  N N 390 
VAL H    H  N N 391 
VAL H2   H  N N 392 
VAL HA   H  N N 393 
VAL HB   H  N N 394 
VAL HG11 H  N N 395 
VAL HG12 H  N N 396 
VAL HG13 H  N N 397 
VAL HG21 H  N N 398 
VAL HG22 H  N N 399 
VAL HG23 H  N N 400 
VAL HXT  H  N N 401 
ZB0 C1   C  N S 402 
ZB0 C2   C  N R 403 
ZB0 C2M  C  N N 404 
ZB0 C3   C  N S 405 
ZB0 C3M  C  N N 406 
ZB0 C4   C  N R 407 
ZB0 C5   C  N R 408 
ZB0 C6   C  N N 409 
ZB0 O1   O  N N 410 
ZB0 O2   O  N N 411 
ZB0 O3   O  N N 412 
ZB0 O4   O  N N 413 
ZB0 O5   O  N N 414 
ZB0 O6   O  N N 415 
ZB0 H1   H  N N 416 
ZB0 HO1  H  N N 417 
ZB0 H2   H  N N 418 
ZB0 H2M1 H  N N 419 
ZB0 H2M2 H  N N 420 
ZB0 H2M3 H  N N 421 
ZB0 H3   H  N N 422 
ZB0 H3M1 H  N N 423 
ZB0 H3M2 H  N N 424 
ZB0 H3M3 H  N N 425 
ZB0 H4   H  N N 426 
ZB0 HO4  H  N N 427 
ZB0 H5   H  N N 428 
ZB0 H61  H  N N 429 
ZB0 H62  H  N N 430 
ZB0 HO6  H  N N 431 
ZB1 C1   C  N S 432 
ZB1 C2   C  N R 433 
ZB1 C3   C  N S 434 
ZB1 C3M  C  N N 435 
ZB1 C4   C  N R 436 
ZB1 C5   C  N R 437 
ZB1 C6   C  N N 438 
ZB1 O1   O  N N 439 
ZB1 O2   O  N N 440 
ZB1 O3   O  N N 441 
ZB1 O4   O  N N 442 
ZB1 O5   O  N N 443 
ZB1 O6   O  N N 444 
ZB1 H1   H  N N 445 
ZB1 HO1  H  N N 446 
ZB1 H2   H  N N 447 
ZB1 HO2  H  N N 448 
ZB1 H3   H  N N 449 
ZB1 H3M1 H  N N 450 
ZB1 H3M2 H  N N 451 
ZB1 H3M3 H  N N 452 
ZB1 H4   H  N N 453 
ZB1 HO4  H  N N 454 
ZB1 H5   H  N N 455 
ZB1 H61  H  N N 456 
ZB1 H62  H  N N 457 
ZB1 HO6  H  N N 458 
ZB2 C1   C  N S 459 
ZB2 C2   C  N R 460 
ZB2 C2M  C  N N 461 
ZB2 C3   C  N S 462 
ZB2 C4   C  N S 463 
ZB2 C5   C  N R 464 
ZB2 C6   C  N N 465 
ZB2 O1   O  N N 466 
ZB2 O2   O  N N 467 
ZB2 O3   O  N N 468 
ZB2 O4   O  N N 469 
ZB2 O5   O  N N 470 
ZB2 O6   O  N N 471 
ZB2 H1   H  N N 472 
ZB2 HO1  H  N N 473 
ZB2 H2   H  N N 474 
ZB2 H2M1 H  N N 475 
ZB2 H2M2 H  N N 476 
ZB2 H2M3 H  N N 477 
ZB2 H3   H  N N 478 
ZB2 HO3  H  N N 479 
ZB2 H4   H  N N 480 
ZB2 HO4  H  N N 481 
ZB2 H5   H  N N 482 
ZB2 H61  H  N N 483 
ZB2 H62  H  N N 484 
ZB2 HO6  H  N N 485 
ZB3 C1   C  N S 486 
ZB3 C2   C  N R 487 
ZB3 C2M  C  N N 488 
ZB3 C3   C  N S 489 
ZB3 C4   C  N S 490 
ZB3 C5   C  N R 491 
ZB3 C6   C  N N 492 
ZB3 C6M  C  N N 493 
ZB3 O1   O  N N 494 
ZB3 O2   O  N N 495 
ZB3 O3   O  N N 496 
ZB3 O4   O  N N 497 
ZB3 O5   O  N N 498 
ZB3 O6   O  N N 499 
ZB3 H1   H  N N 500 
ZB3 HO1  H  N N 501 
ZB3 H2   H  N N 502 
ZB3 H2M1 H  N N 503 
ZB3 H2M2 H  N N 504 
ZB3 H2M3 H  N N 505 
ZB3 H3   H  N N 506 
ZB3 HO3  H  N N 507 
ZB3 H4   H  N N 508 
ZB3 HO4  H  N N 509 
ZB3 H5   H  N N 510 
ZB3 H61  H  N N 511 
ZB3 H62  H  N N 512 
ZB3 H6M1 H  N N 513 
ZB3 H6M2 H  N N 514 
ZB3 H6M3 H  N N 515 
# 
loop_
_chem_comp_bond.comp_id 
_chem_comp_bond.atom_id_1 
_chem_comp_bond.atom_id_2 
_chem_comp_bond.value_order 
_chem_comp_bond.pdbx_aromatic_flag 
_chem_comp_bond.pdbx_stereo_config 
_chem_comp_bond.pdbx_ordinal 
ALA N   CA   sing N N 1   
ALA N   H    sing N N 2   
ALA N   H2   sing N N 3   
ALA CA  C    sing N N 4   
ALA CA  CB   sing N N 5   
ALA CA  HA   sing N N 6   
ALA C   O    doub N N 7   
ALA C   OXT  sing N N 8   
ALA CB  HB1  sing N N 9   
ALA CB  HB2  sing N N 10  
ALA CB  HB3  sing N N 11  
ALA OXT HXT  sing N N 12  
ARG N   CA   sing N N 13  
ARG N   H    sing N N 14  
ARG N   H2   sing N N 15  
ARG CA  C    sing N N 16  
ARG CA  CB   sing N N 17  
ARG CA  HA   sing N N 18  
ARG C   O    doub N N 19  
ARG C   OXT  sing N N 20  
ARG CB  CG   sing N N 21  
ARG CB  HB2  sing N N 22  
ARG CB  HB3  sing N N 23  
ARG CG  CD   sing N N 24  
ARG CG  HG2  sing N N 25  
ARG CG  HG3  sing N N 26  
ARG CD  NE   sing N N 27  
ARG CD  HD2  sing N N 28  
ARG CD  HD3  sing N N 29  
ARG NE  CZ   sing N N 30  
ARG NE  HE   sing N N 31  
ARG CZ  NH1  sing N N 32  
ARG CZ  NH2  doub N N 33  
ARG NH1 HH11 sing N N 34  
ARG NH1 HH12 sing N N 35  
ARG NH2 HH21 sing N N 36  
ARG NH2 HH22 sing N N 37  
ARG OXT HXT  sing N N 38  
ASN N   CA   sing N N 39  
ASN N   H    sing N N 40  
ASN N   H2   sing N N 41  
ASN CA  C    sing N N 42  
ASN CA  CB   sing N N 43  
ASN CA  HA   sing N N 44  
ASN C   O    doub N N 45  
ASN C   OXT  sing N N 46  
ASN CB  CG   sing N N 47  
ASN CB  HB2  sing N N 48  
ASN CB  HB3  sing N N 49  
ASN CG  OD1  doub N N 50  
ASN CG  ND2  sing N N 51  
ASN ND2 HD21 sing N N 52  
ASN ND2 HD22 sing N N 53  
ASN OXT HXT  sing N N 54  
ASP N   CA   sing N N 55  
ASP N   H    sing N N 56  
ASP N   H2   sing N N 57  
ASP CA  C    sing N N 58  
ASP CA  CB   sing N N 59  
ASP CA  HA   sing N N 60  
ASP C   O    doub N N 61  
ASP C   OXT  sing N N 62  
ASP CB  CG   sing N N 63  
ASP CB  HB2  sing N N 64  
ASP CB  HB3  sing N N 65  
ASP CG  OD1  doub N N 66  
ASP CG  OD2  sing N N 67  
ASP OD2 HD2  sing N N 68  
ASP OXT HXT  sing N N 69  
GLC C1  C2   sing N N 70  
GLC C1  O1   sing N N 71  
GLC C1  O5   sing N N 72  
GLC C1  H1   sing N N 73  
GLC C2  C3   sing N N 74  
GLC C2  O2   sing N N 75  
GLC C2  H2   sing N N 76  
GLC C3  C4   sing N N 77  
GLC C3  O3   sing N N 78  
GLC C3  H3   sing N N 79  
GLC C4  C5   sing N N 80  
GLC C4  O4   sing N N 81  
GLC C4  H4   sing N N 82  
GLC C5  C6   sing N N 83  
GLC C5  O5   sing N N 84  
GLC C5  H5   sing N N 85  
GLC C6  O6   sing N N 86  
GLC C6  H61  sing N N 87  
GLC C6  H62  sing N N 88  
GLC O1  HO1  sing N N 89  
GLC O2  HO2  sing N N 90  
GLC O3  HO3  sing N N 91  
GLC O4  HO4  sing N N 92  
GLC O6  HO6  sing N N 93  
GLN N   CA   sing N N 94  
GLN N   H    sing N N 95  
GLN N   H2   sing N N 96  
GLN CA  C    sing N N 97  
GLN CA  CB   sing N N 98  
GLN CA  HA   sing N N 99  
GLN C   O    doub N N 100 
GLN C   OXT  sing N N 101 
GLN CB  CG   sing N N 102 
GLN CB  HB2  sing N N 103 
GLN CB  HB3  sing N N 104 
GLN CG  CD   sing N N 105 
GLN CG  HG2  sing N N 106 
GLN CG  HG3  sing N N 107 
GLN CD  OE1  doub N N 108 
GLN CD  NE2  sing N N 109 
GLN NE2 HE21 sing N N 110 
GLN NE2 HE22 sing N N 111 
GLN OXT HXT  sing N N 112 
GLU N   CA   sing N N 113 
GLU N   H    sing N N 114 
GLU N   H2   sing N N 115 
GLU CA  C    sing N N 116 
GLU CA  CB   sing N N 117 
GLU CA  HA   sing N N 118 
GLU C   O    doub N N 119 
GLU C   OXT  sing N N 120 
GLU CB  CG   sing N N 121 
GLU CB  HB2  sing N N 122 
GLU CB  HB3  sing N N 123 
GLU CG  CD   sing N N 124 
GLU CG  HG2  sing N N 125 
GLU CG  HG3  sing N N 126 
GLU CD  OE1  doub N N 127 
GLU CD  OE2  sing N N 128 
GLU OE2 HE2  sing N N 129 
GLU OXT HXT  sing N N 130 
GLY N   CA   sing N N 131 
GLY N   H    sing N N 132 
GLY N   H2   sing N N 133 
GLY CA  C    sing N N 134 
GLY CA  HA2  sing N N 135 
GLY CA  HA3  sing N N 136 
GLY C   O    doub N N 137 
GLY C   OXT  sing N N 138 
GLY OXT HXT  sing N N 139 
HIS N   CA   sing N N 140 
HIS N   H    sing N N 141 
HIS N   H2   sing N N 142 
HIS CA  C    sing N N 143 
HIS CA  CB   sing N N 144 
HIS CA  HA   sing N N 145 
HIS C   O    doub N N 146 
HIS C   OXT  sing N N 147 
HIS CB  CG   sing N N 148 
HIS CB  HB2  sing N N 149 
HIS CB  HB3  sing N N 150 
HIS CG  ND1  sing Y N 151 
HIS CG  CD2  doub Y N 152 
HIS ND1 CE1  doub Y N 153 
HIS ND1 HD1  sing N N 154 
HIS CD2 NE2  sing Y N 155 
HIS CD2 HD2  sing N N 156 
HIS CE1 NE2  sing Y N 157 
HIS CE1 HE1  sing N N 158 
HIS NE2 HE2  sing N N 159 
HIS OXT HXT  sing N N 160 
HOH O   H1   sing N N 161 
HOH O   H2   sing N N 162 
ILE N   CA   sing N N 163 
ILE N   H    sing N N 164 
ILE N   H2   sing N N 165 
ILE CA  C    sing N N 166 
ILE CA  CB   sing N N 167 
ILE CA  HA   sing N N 168 
ILE C   O    doub N N 169 
ILE C   OXT  sing N N 170 
ILE CB  CG1  sing N N 171 
ILE CB  CG2  sing N N 172 
ILE CB  HB   sing N N 173 
ILE CG1 CD1  sing N N 174 
ILE CG1 HG12 sing N N 175 
ILE CG1 HG13 sing N N 176 
ILE CG2 HG21 sing N N 177 
ILE CG2 HG22 sing N N 178 
ILE CG2 HG23 sing N N 179 
ILE CD1 HD11 sing N N 180 
ILE CD1 HD12 sing N N 181 
ILE CD1 HD13 sing N N 182 
ILE OXT HXT  sing N N 183 
LEU N   CA   sing N N 184 
LEU N   H    sing N N 185 
LEU N   H2   sing N N 186 
LEU CA  C    sing N N 187 
LEU CA  CB   sing N N 188 
LEU CA  HA   sing N N 189 
LEU C   O    doub N N 190 
LEU C   OXT  sing N N 191 
LEU CB  CG   sing N N 192 
LEU CB  HB2  sing N N 193 
LEU CB  HB3  sing N N 194 
LEU CG  CD1  sing N N 195 
LEU CG  CD2  sing N N 196 
LEU CG  HG   sing N N 197 
LEU CD1 HD11 sing N N 198 
LEU CD1 HD12 sing N N 199 
LEU CD1 HD13 sing N N 200 
LEU CD2 HD21 sing N N 201 
LEU CD2 HD22 sing N N 202 
LEU CD2 HD23 sing N N 203 
LEU OXT HXT  sing N N 204 
LYS N   CA   sing N N 205 
LYS N   H    sing N N 206 
LYS N   H2   sing N N 207 
LYS CA  C    sing N N 208 
LYS CA  CB   sing N N 209 
LYS CA  HA   sing N N 210 
LYS C   O    doub N N 211 
LYS C   OXT  sing N N 212 
LYS CB  CG   sing N N 213 
LYS CB  HB2  sing N N 214 
LYS CB  HB3  sing N N 215 
LYS CG  CD   sing N N 216 
LYS CG  HG2  sing N N 217 
LYS CG  HG3  sing N N 218 
LYS CD  CE   sing N N 219 
LYS CD  HD2  sing N N 220 
LYS CD  HD3  sing N N 221 
LYS CE  NZ   sing N N 222 
LYS CE  HE2  sing N N 223 
LYS CE  HE3  sing N N 224 
LYS NZ  HZ1  sing N N 225 
LYS NZ  HZ2  sing N N 226 
LYS NZ  HZ3  sing N N 227 
LYS OXT HXT  sing N N 228 
MET N   CA   sing N N 229 
MET N   H    sing N N 230 
MET N   H2   sing N N 231 
MET CA  C    sing N N 232 
MET CA  CB   sing N N 233 
MET CA  HA   sing N N 234 
MET C   O    doub N N 235 
MET C   OXT  sing N N 236 
MET CB  CG   sing N N 237 
MET CB  HB2  sing N N 238 
MET CB  HB3  sing N N 239 
MET CG  SD   sing N N 240 
MET CG  HG2  sing N N 241 
MET CG  HG3  sing N N 242 
MET SD  CE   sing N N 243 
MET CE  HE1  sing N N 244 
MET CE  HE2  sing N N 245 
MET CE  HE3  sing N N 246 
MET OXT HXT  sing N N 247 
PHE N   CA   sing N N 248 
PHE N   H    sing N N 249 
PHE N   H2   sing N N 250 
PHE CA  C    sing N N 251 
PHE CA  CB   sing N N 252 
PHE CA  HA   sing N N 253 
PHE C   O    doub N N 254 
PHE C   OXT  sing N N 255 
PHE CB  CG   sing N N 256 
PHE CB  HB2  sing N N 257 
PHE CB  HB3  sing N N 258 
PHE CG  CD1  doub Y N 259 
PHE CG  CD2  sing Y N 260 
PHE CD1 CE1  sing Y N 261 
PHE CD1 HD1  sing N N 262 
PHE CD2 CE2  doub Y N 263 
PHE CD2 HD2  sing N N 264 
PHE CE1 CZ   doub Y N 265 
PHE CE1 HE1  sing N N 266 
PHE CE2 CZ   sing Y N 267 
PHE CE2 HE2  sing N N 268 
PHE CZ  HZ   sing N N 269 
PHE OXT HXT  sing N N 270 
PRO N   CA   sing N N 271 
PRO N   CD   sing N N 272 
PRO N   H    sing N N 273 
PRO CA  C    sing N N 274 
PRO CA  CB   sing N N 275 
PRO CA  HA   sing N N 276 
PRO C   O    doub N N 277 
PRO C   OXT  sing N N 278 
PRO CB  CG   sing N N 279 
PRO CB  HB2  sing N N 280 
PRO CB  HB3  sing N N 281 
PRO CG  CD   sing N N 282 
PRO CG  HG2  sing N N 283 
PRO CG  HG3  sing N N 284 
PRO CD  HD2  sing N N 285 
PRO CD  HD3  sing N N 286 
PRO OXT HXT  sing N N 287 
SER N   CA   sing N N 288 
SER N   H    sing N N 289 
SER N   H2   sing N N 290 
SER CA  C    sing N N 291 
SER CA  CB   sing N N 292 
SER CA  HA   sing N N 293 
SER C   O    doub N N 294 
SER C   OXT  sing N N 295 
SER CB  OG   sing N N 296 
SER CB  HB2  sing N N 297 
SER CB  HB3  sing N N 298 
SER OG  HG   sing N N 299 
SER OXT HXT  sing N N 300 
THR N   CA   sing N N 301 
THR N   H    sing N N 302 
THR N   H2   sing N N 303 
THR CA  C    sing N N 304 
THR CA  CB   sing N N 305 
THR CA  HA   sing N N 306 
THR C   O    doub N N 307 
THR C   OXT  sing N N 308 
THR CB  OG1  sing N N 309 
THR CB  CG2  sing N N 310 
THR CB  HB   sing N N 311 
THR OG1 HG1  sing N N 312 
THR CG2 HG21 sing N N 313 
THR CG2 HG22 sing N N 314 
THR CG2 HG23 sing N N 315 
THR OXT HXT  sing N N 316 
TRP N   CA   sing N N 317 
TRP N   H    sing N N 318 
TRP N   H2   sing N N 319 
TRP CA  C    sing N N 320 
TRP CA  CB   sing N N 321 
TRP CA  HA   sing N N 322 
TRP C   O    doub N N 323 
TRP C   OXT  sing N N 324 
TRP CB  CG   sing N N 325 
TRP CB  HB2  sing N N 326 
TRP CB  HB3  sing N N 327 
TRP CG  CD1  doub Y N 328 
TRP CG  CD2  sing Y N 329 
TRP CD1 NE1  sing Y N 330 
TRP CD1 HD1  sing N N 331 
TRP CD2 CE2  doub Y N 332 
TRP CD2 CE3  sing Y N 333 
TRP NE1 CE2  sing Y N 334 
TRP NE1 HE1  sing N N 335 
TRP CE2 CZ2  sing Y N 336 
TRP CE3 CZ3  doub Y N 337 
TRP CE3 HE3  sing N N 338 
TRP CZ2 CH2  doub Y N 339 
TRP CZ2 HZ2  sing N N 340 
TRP CZ3 CH2  sing Y N 341 
TRP CZ3 HZ3  sing N N 342 
TRP CH2 HH2  sing N N 343 
TRP OXT HXT  sing N N 344 
TYR N   CA   sing N N 345 
TYR N   H    sing N N 346 
TYR N   H2   sing N N 347 
TYR CA  C    sing N N 348 
TYR CA  CB   sing N N 349 
TYR CA  HA   sing N N 350 
TYR C   O    doub N N 351 
TYR C   OXT  sing N N 352 
TYR CB  CG   sing N N 353 
TYR CB  HB2  sing N N 354 
TYR CB  HB3  sing N N 355 
TYR CG  CD1  doub Y N 356 
TYR CG  CD2  sing Y N 357 
TYR CD1 CE1  sing Y N 358 
TYR CD1 HD1  sing N N 359 
TYR CD2 CE2  doub Y N 360 
TYR CD2 HD2  sing N N 361 
TYR CE1 CZ   doub Y N 362 
TYR CE1 HE1  sing N N 363 
TYR CE2 CZ   sing Y N 364 
TYR CE2 HE2  sing N N 365 
TYR CZ  OH   sing N N 366 
TYR OH  HH   sing N N 367 
TYR OXT HXT  sing N N 368 
VAL N   CA   sing N N 369 
VAL N   H    sing N N 370 
VAL N   H2   sing N N 371 
VAL CA  C    sing N N 372 
VAL CA  CB   sing N N 373 
VAL CA  HA   sing N N 374 
VAL C   O    doub N N 375 
VAL C   OXT  sing N N 376 
VAL CB  CG1  sing N N 377 
VAL CB  CG2  sing N N 378 
VAL CB  HB   sing N N 379 
VAL CG1 HG11 sing N N 380 
VAL CG1 HG12 sing N N 381 
VAL CG1 HG13 sing N N 382 
VAL CG2 HG21 sing N N 383 
VAL CG2 HG22 sing N N 384 
VAL CG2 HG23 sing N N 385 
VAL OXT HXT  sing N N 386 
ZB0 C1  H1   sing N N 387 
ZB0 C1  O1   sing N N 388 
ZB0 O1  HO1  sing N N 389 
ZB0 C1  O5   sing N N 390 
ZB0 C1  C2   sing N N 391 
ZB0 C2  H2   sing N N 392 
ZB0 C2  O2   sing N N 393 
ZB0 O2  C2M  sing N N 394 
ZB0 C2M H2M1 sing N N 395 
ZB0 C2M H2M2 sing N N 396 
ZB0 C2M H2M3 sing N N 397 
ZB0 C2  C3   sing N N 398 
ZB0 C3  H3   sing N N 399 
ZB0 C3  O3   sing N N 400 
ZB0 O3  C3M  sing N N 401 
ZB0 C3M H3M1 sing N N 402 
ZB0 C3M H3M2 sing N N 403 
ZB0 C3M H3M3 sing N N 404 
ZB0 C3  C4   sing N N 405 
ZB0 C4  H4   sing N N 406 
ZB0 C4  O4   sing N N 407 
ZB0 O4  HO4  sing N N 408 
ZB0 C4  C5   sing N N 409 
ZB0 C5  H5   sing N N 410 
ZB0 C5  O5   sing N N 411 
ZB0 C5  C6   sing N N 412 
ZB0 C6  H61  sing N N 413 
ZB0 C6  H62  sing N N 414 
ZB0 C6  O6   sing N N 415 
ZB0 O6  HO6  sing N N 416 
ZB1 C1  H1   sing N N 417 
ZB1 C1  O1   sing N N 418 
ZB1 O1  HO1  sing N N 419 
ZB1 C1  O5   sing N N 420 
ZB1 C1  C2   sing N N 421 
ZB1 C2  H2   sing N N 422 
ZB1 C2  O2   sing N N 423 
ZB1 O2  HO2  sing N N 424 
ZB1 C2  C3   sing N N 425 
ZB1 C3  H3   sing N N 426 
ZB1 C3  O3   sing N N 427 
ZB1 O3  C3M  sing N N 428 
ZB1 C3M H3M1 sing N N 429 
ZB1 C3M H3M2 sing N N 430 
ZB1 C3M H3M3 sing N N 431 
ZB1 C3  C4   sing N N 432 
ZB1 C4  H4   sing N N 433 
ZB1 C4  O4   sing N N 434 
ZB1 O4  HO4  sing N N 435 
ZB1 C4  C5   sing N N 436 
ZB1 C5  H5   sing N N 437 
ZB1 C5  O5   sing N N 438 
ZB1 C5  C6   sing N N 439 
ZB1 C6  H61  sing N N 440 
ZB1 C6  H62  sing N N 441 
ZB1 C6  O6   sing N N 442 
ZB1 O6  HO6  sing N N 443 
ZB2 C1  H1   sing N N 444 
ZB2 C1  O1   sing N N 445 
ZB2 O1  HO1  sing N N 446 
ZB2 C1  O5   sing N N 447 
ZB2 C1  C2   sing N N 448 
ZB2 C2  H2   sing N N 449 
ZB2 C2  O2   sing N N 450 
ZB2 O2  C2M  sing N N 451 
ZB2 C2M H2M1 sing N N 452 
ZB2 C2M H2M2 sing N N 453 
ZB2 C2M H2M3 sing N N 454 
ZB2 C2  C3   sing N N 455 
ZB2 C3  H3   sing N N 456 
ZB2 C3  O3   sing N N 457 
ZB2 O3  HO3  sing N N 458 
ZB2 C3  C4   sing N N 459 
ZB2 C4  H4   sing N N 460 
ZB2 C4  O4   sing N N 461 
ZB2 O4  HO4  sing N N 462 
ZB2 C4  C5   sing N N 463 
ZB2 C5  H5   sing N N 464 
ZB2 C5  O5   sing N N 465 
ZB2 C5  C6   sing N N 466 
ZB2 C6  H61  sing N N 467 
ZB2 C6  H62  sing N N 468 
ZB2 C6  O6   sing N N 469 
ZB2 O6  HO6  sing N N 470 
ZB3 C1  H1   sing N N 471 
ZB3 C1  O1   sing N N 472 
ZB3 O1  HO1  sing N N 473 
ZB3 C1  O5   sing N N 474 
ZB3 C1  C2   sing N N 475 
ZB3 C2  H2   sing N N 476 
ZB3 C2  O2   sing N N 477 
ZB3 O2  C2M  sing N N 478 
ZB3 C2M H2M1 sing N N 479 
ZB3 C2M H2M2 sing N N 480 
ZB3 C2M H2M3 sing N N 481 
ZB3 C2  C3   sing N N 482 
ZB3 C3  H3   sing N N 483 
ZB3 C3  O3   sing N N 484 
ZB3 O3  HO3  sing N N 485 
ZB3 C3  C4   sing N N 486 
ZB3 C4  H4   sing N N 487 
ZB3 C4  O4   sing N N 488 
ZB3 O4  HO4  sing N N 489 
ZB3 C4  C5   sing N N 490 
ZB3 C5  H5   sing N N 491 
ZB3 C5  O5   sing N N 492 
ZB3 C5  C6   sing N N 493 
ZB3 C6  H61  sing N N 494 
ZB3 C6  H62  sing N N 495 
ZB3 C6  O6   sing N N 496 
ZB3 O6  C6M  sing N N 497 
ZB3 C6M H6M1 sing N N 498 
ZB3 C6M H6M2 sing N N 499 
ZB3 C6M H6M3 sing N N 500 
# 
_pdbx_audit_support.funding_organization   'Spanish Ministry of Science, Innovation, and Universities' 
_pdbx_audit_support.country                Spain 
_pdbx_audit_support.grant_number           BIO2016-78020-R 
_pdbx_audit_support.ordinal                1 
# 
loop_
_pdbx_entity_branch_list.entity_id 
_pdbx_entity_branch_list.comp_id 
_pdbx_entity_branch_list.num 
_pdbx_entity_branch_list.hetero 
2 ZB1 1 n 
2 GLC 2 n 
2 GLC 3 n 
2 ZB2 4 n 
2 ZB3 5 n 
2 ZB2 6 n 
2 ZB0 7 n 
# 
loop_
_pdbx_entity_instance_feature.ordinal 
_pdbx_entity_instance_feature.comp_id 
_pdbx_entity_instance_feature.asym_id 
_pdbx_entity_instance_feature.seq_num 
_pdbx_entity_instance_feature.auth_comp_id 
_pdbx_entity_instance_feature.auth_asym_id 
_pdbx_entity_instance_feature.auth_seq_num 
_pdbx_entity_instance_feature.feature_type 
_pdbx_entity_instance_feature.details 
1 CU  ? ? CU  ? ? 'SUBJECT OF INVESTIGATION' ? 
2 ZB0 ? ? ZB0 ? ? 'SUBJECT OF INVESTIGATION' ? 
3 ZB2 ? ? ZB2 ? ? 'SUBJECT OF INVESTIGATION' ? 
4 ZB3 ? ? ZB3 ? ? 'SUBJECT OF INVESTIGATION' ? 
5 GLC ? ? GLC ? ? 'SUBJECT OF INVESTIGATION' ? 
6 ZB1 ? ? ZB1 ? ? 'SUBJECT OF INVESTIGATION' ? 
# 
_pdbx_initial_refinement_model.id               1 
_pdbx_initial_refinement_model.entity_id_list   ? 
_pdbx_initial_refinement_model.type             'experimental model' 
_pdbx_initial_refinement_model.source_name      PDB 
_pdbx_initial_refinement_model.accession_code   4JZ4 
_pdbx_initial_refinement_model.details          ? 
# 
_atom_sites.entry_id                    6XX2 
_atom_sites.Cartn_transf_matrix[1][1]   ? 
_atom_sites.Cartn_transf_matrix[1][2]   ? 
_atom_sites.Cartn_transf_matrix[1][3]   ? 
_atom_sites.Cartn_transf_matrix[2][1]   ? 
_atom_sites.Cartn_transf_matrix[2][2]   ? 
_atom_sites.Cartn_transf_matrix[2][3]   ? 
_atom_sites.Cartn_transf_matrix[3][1]   ? 
_atom_sites.Cartn_transf_matrix[3][2]   ? 
_atom_sites.Cartn_transf_matrix[3][3]   ? 
_atom_sites.Cartn_transf_vector[1]      ? 
_atom_sites.Cartn_transf_vector[2]      ? 
_atom_sites.Cartn_transf_vector[3]      ? 
_atom_sites.fract_transf_matrix[1][1]   0.00992453 
_atom_sites.fract_transf_matrix[1][2]   -0.01502099 
_atom_sites.fract_transf_matrix[1][3]   0.02697345 
_atom_sites.fract_transf_matrix[2][1]   -0.02072940 
_atom_sites.fract_transf_matrix[2][2]   -0.01832447 
_atom_sites.fract_transf_matrix[2][3]   0.01691775 
_atom_sites.fract_transf_matrix[3][1]   0.00324608 
_atom_sites.fract_transf_matrix[3][2]   -0.00982727 
_atom_sites.fract_transf_matrix[3][3]   -0.00666697 
_atom_sites.fract_transf_vector[1]      1.514377 
_atom_sites.fract_transf_vector[2]      1.052729 
_atom_sites.fract_transf_vector[3]      0.088004 
_atom_sites.solution_primary            ? 
_atom_sites.solution_secondary          ? 
_atom_sites.solution_hydrogens          ? 
_atom_sites.special_details             ? 
# 
loop_
_atom_type.symbol 
C  
CU 
H  
N  
O  
S  
# 
loop_
_atom_site.group_PDB 
_atom_site.id 
_atom_site.type_symbol 
_atom_site.label_atom_id 
_atom_site.label_alt_id 
_atom_site.label_comp_id 
_atom_site.label_asym_id 
_atom_site.label_entity_id 
_atom_site.label_seq_id 
_atom_site.pdbx_PDB_ins_code 
_atom_site.Cartn_x 
_atom_site.Cartn_y 
_atom_site.Cartn_z 
_atom_site.occupancy 
_atom_site.B_iso_or_equiv 
_atom_site.pdbx_formal_charge 
_atom_site.auth_seq_id 
_atom_site.auth_comp_id 
_atom_site.auth_asym_id 
_atom_site.auth_atom_id 
_atom_site.pdbx_PDB_model_num 
ATOM   1    N  N    . SER A 1 2  ? -0.458  8.153   -14.183 1.00 57.96 ? 82  SER A N    1 
ATOM   2    C  CA   . SER A 1 2  ? 0.918   8.341   -13.746 1.00 56.41 ? 82  SER A CA   1 
ATOM   3    C  C    . SER A 1 2  ? 0.993   8.560   -12.230 1.00 52.14 ? 82  SER A C    1 
ATOM   4    O  O    . SER A 1 2  ? 2.054   8.419   -11.635 1.00 54.79 ? 82  SER A O    1 
ATOM   5    C  CB   . SER A 1 2  ? 1.559   9.506   -14.507 1.00 56.37 ? 82  SER A CB   1 
ATOM   6    H  HA   . SER A 1 2  ? 1.433   7.543   -13.944 1.00 67.70 ? 82  SER A HA   1 
ATOM   7    N  N    . HIS A 1 3  ? -0.155  8.835   -11.612 1.00 43.88 ? 83  HIS A N    1 
ATOM   8    C  CA   . HIS A 1 3  ? -0.188  9.329   -10.243 1.00 40.87 ? 83  HIS A CA   1 
ATOM   9    C  C    . HIS A 1 3  ? -0.663  8.285   -9.244  1.00 36.28 ? 83  HIS A C    1 
ATOM   10   O  O    . HIS A 1 3  ? -0.859  8.611   -8.069  1.00 40.90 ? 83  HIS A O    1 
ATOM   11   C  CB   . HIS A 1 3  ? -1.085  10.564  -10.152 1.00 42.32 ? 83  HIS A CB   1 
ATOM   12   C  CG   . HIS A 1 3  ? -2.517  10.298  -10.501 1.00 43.86 ? 83  HIS A CG   1 
ATOM   13   N  ND1  . HIS A 1 3  ? -2.892  9.669   -11.668 1.00 42.70 ? 83  HIS A ND1  1 
ATOM   14   C  CD2  . HIS A 1 3  ? -3.665  10.586  -9.844  1.00 44.47 ? 83  HIS A CD2  1 
ATOM   15   C  CE1  . HIS A 1 3  ? -4.208  9.568   -11.708 1.00 45.64 ? 83  HIS A CE1  1 
ATOM   16   N  NE2  . HIS A 1 3  ? -4.702  10.124  -10.618 1.00 45.27 ? 83  HIS A NE2  1 
ATOM   17   H  HA   . HIS A 1 3  ? 0.715   9.584   -9.998  1.00 49.05 ? 83  HIS A HA   1 
ATOM   18   H  HB2  . HIS A 1 3  ? -1.060  10.902  -9.243  1.00 50.79 ? 83  HIS A HB2  1 
ATOM   19   H  HB3  . HIS A 1 3  ? -0.752  11.238  -10.766 1.00 50.79 ? 83  HIS A HB3  1 
ATOM   20   H  HD2  . HIS A 1 3  ? -3.738  11.017  -9.023  1.00 53.37 ? 83  HIS A HD2  1 
ATOM   21   H  HE1  . HIS A 1 3  ? -4.703  9.172   -12.389 1.00 54.78 ? 83  HIS A HE1  1 
ATOM   22   H  HE2  . HIS A 1 3  ? -5.537  10.188  -10.423 1.00 54.33 ? 83  HIS A HE2  1 
ATOM   23   N  N    . MET A 1 4  ? -0.840  7.042   -9.670  1.00 32.57 ? 84  MET A N    1 
ATOM   24   C  CA   . MET A 1 4  ? -1.438  6.025   -8.823  1.00 30.78 ? 84  MET A CA   1 
ATOM   25   C  C    . MET A 1 4  ? -0.416  5.069   -8.234  1.00 23.89 ? 84  MET A C    1 
ATOM   26   O  O    . MET A 1 4  ? -0.801  4.076   -7.613  1.00 24.36 ? 84  MET A O    1 
ATOM   27   C  CB   . MET A 1 4  ? -2.511  5.280   -9.612  1.00 34.19 ? 84  MET A CB   1 
ATOM   28   C  CG   . MET A 1 4  ? -3.657  6.192   -10.044 1.00 41.61 ? 84  MET A CG   1 
ATOM   29   S  SD   . MET A 1 4  ? -5.010  6.112   -8.859  1.00 48.15 ? 84  MET A SD   1 
ATOM   30   C  CE   . MET A 1 4  ? -4.580  7.413   -7.711  1.00 48.79 ? 84  MET A CE   1 
ATOM   31   H  H    . MET A 1 4  ? -0.619  6.763   -10.453 1.00 39.09 ? 84  MET A H    1 
ATOM   32   H  HA   . MET A 1 4  ? -1.880  6.457   -8.075  1.00 36.94 ? 84  MET A HA   1 
ATOM   33   H  HB2  . MET A 1 4  ? -2.112  4.899   -10.410 1.00 41.04 ? 84  MET A HB2  1 
ATOM   34   H  HB3  . MET A 1 4  ? -2.881  4.575   -9.057  1.00 41.04 ? 84  MET A HB3  1 
ATOM   35   H  HG2  . MET A 1 4  ? -3.343  7.108   -10.093 1.00 49.94 ? 84  MET A HG2  1 
ATOM   36   H  HG3  . MET A 1 4  ? -3.989  5.908   -10.911 1.00 49.94 ? 84  MET A HG3  1 
ATOM   37   H  HE1  . MET A 1 4  ? -5.313  7.541   -7.089  1.00 58.56 ? 84  MET A HE1  1 
ATOM   38   H  HE2  . MET A 1 4  ? -3.778  7.156   -7.229  1.00 58.56 ? 84  MET A HE2  1 
ATOM   39   H  HE3  . MET A 1 4  ? -4.419  8.231   -8.206  1.00 58.56 ? 84  MET A HE3  1 
ATOM   40   N  N    . THR A 1 5  ? 0.870   5.345   -8.396  1.00 22.58 ? 85  THR A N    1 
ATOM   41   C  CA   . THR A 1 5  ? 1.896   4.589   -7.700  1.00 22.43 ? 85  THR A CA   1 
ATOM   42   C  C    . THR A 1 5  ? 2.333   5.342   -6.449  1.00 20.97 ? 85  THR A C    1 
ATOM   43   O  O    . THR A 1 5  ? 2.604   6.547   -6.498  1.00 22.95 ? 85  THR A O    1 
ATOM   44   C  CB   . THR A 1 5  ? 3.101   4.326   -8.598  1.00 25.71 ? 85  THR A CB   1 
ATOM   45   O  OG1  . THR A 1 5  ? 2.673   3.818   -9.869  1.00 29.64 ? 85  THR A OG1  1 
ATOM   46   C  CG2  . THR A 1 5  ? 4.010   3.322   -7.933  1.00 26.97 ? 85  THR A CG2  1 
ATOM   47   H  H    . THR A 1 5  ? 1.172   5.967   -8.905  1.00 27.11 ? 85  THR A H    1 
ATOM   48   H  HA   . THR A 1 5  ? 1.527   3.732   -7.431  1.00 26.92 ? 85  THR A HA   1 
ATOM   49   H  HB   . THR A 1 5  ? 3.587   5.152   -8.746  1.00 30.85 ? 85  THR A HB   1 
ATOM   50   H  HG1  . THR A 1 5  ? 2.249   3.101   -9.763  1.00 35.57 ? 85  THR A HG1  1 
ATOM   51   H  HG21 . THR A 1 5  ? 4.733   3.080   -8.533  1.00 32.37 ? 85  THR A HG21 1 
ATOM   52   H  HG22 . THR A 1 5  ? 4.388   3.701   -7.123  1.00 32.37 ? 85  THR A HG22 1 
ATOM   53   H  HG23 . THR A 1 5  ? 3.511   2.522   -7.704  1.00 32.37 ? 85  THR A HG23 1 
ATOM   54   N  N    . PHE A 1 6  ? 2.416   4.619   -5.343  1.00 17.87 ? 86  PHE A N    1 
ATOM   55   C  CA   . PHE A 1 6  ? 2.773   5.185   -4.057  1.00 16.26 ? 86  PHE A CA   1 
ATOM   56   C  C    . PHE A 1 6  ? 3.898   4.361   -3.456  1.00 16.05 ? 86  PHE A C    1 
ATOM   57   O  O    . PHE A 1 6  ? 4.171   3.243   -3.878  1.00 17.13 ? 86  PHE A O    1 
ATOM   58   C  CB   . PHE A 1 6  ? 1.559   5.196   -3.119  1.00 17.00 ? 86  PHE A CB   1 
ATOM   59   C  CG   . PHE A 1 6  ? 0.561   6.267   -3.444  1.00 18.28 ? 86  PHE A CG   1 
ATOM   60   C  CD1  . PHE A 1 6  ? 0.377   7.336   -2.589  1.00 19.07 ? 86  PHE A CD1  1 
ATOM   61   C  CD2  . PHE A 1 6  ? -0.176  6.228   -4.613  1.00 25.07 ? 86  PHE A CD2  1 
ATOM   62   C  CE1  . PHE A 1 6  ? -0.529  8.339   -2.895  1.00 21.73 ? 86  PHE A CE1  1 
ATOM   63   C  CE2  . PHE A 1 6  ? -1.080  7.226   -4.907  1.00 26.69 ? 86  PHE A CE2  1 
ATOM   64   C  CZ   . PHE A 1 6  ? -1.253  8.269   -4.047  1.00 23.48 ? 86  PHE A CZ   1 
ATOM   65   H  H    . PHE A 1 6  ? 2.266   3.773   -5.312  1.00 21.45 ? 86  PHE A H    1 
ATOM   66   H  HA   . PHE A 1 6  ? 3.088   6.096   -4.160  1.00 19.52 ? 86  PHE A HA   1 
ATOM   67   H  HB2  . PHE A 1 6  ? 1.108   4.340   -3.183  1.00 20.41 ? 86  PHE A HB2  1 
ATOM   68   H  HB3  . PHE A 1 6  ? 1.867   5.342   -2.211  1.00 20.41 ? 86  PHE A HB3  1 
ATOM   69   H  HD1  . PHE A 1 6  ? 0.866   7.382   -1.799  1.00 22.89 ? 86  PHE A HD1  1 
ATOM   70   H  HD2  . PHE A 1 6  ? -0.060  5.523   -5.208  1.00 30.09 ? 86  PHE A HD2  1 
ATOM   71   H  HE1  . PHE A 1 6  ? -0.641  9.058   -2.316  1.00 26.08 ? 86  PHE A HE1  1 
ATOM   72   H  HE2  . PHE A 1 6  ? -1.573  7.186   -5.694  1.00 32.04 ? 86  PHE A HE2  1 
ATOM   73   H  HZ   . PHE A 1 6  ? -1.870  8.936   -4.247  1.00 28.18 ? 86  PHE A HZ   1 
ATOM   74   N  N    . VAL A 1 7  ? 4.555   4.937   -2.466  1.00 15.90 ? 87  VAL A N    1 
ATOM   75   C  CA   . VAL A 1 7  ? 5.611   4.265   -1.728  1.00 16.26 ? 87  VAL A CA   1 
ATOM   76   C  C    . VAL A 1 7  ? 5.289   4.308   -0.242  1.00 15.16 ? 87  VAL A C    1 
ATOM   77   O  O    . VAL A 1 7  ? 4.789   5.314   0.281   1.00 16.36 ? 87  VAL A O    1 
ATOM   78   C  CB   . VAL A 1 7  ? 6.991   4.876   -2.043  1.00 18.70 ? 87  VAL A CB   1 
ATOM   79   C  CG1  . VAL A 1 7  ? 7.016   6.351   -1.682  1.00 18.79 ? 87  VAL A CG1  1 
ATOM   80   C  CG2  . VAL A 1 7  ? 8.080   4.099   -1.335  1.00 19.19 ? 87  VAL A CG2  1 
ATOM   81   H  H    . VAL A 1 7  ? 4.405   5.739   -2.194  1.00 19.08 ? 87  VAL A H    1 
ATOM   82   H  HA   . VAL A 1 7  ? 5.638   3.328   -1.979  1.00 19.52 ? 87  VAL A HA   1 
ATOM   83   H  HB   . VAL A 1 7  ? 7.163   4.814   -2.996  1.00 22.44 ? 87  VAL A HB   1 
ATOM   84   H  HG11 . VAL A 1 7  ? 7.893   6.711   -1.890  1.00 22.55 ? 87  VAL A HG11 1 
ATOM   85   H  HG12 . VAL A 1 7  ? 6.337   6.813   -2.198  1.00 22.55 ? 87  VAL A HG12 1 
ATOM   86   H  HG13 . VAL A 1 7  ? 6.836   6.447   -0.734  1.00 22.55 ? 87  VAL A HG13 1 
ATOM   87   H  HG21 . VAL A 1 7  ? 8.943   4.407   -1.652  1.00 23.03 ? 87  VAL A HG21 1 
ATOM   88   H  HG22 . VAL A 1 7  ? 8.005   4.248   -0.381  1.00 23.03 ? 87  VAL A HG22 1 
ATOM   89   H  HG23 . VAL A 1 7  ? 7.973   3.155   -1.532  1.00 23.03 ? 87  VAL A HG23 1 
ATOM   90   N  N    . ALA A 1 8  ? 5.556   3.203   0.434   1.00 15.73 ? 88  ALA A N    1 
ATOM   91   C  CA   . ALA A 1 8  ? 5.322   3.127   1.861   1.00 16.22 ? 88  ALA A CA   1 
ATOM   92   C  C    . ALA A 1 8  ? 6.319   3.997   2.609   1.00 17.19 ? 88  ALA A C    1 
ATOM   93   O  O    . ALA A 1 8  ? 7.536   3.879   2.421   1.00 19.02 ? 88  ALA A O    1 
ATOM   94   C  CB   . ALA A 1 8  ? 5.449   1.681   2.325   1.00 17.34 ? 88  ALA A CB   1 
ATOM   95   H  H    . ALA A 1 8  ? 5.874   2.482   0.088   1.00 18.88 ? 88  ALA A H    1 
ATOM   96   H  HA   . ALA A 1 8  ? 4.428   3.445   2.061   1.00 19.47 ? 88  ALA A HA   1 
ATOM   97   H  HB1  . ALA A 1 8  ? 5.308   1.643   3.284   1.00 20.82 ? 88  ALA A HB1  1 
ATOM   98   H  HB2  . ALA A 1 8  ? 4.781   1.144   1.871   1.00 20.82 ? 88  ALA A HB2  1 
ATOM   99   H  HB3  . ALA A 1 8  ? 6.338   1.357   2.109   1.00 20.82 ? 88  ALA A HB3  1 
ATOM   100  N  N    . LEU A 1 9  ? 5.789   4.844   3.486   1.00 18.05 ? 89  LEU A N    1 
ATOM   101  C  CA   . LEU A 1 9  ? 6.585   5.687   4.357   1.00 19.01 ? 89  LEU A CA   1 
ATOM   102  C  C    . LEU A 1 9  ? 6.985   4.980   5.638   1.00 19.85 ? 89  LEU A C    1 
ATOM   103  O  O    . LEU A 1 9  ? 7.942   5.408   6.297   1.00 21.48 ? 89  LEU A O    1 
ATOM   104  C  CB   . LEU A 1 9  ? 5.788   6.932   4.755   1.00 19.91 ? 89  LEU A CB   1 
ATOM   105  C  CG   . LEU A 1 9  ? 5.310   7.847   3.634   1.00 20.02 ? 89  LEU A CG   1 
ATOM   106  C  CD1  . LEU A 1 9  ? 4.425   8.924   4.209   1.00 22.27 ? 89  LEU A CD1  1 
ATOM   107  C  CD2  . LEU A 1 9  ? 6.488   8.436   2.931   1.00 25.33 ? 89  LEU A CD2  1 
ATOM   108  H  H    . LEU A 1 9  ? 4.942   4.949   3.596   1.00 21.67 ? 89  LEU A H    1 
ATOM   109  H  HA   . LEU A 1 9  ? 7.381   5.960   3.876   1.00 22.82 ? 89  LEU A HA   1 
ATOM   110  H  HB2  . LEU A 1 9  ? 4.998   6.638   5.233   1.00 23.90 ? 89  LEU A HB2  1 
ATOM   111  H  HB3  . LEU A 1 9  ? 6.347   7.470   5.336   1.00 23.90 ? 89  LEU A HB3  1 
ATOM   112  H  HG   . LEU A 1 9  ? 4.792   7.347   2.983   1.00 24.03 ? 89  LEU A HG   1 
ATOM   113  H  HD11 . LEU A 1 9  ? 4.133   9.510   3.492   1.00 26.74 ? 89  LEU A HD11 1 
ATOM   114  H  HD12 . LEU A 1 9  ? 3.656   8.510   4.632   1.00 26.74 ? 89  LEU A HD12 1 
ATOM   115  H  HD13 . LEU A 1 9  ? 4.931   9.431   4.865   1.00 26.74 ? 89  LEU A HD13 1 
ATOM   116  H  HD21 . LEU A 1 9  ? 6.174   9.056   2.254   1.00 30.40 ? 89  LEU A HD21 1 
ATOM   117  H  HD22 . LEU A 1 9  ? 7.040   8.904   3.577   1.00 30.40 ? 89  LEU A HD22 1 
ATOM   118  H  HD23 . LEU A 1 9  ? 6.998   7.723   2.517   1.00 30.40 ? 89  LEU A HD23 1 
ATOM   119  N  N    . TYR A 1 10 ? 6.257   3.925   6.005   1.00 20.69 ? 90  TYR A N    1 
ATOM   120  C  CA   . TYR A 1 10 ? 6.487   3.182   7.229   1.00 21.30 ? 90  TYR A CA   1 
ATOM   121  C  C    . TYR A 1 10 ? 6.154   1.721   6.954   1.00 20.82 ? 90  TYR A C    1 
ATOM   122  O  O    . TYR A 1 10 ? 5.404   1.410   6.029   1.00 19.61 ? 90  TYR A O    1 
ATOM   123  C  CB   . TYR A 1 10 ? 5.579   3.681   8.366   1.00 21.45 ? 90  TYR A CB   1 
ATOM   124  C  CG   . TYR A 1 10 ? 5.243   5.166   8.335   1.00 21.19 ? 90  TYR A CG   1 
ATOM   125  C  CD1  . TYR A 1 10 ? 6.140   6.109   8.815   1.00 23.06 ? 90  TYR A CD1  1 
ATOM   126  C  CD2  . TYR A 1 10 ? 4.027   5.622   7.827   1.00 21.68 ? 90  TYR A CD2  1 
ATOM   127  C  CE1  . TYR A 1 10 ? 5.845   7.450   8.788   1.00 22.14 ? 90  TYR A CE1  1 
ATOM   128  C  CE2  . TYR A 1 10 ? 3.717   6.983   7.791   1.00 21.45 ? 90  TYR A CE2  1 
ATOM   129  C  CZ   . TYR A 1 10 ? 4.637   7.890   8.270   1.00 21.11 ? 90  TYR A CZ   1 
ATOM   130  O  OH   . TYR A 1 10 ? 4.365   9.244   8.253   1.00 22.90 ? 90  TYR A OH   1 
ATOM   131  H  H    . TYR A 1 10 ? 5.603   3.614   5.541   1.00 24.84 ? 90  TYR A H    1 
ATOM   132  H  HA   . TYR A 1 10 ? 7.415   3.275   7.495   1.00 25.57 ? 90  TYR A HA   1 
ATOM   133  H  HB2  . TYR A 1 10 ? 4.741   3.194   8.322   1.00 25.74 ? 90  TYR A HB2  1 
ATOM   134  H  HB3  . TYR A 1 10 ? 6.022   3.502   9.210   1.00 25.74 ? 90  TYR A HB3  1 
ATOM   135  H  HD1  . TYR A 1 10 ? 6.955   5.828   9.163   1.00 27.68 ? 90  TYR A HD1  1 
ATOM   136  H  HD2  . TYR A 1 10 ? 3.409   5.006   7.505   1.00 26.02 ? 90  TYR A HD2  1 
ATOM   137  H  HE1  . TYR A 1 10 ? 6.459   8.066   9.117   1.00 26.57 ? 90  TYR A HE1  1 
ATOM   138  H  HE2  . TYR A 1 10 ? 2.902   7.272   7.450   1.00 25.74 ? 90  TYR A HE2  1 
ATOM   139  H  HH   . TYR A 1 10 ? 3.603   9.380   7.925   1.00 27.48 ? 90  TYR A HH   1 
ATOM   140  N  N    . ASP A 1 11 ? 6.726   0.829   7.762   1.00 21.06 ? 91  ASP A N    1 
ATOM   141  C  CA   . ASP A 1 11 ? 6.312   -0.562  7.774   1.00 21.46 ? 91  ASP A CA   1 
ATOM   142  C  C    . ASP A 1 11 ? 4.875   -0.662  8.282   1.00 21.93 ? 91  ASP A C    1 
ATOM   143  O  O    . ASP A 1 11 ? 4.424   0.150   9.097   1.00 22.96 ? 91  ASP A O    1 
ATOM   144  C  CB   . ASP A 1 11 ? 7.176   -1.374  8.741   1.00 24.43 ? 91  ASP A CB   1 
ATOM   145  C  CG   . ASP A 1 11 ? 8.630   -1.517  8.300   1.00 27.37 ? 91  ASP A CG   1 
ATOM   146  O  OD1  . ASP A 1 11 ? 8.992   -1.293  7.131   1.00 27.01 ? 91  ASP A OD1  1 
ATOM   147  O  OD2  . ASP A 1 11 ? 9.437   -1.904  9.166   1.00 31.55 ? 91  ASP A OD2  1 
ATOM   148  H  H    . ASP A 1 11 ? 7.360   1.010   8.313   1.00 25.27 ? 91  ASP A H    1 
ATOM   149  H  HA   . ASP A 1 11 ? 6.394   -0.922  6.877   1.00 25.76 ? 91  ASP A HA   1 
ATOM   150  H  HB2  . ASP A 1 11 ? 7.172   -0.935  9.605   1.00 29.32 ? 91  ASP A HB2  1 
ATOM   151  H  HB3  . ASP A 1 11 ? 6.802   -2.265  8.819   1.00 29.32 ? 91  ASP A HB3  1 
ATOM   152  N  N    . TYR A 1 12 ? 4.161   -1.680  7.811   1.00 20.64 ? 92  TYR A N    1 
ATOM   153  C  CA   . TYR A 1 12 ? 2.807   -1.938  8.274   1.00 18.97 ? 92  TYR A CA   1 
ATOM   154  C  C    . TYR A 1 12 ? 2.584   -3.443  8.303   1.00 18.61 ? 92  TYR A C    1 
ATOM   155  O  O    . TYR A 1 12 ? 2.868   -4.134  7.316   1.00 19.24 ? 92  TYR A O    1 
ATOM   156  C  CB   . TYR A 1 12 ? 1.756   -1.273  7.374   1.00 18.75 ? 92  TYR A CB   1 
ATOM   157  C  CG   . TYR A 1 12 ? 0.358   -1.608  7.832   1.00 18.16 ? 92  TYR A CG   1 
ATOM   158  C  CD1  . TYR A 1 12 ? -0.135  -1.127  9.047   1.00 18.46 ? 92  TYR A CD1  1 
ATOM   159  C  CD2  . TYR A 1 12 ? -0.456  -2.436  7.069   1.00 17.77 ? 92  TYR A CD2  1 
ATOM   160  C  CE1  . TYR A 1 12 ? -1.388  -1.466  9.483   1.00 18.26 ? 92  TYR A CE1  1 
ATOM   161  C  CE2  . TYR A 1 12 ? -1.723  -2.760  7.484   1.00 16.96 ? 92  TYR A CE2  1 
ATOM   162  C  CZ   . TYR A 1 12 ? -2.176  -2.283  8.706   1.00 17.36 ? 92  TYR A CZ   1 
ATOM   163  O  OH   . TYR A 1 12 ? -3.421  -2.580  9.183   1.00 18.14 ? 92  TYR A OH   1 
ATOM   164  H  H    . TYR A 1 12 ? 4.442   -2.235  7.218   1.00 24.78 ? 92  TYR A H    1 
ATOM   165  H  HA   . TYR A 1 12 ? 2.704   -1.583  9.171   1.00 22.77 ? 92  TYR A HA   1 
ATOM   166  H  HB2  . TYR A 1 12 ? 1.868   -0.309  7.408   1.00 22.50 ? 92  TYR A HB2  1 
ATOM   167  H  HB3  . TYR A 1 12 ? 1.866   -1.588  6.464   1.00 22.50 ? 92  TYR A HB3  1 
ATOM   168  H  HD1  . TYR A 1 12 ? 0.395   -0.567  9.567   1.00 22.16 ? 92  TYR A HD1  1 
ATOM   169  H  HD2  . TYR A 1 12 ? -0.136  -2.777  6.264   1.00 21.34 ? 92  TYR A HD2  1 
ATOM   170  H  HE1  . TYR A 1 12 ? -1.703  -1.147  10.298  1.00 21.92 ? 92  TYR A HE1  1 
ATOM   171  H  HE2  . TYR A 1 12 ? -2.272  -3.292  6.953   1.00 20.35 ? 92  TYR A HE2  1 
ATOM   172  H  HH   . TYR A 1 12 ? -3.830  -3.069  8.636   1.00 21.77 ? 92  TYR A HH   1 
ATOM   173  N  N    . GLU A 1 13 ? 2.065   -3.936  9.430   1.00 19.20 ? 93  GLU A N    1 
ATOM   174  C  CA   . GLU A 1 13 ? 1.693   -5.337  9.594   1.00 19.67 ? 93  GLU A CA   1 
ATOM   175  C  C    . GLU A 1 13 ? 0.180   -5.507  9.484   1.00 18.49 ? 93  GLU A C    1 
ATOM   176  O  O    . GLU A 1 13 ? -0.579  -4.853  10.204  1.00 19.84 ? 93  GLU A O    1 
ATOM   177  C  CB   . GLU A 1 13 ? 2.143   -5.848  10.966  1.00 23.14 ? 93  GLU A CB   1 
ATOM   178  H  H    . GLU A 1 13 ? 1.917   -3.462  10.132  1.00 23.05 ? 93  GLU A H    1 
ATOM   179  H  HA   . GLU A 1 13 ? 2.113   -5.853  8.889   1.00 23.61 ? 93  GLU A HA   1 
ATOM   180  N  N    . SER A 1 14 ? -0.249  -6.427  8.626   1.00 18.49 ? 94  SER A N    1 
ATOM   181  C  CA   . SER A 1 14 ? -1.671  -6.713  8.469   1.00 18.50 ? 94  SER A CA   1 
ATOM   182  C  C    . SER A 1 14 ? -2.318  -7.122  9.786   1.00 19.36 ? 94  SER A C    1 
ATOM   183  O  O    . SER A 1 14 ? -1.749  -7.891  10.562  1.00 20.76 ? 94  SER A O    1 
ATOM   184  C  CB   . SER A 1 14 ? -1.825  -7.860  7.472   1.00 22.16 ? 94  SER A CB   1 
ATOM   185  O  OG   . SER A 1 14 ? -3.098  -8.472  7.528   1.00 26.03 ? 94  SER A OG   1 
ATOM   186  H  H    . SER A 1 14 ? 0.263   -6.900  8.121   1.00 22.20 ? 94  SER A H    1 
ATOM   187  H  HA   . SER A 1 14 ? -2.122  -5.914  8.155   1.00 22.21 ? 94  SER A HA   1 
ATOM   188  H  HB2  . SER A 1 14 ? -1.692  -7.509  6.577   1.00 26.60 ? 94  SER A HB2  1 
ATOM   189  H  HB3  . SER A 1 14 ? -1.153  -8.531  7.668   1.00 26.60 ? 94  SER A HB3  1 
ATOM   190  H  HG   . SER A 1 14 ? -3.696  -7.908  7.358   1.00 31.24 ? 94  SER A HG   1 
ATOM   191  N  N    . ARG A 1 15 ? -3.544  -6.632  10.010  1.00 17.94 ? 95  ARG A N    1 
ATOM   192  C  CA   . ARG A 1 15 ? -4.361  -6.985  11.166  1.00 20.19 ? 95  ARG A CA   1 
ATOM   193  C  C    . ARG A 1 15 ? -5.467  -7.973  10.837  1.00 20.83 ? 95  ARG A C    1 
ATOM   194  O  O    . ARG A 1 15 ? -5.920  -8.705  11.722  1.00 22.05 ? 95  ARG A O    1 
ATOM   195  C  CB   . ARG A 1 15 ? -5.033  -5.737  11.768  1.00 22.15 ? 95  ARG A CB   1 
ATOM   196  C  CG   . ARG A 1 15 ? -4.285  -5.096  12.905  1.00 21.80 ? 95  ARG A CG   1 
ATOM   197  C  CD   . ARG A 1 15 ? -3.036  -4.431  12.426  1.00 20.59 ? 95  ARG A CD   1 
ATOM   198  N  NE   . ARG A 1 15 ? -2.424  -3.764  13.554  1.00 20.46 ? 95  ARG A NE   1 
ATOM   199  C  CZ   . ARG A 1 15 ? -1.220  -3.221  13.537  1.00 21.95 ? 95  ARG A CZ   1 
ATOM   200  N  NH1  . ARG A 1 15 ? -0.480  -3.269  12.442  1.00 23.07 ? 95  ARG A NH1  1 
ATOM   201  N  NH2  . ARG A 1 15 ? -0.774  -2.622  14.627  1.00 23.80 ? 95  ARG A NH2  1 
ATOM   202  H  H    . ARG A 1 15 ? -3.934  -6.072  9.485   1.00 21.53 ? 95  ARG A H    1 
ATOM   203  H  HA   . ARG A 1 15 ? -3.772  -7.373  11.831  1.00 24.24 ? 95  ARG A HA   1 
ATOM   204  H  HB2  . ARG A 1 15 ? -5.125  -5.070  11.069  1.00 26.58 ? 95  ARG A HB2  1 
ATOM   205  H  HB3  . ARG A 1 15 ? -5.907  -5.990  12.101  1.00 26.58 ? 95  ARG A HB3  1 
ATOM   206  H  HG2  . ARG A 1 15 ? -4.847  -4.425  13.322  1.00 26.17 ? 95  ARG A HG2  1 
ATOM   207  H  HG3  . ARG A 1 15 ? -4.041  -5.775  13.553  1.00 26.17 ? 95  ARG A HG3  1 
ATOM   208  H  HD2  . ARG A 1 15 ? -2.420  -5.092  12.072  1.00 24.71 ? 95  ARG A HD2  1 
ATOM   209  H  HD3  . ARG A 1 15 ? -3.246  -3.776  11.743  1.00 24.71 ? 95  ARG A HD3  1 
ATOM   210  H  HE   . ARG A 1 15 ? -2.873  -3.719  14.286  1.00 24.56 ? 95  ARG A HE   1 
ATOM   211  H  HH11 . ARG A 1 15 ? -0.781  -3.656  11.735  1.00 27.69 ? 95  ARG A HH11 1 
ATOM   212  H  HH12 . ARG A 1 15 ? 0.303   -2.914  12.435  1.00 27.69 ? 95  ARG A HH12 1 
ATOM   213  H  HH21 . ARG A 1 15 ? -1.265  -2.590  15.333  1.00 28.57 ? 95  ARG A HH21 1 
ATOM   214  H  HH22 . ARG A 1 15 ? 0.008   -2.263  14.631  1.00 28.57 ? 95  ARG A HH22 1 
ATOM   215  N  N    . THR A 1 16 ? -5.933  -7.986  9.598   1.00 21.09 ? 96  THR A N    1 
ATOM   216  C  CA   . THR A 1 16 ? -7.175  -8.654  9.267   1.00 22.14 ? 96  THR A CA   1 
ATOM   217  C  C    . THR A 1 16 ? -6.959  -9.451  7.996   1.00 21.90 ? 96  THR A C    1 
ATOM   218  O  O    . THR A 1 16 ? -5.855  -9.500  7.446   1.00 23.81 ? 96  THR A O    1 
ATOM   219  C  CB   . THR A 1 16 ? -8.311  -7.638  9.078   1.00 25.03 ? 96  THR A CB   1 
ATOM   220  O  OG1  . THR A 1 16 ? -8.153  -6.984  7.810   1.00 25.59 ? 96  THR A OG1  1 
ATOM   221  C  CG2  . THR A 1 16 ? -8.355  -6.612  10.226  1.00 27.77 ? 96  THR A CG2  1 
ATOM   222  H  H    . THR A 1 16 ? -5.544  -7.611  8.929   1.00 25.32 ? 96  THR A H    1 
ATOM   223  H  HA   . THR A 1 16 ? -7.413  -9.260  9.987   1.00 26.58 ? 96  THR A HA   1 
ATOM   224  H  HB   . THR A 1 16 ? -9.165  -8.099  9.092   1.00 30.04 ? 96  THR A HB   1 
ATOM   225  H  HG1  . THR A 1 16 ? -7.418  -6.576  7.786   1.00 30.71 ? 96  THR A HG1  1 
ATOM   226  H  HG21 . THR A 1 16 ? -9.143  -6.052  10.141  1.00 33.33 ? 96  THR A HG21 1 
ATOM   227  H  HG22 . THR A 1 16 ? -8.387  -7.071  11.080  1.00 33.33 ? 96  THR A HG22 1 
ATOM   228  H  HG23 . THR A 1 16 ? -7.566  -6.050  10.200  1.00 33.33 ? 96  THR A HG23 1 
ATOM   229  N  N    . GLU A 1 17 ? -8.034  -10.049 7.495   1.00 22.57 ? 97  GLU A N    1 
ATOM   230  C  CA   . GLU A 1 17 ? -7.920  -10.808 6.260   1.00 23.63 ? 97  GLU A CA   1 
ATOM   231  C  C    . GLU A 1 17 ? -7.846  -9.911  5.032   1.00 21.37 ? 97  GLU A C    1 
ATOM   232  O  O    . GLU A 1 17 ? -7.444  -10.378 3.960   1.00 23.81 ? 97  GLU A O    1 
ATOM   233  C  CB   . GLU A 1 17 ? -9.098  -11.773 6.096   1.00 28.81 ? 97  GLU A CB   1 
ATOM   234  H  H    . GLU A 1 17 ? -8.819  -10.031 7.844   1.00 27.10 ? 97  GLU A H    1 
ATOM   235  H  HA   . GLU A 1 17 ? -7.109  -11.337 6.311   1.00 28.36 ? 97  GLU A HA   1 
ATOM   236  N  N    . THR A 1 18 ? -8.209  -8.644  5.154   1.00 17.09 ? 98  THR A N    1 
ATOM   237  C  CA   . THR A 1 18 ? -8.360  -7.823  3.972   1.00 15.83 ? 98  THR A CA   1 
ATOM   238  C  C    . THR A 1 18 ? -7.280  -6.773  3.795   1.00 15.06 ? 98  THR A C    1 
ATOM   239  O  O    . THR A 1 18 ? -7.220  -6.172  2.718   1.00 16.19 ? 98  THR A O    1 
ATOM   240  C  CB   . THR A 1 18 ? -9.724  -7.130  3.991   1.00 18.84 ? 98  THR A CB   1 
ATOM   241  O  OG1  . THR A 1 18 ? -9.757  -6.230  5.107   1.00 21.74 ? 98  THR A OG1  1 
ATOM   242  C  CG2  . THR A 1 18 ? -10.877 -8.124  4.128   1.00 19.29 ? 98  THR A CG2  1 
ATOM   243  H  H    . THR A 1 18 ? -8.370  -8.246  5.900   1.00 20.51 ? 98  THR A H    1 
ATOM   244  H  HA   . THR A 1 18 ? -8.318  -8.406  3.199   1.00 19.00 ? 98  THR A HA   1 
ATOM   245  H  HB   . THR A 1 18 ? -9.848  -6.658  3.153   1.00 22.62 ? 98  THR A HB   1 
ATOM   246  H  HG1  . THR A 1 18 ? -10.494 -5.829  5.130   1.00 26.10 ? 98  THR A HG1  1 
ATOM   247  H  HG21 . THR A 1 18 ? -11.725 -7.663  4.033   1.00 23.16 ? 98  THR A HG21 1 
ATOM   248  H  HG22 . THR A 1 18 ? -10.810 -8.805  3.441   1.00 23.16 ? 98  THR A HG22 1 
ATOM   249  H  HG23 . THR A 1 18 ? -10.846 -8.550  4.998   1.00 23.16 ? 98  THR A HG23 1 
ATOM   250  N  N    . ASP A 1 19 ? -6.451  -6.523  4.802   1.00 15.01 ? 99  ASP A N    1 
ATOM   251  C  CA   . ASP A 1 19 ? -5.394  -5.535  4.669   1.00 15.33 ? 99  ASP A CA   1 
ATOM   252  C  C    . ASP A 1 19 ? -4.099  -6.195  4.198   1.00 16.75 ? 99  ASP A C    1 
ATOM   253  O  O    . ASP A 1 19 ? -3.959  -7.417  4.165   1.00 22.16 ? 99  ASP A O    1 
ATOM   254  C  CB   . ASP A 1 19 ? -5.222  -4.663  5.925   1.00 16.21 ? 99  ASP A CB   1 
ATOM   255  C  CG   . ASP A 1 19 ? -4.910  -5.440  7.178   1.00 18.94 ? 99  ASP A CG   1 
ATOM   256  O  OD1  . ASP A 1 19 ? -5.022  -6.677  7.170   1.00 22.64 ? 99  ASP A OD1  1 
ATOM   257  O  OD2  . ASP A 1 19 ? -4.571  -4.792  8.203   1.00 18.07 ? 99  ASP A OD2  1 
ATOM   258  H  H    . ASP A 1 19 ? -6.482  -6.913  5.568   1.00 18.02 ? 99  ASP A H    1 
ATOM   259  H  HA   . ASP A 1 19 ? -5.643  -4.896  3.982   1.00 18.41 ? 99  ASP A HA   1 
ATOM   260  H  HB2  . ASP A 1 19 ? -4.492  -4.042  5.774   1.00 19.45 ? 99  ASP A HB2  1 
ATOM   261  H  HB3  . ASP A 1 19 ? -6.046  -4.175  6.079   1.00 19.45 ? 99  ASP A HB3  1 
ATOM   262  N  N    . LEU A 1 20 ? -3.184  -5.369  3.745   1.00 16.94 ? 100 LEU A N    1 
ATOM   263  C  CA   . LEU A 1 20 ? -1.954  -5.815  3.121   1.00 16.90 ? 100 LEU A CA   1 
ATOM   264  C  C    . LEU A 1 20 ? -0.789  -5.308  3.949   1.00 16.93 ? 100 LEU A C    1 
ATOM   265  O  O    . LEU A 1 20 ? -0.725  -4.114  4.254   1.00 20.25 ? 100 LEU A O    1 
ATOM   266  C  CB   . LEU A 1 20 ? -1.972  -5.182  1.736   1.00 21.95 ? 100 LEU A CB   1 
ATOM   267  C  CG   . LEU A 1 20 ? -0.800  -5.311  0.803   1.00 21.82 ? 100 LEU A CG   1 
ATOM   268  C  CD1  . LEU A 1 20 ? -0.606  -6.758  0.479   1.00 24.43 ? 100 LEU A CD1  1 
ATOM   269  C  CD2  . LEU A 1 20 ? -1.049  -4.531  -0.449  1.00 19.06 ? 100 LEU A CD2  1 
ATOM   270  H  H    . LEU A 1 20 ? -3.253  -4.513  3.788   1.00 20.33 ? 100 LEU A H    1 
ATOM   271  H  HA   . LEU A 1 20 ? -1.852  -6.777  3.069   1.00 20.28 ? 100 LEU A HA   1 
ATOM   272  H  HB2  . LEU A 1 20 ? -2.729  -5.563  1.263   1.00 26.35 ? 100 LEU A HB2  1 
ATOM   273  H  HB3  . LEU A 1 20 ? -2.106  -4.230  1.863   1.00 26.35 ? 100 LEU A HB3  1 
ATOM   274  H  HG   . LEU A 1 20 ? 0.003   -4.960  1.220   1.00 26.19 ? 100 LEU A HG   1 
ATOM   275  H  HD11 . LEU A 1 20 ? 0.118   -6.844  -0.164  1.00 29.33 ? 100 LEU A HD11 1 
ATOM   276  H  HD12 . LEU A 1 20 ? -0.382  -7.237  1.292   1.00 29.33 ? 100 LEU A HD12 1 
ATOM   277  H  HD13 . LEU A 1 20 ? -1.427  -7.110  0.102   1.00 29.33 ? 100 LEU A HD13 1 
ATOM   278  H  HD21 . LEU A 1 20 ? -0.285  -4.627  -1.039  1.00 22.88 ? 100 LEU A HD21 1 
ATOM   279  H  HD22 . LEU A 1 20 ? -1.846  -4.874  -0.882  1.00 22.88 ? 100 LEU A HD22 1 
ATOM   280  H  HD23 . LEU A 1 20 ? -1.173  -3.596  -0.220  1.00 22.88 ? 100 LEU A HD23 1 
ATOM   281  N  N    . SER A 1 21 ? 0.116   -6.212  4.335   1.00 18.49 ? 101 SER A N    1 
ATOM   282  C  CA   . SER A 1 21 ? 1.357   -5.822  4.984   1.00 18.86 ? 101 SER A CA   1 
ATOM   283  C  C    . SER A 1 21 ? 2.310   -5.242  3.946   1.00 19.48 ? 101 SER A C    1 
ATOM   284  O  O    . SER A 1 21 ? 2.253   -5.583  2.760   1.00 22.10 ? 101 SER A O    1 
ATOM   285  C  CB   . SER A 1 21 ? 2.075   -7.016  5.623   1.00 21.27 ? 101 SER A CB   1 
ATOM   286  O  OG   . SER A 1 21 ? 1.355   -7.638  6.669   1.00 22.87 ? 101 SER A OG   1 
ATOM   287  H  H    . SER A 1 21 ? 0.029   -7.061  4.231   1.00 22.19 ? 101 SER A H    1 
ATOM   288  H  HA   . SER A 1 21 ? 1.146   -5.177  5.679   1.00 22.64 ? 101 SER A HA   1 
ATOM   289  H  HB2  . SER A 1 21 ? 2.234   -7.678  4.932   1.00 25.53 ? 101 SER A HB2  1 
ATOM   290  H  HB3  . SER A 1 21 ? 2.920   -6.704  5.982   1.00 25.53 ? 101 SER A HB3  1 
ATOM   291  H  HG   . SER A 1 21 ? 1.793   -8.287  6.973   1.00 27.45 ? 101 SER A HG   1 
ATOM   292  N  N    . PHE A 1 22 ? 3.201   -4.369  4.395   1.00 18.77 ? 102 PHE A N    1 
ATOM   293  C  CA   . PHE A 1 22 ? 4.224   -3.862  3.493   1.00 18.81 ? 102 PHE A CA   1 
ATOM   294  C  C    . PHE A 1 22 ? 5.378   -3.298  4.303   1.00 20.23 ? 102 PHE A C    1 
ATOM   295  O  O    . PHE A 1 22 ? 5.255   -3.037  5.502   1.00 19.87 ? 102 PHE A O    1 
ATOM   296  C  CB   . PHE A 1 22 ? 3.681   -2.800  2.533   1.00 18.97 ? 102 PHE A CB   1 
ATOM   297  C  CG   . PHE A 1 22 ? 2.876   -1.729  3.205   1.00 16.98 ? 102 PHE A CG   1 
ATOM   298  C  CD1  . PHE A 1 22 ? 3.480   -0.624  3.796   1.00 18.06 ? 102 PHE A CD1  1 
ATOM   299  C  CD2  . PHE A 1 22 ? 1.504   -1.825  3.235   1.00 16.53 ? 102 PHE A CD2  1 
ATOM   300  C  CE1  . PHE A 1 22 ? 2.719   0.364   4.396   1.00 17.91 ? 102 PHE A CE1  1 
ATOM   301  C  CE2  . PHE A 1 22 ? 0.748   -0.850  3.844   1.00 16.40 ? 102 PHE A CE2  1 
ATOM   302  C  CZ   . PHE A 1 22 ? 1.356   0.246   4.421   1.00 17.13 ? 102 PHE A CZ   1 
ATOM   303  H  H    . PHE A 1 22 ? 3.233   -4.063  5.198   1.00 22.53 ? 102 PHE A H    1 
ATOM   304  H  HA   . PHE A 1 22 ? 4.554   -4.606  2.965   1.00 22.58 ? 102 PHE A HA   1 
ATOM   305  H  HB2  . PHE A 1 22 ? 4.430   -2.371  2.090   1.00 22.77 ? 102 PHE A HB2  1 
ATOM   306  H  HB3  . PHE A 1 22 ? 3.112   -3.232  1.880   1.00 22.77 ? 102 PHE A HB3  1 
ATOM   307  H  HD1  . PHE A 1 22 ? 4.406   -0.549  3.788   1.00 21.68 ? 102 PHE A HD1  1 
ATOM   308  H  HD2  . PHE A 1 22 ? 1.084   -2.555  2.842   1.00 19.85 ? 102 PHE A HD2  1 
ATOM   309  H  HE1  . PHE A 1 22 ? 3.131   1.105   4.778   1.00 21.50 ? 102 PHE A HE1  1 
ATOM   310  H  HE2  . PHE A 1 22 ? -0.179  -0.929  3.865   1.00 19.68 ? 102 PHE A HE2  1 
ATOM   311  H  HZ   . PHE A 1 22 ? 0.839   0.904   4.828   1.00 20.56 ? 102 PHE A HZ   1 
ATOM   312  N  N    . LYS A 1 23 ? 6.504   -3.126  3.613   1.00 19.96 ? 103 LYS A N    1 
ATOM   313  C  CA   . LYS A 1 23 ? 7.732   -2.594  4.188   1.00 20.91 ? 103 LYS A CA   1 
ATOM   314  C  C    . LYS A 1 23 ? 7.945   -1.153  3.729   1.00 20.25 ? 103 LYS A C    1 
ATOM   315  O  O    . LYS A 1 23 ? 7.588   -0.786  2.609   1.00 20.44 ? 103 LYS A O    1 
ATOM   316  C  CB   . LYS A 1 23 ? 8.945   -3.438  3.753   1.00 23.41 ? 103 LYS A CB   1 
ATOM   317  H  H    . LYS A 1 23 ? 6.582   -3.317  2.779   1.00 23.96 ? 103 LYS A H    1 
ATOM   318  H  HA   . LYS A 1 23 ? 7.667   -2.607  5.156   1.00 25.09 ? 103 LYS A HA   1 
ATOM   319  N  N    . LYS A 1 24 ? 8.559   -0.348  4.593   1.00 20.46 ? 104 LYS A N    1 
ATOM   320  C  CA   . LYS A 1 24 ? 8.988   0.983   4.177   1.00 21.30 ? 104 LYS A CA   1 
ATOM   321  C  C    . LYS A 1 24 ? 9.757   0.878   2.864   1.00 22.25 ? 104 LYS A C    1 
ATOM   322  O  O    . LYS A 1 24 ? 10.635  0.024   2.716   1.00 23.89 ? 104 LYS A O    1 
ATOM   323  C  CB   . LYS A 1 24 ? 9.873   1.593   5.265   1.00 24.48 ? 104 LYS A CB   1 
ATOM   324  C  CG   . LYS A 1 24 ? 10.333  3.007   4.964   1.00 26.89 ? 104 LYS A CG   1 
ATOM   325  C  CD   . LYS A 1 24 ? 11.227  3.531   6.068   1.00 32.76 ? 104 LYS A CD   1 
ATOM   326  C  CE   . LYS A 1 24 ? 11.456  5.022   5.931   1.00 37.24 ? 104 LYS A CE   1 
ATOM   327  N  NZ   . LYS A 1 24 ? 12.208  5.531   7.101   1.00 39.24 ? 104 LYS A NZ   1 
ATOM   328  H  H    . LYS A 1 24 ? 8.735   -0.546  5.411   1.00 24.55 ? 104 LYS A H    1 
ATOM   329  H  HA   . LYS A 1 24 ? 8.222   1.564   4.049   1.00 25.57 ? 104 LYS A HA   1 
ATOM   330  H  HB2  . LYS A 1 24 ? 9.373   1.615   6.095   1.00 29.38 ? 104 LYS A HB2  1 
ATOM   331  H  HB3  . LYS A 1 24 ? 10.664  1.041   5.367   1.00 29.38 ? 104 LYS A HB3  1 
ATOM   332  H  HG2  . LYS A 1 24 ? 10.835  3.015   4.134   1.00 32.28 ? 104 LYS A HG2  1 
ATOM   333  H  HG3  . LYS A 1 24 ? 9.561   3.590   4.891   1.00 32.28 ? 104 LYS A HG3  1 
ATOM   334  H  HD2  . LYS A 1 24 ? 10.808  3.364   6.927   1.00 39.32 ? 104 LYS A HD2  1 
ATOM   335  H  HD3  . LYS A 1 24 ? 12.086  3.084   6.026   1.00 39.32 ? 104 LYS A HD3  1 
ATOM   336  H  HE2  . LYS A 1 24 ? 11.972  5.201   5.129   1.00 44.69 ? 104 LYS A HE2  1 
ATOM   337  H  HE3  . LYS A 1 24 ? 10.603  5.482   5.886   1.00 44.69 ? 104 LYS A HE3  1 
ATOM   338  H  HZ1  . LYS A 1 24 ? 12.347  6.407   7.017   1.00 47.10 ? 104 LYS A HZ1  1 
ATOM   339  H  HZ2  . LYS A 1 24 ? 11.746  5.382   7.847   1.00 47.10 ? 104 LYS A HZ2  1 
ATOM   340  H  HZ3  . LYS A 1 24 ? 12.994  5.119   7.160   1.00 47.10 ? 104 LYS A HZ3  1 
ATOM   341  N  N    . GLY A 1 25 ? 9.415   1.741   1.906   1.00 21.54 ? 105 GLY A N    1 
ATOM   342  C  CA   . GLY A 1 25 ? 10.034  1.725   0.596   1.00 21.81 ? 105 GLY A CA   1 
ATOM   343  C  C    . GLY A 1 25 ? 9.365   0.830   -0.428  1.00 20.22 ? 105 GLY A C    1 
ATOM   344  O  O    . GLY A 1 25 ? 9.667   0.954   -1.624  1.00 22.71 ? 105 GLY A O    1 
ATOM   345  H  H    . GLY A 1 25 ? 8.816   2.352   1.999   1.00 25.85 ? 105 GLY A H    1 
ATOM   346  H  HA2  . GLY A 1 25 ? 10.032  2.628   0.242   1.00 26.18 ? 105 GLY A HA2  1 
ATOM   347  H  HA3  . GLY A 1 25 ? 10.952  1.425   0.692   1.00 26.18 ? 105 GLY A HA3  1 
ATOM   348  N  N    . GLU A 1 26 ? 8.487   -0.075  -0.006  1.00 20.72 ? 106 GLU A N    1 
ATOM   349  C  CA   . GLU A 1 26 ? 7.724   -0.890  -0.939  1.00 20.93 ? 106 GLU A CA   1 
ATOM   350  C  C    . GLU A 1 26 ? 6.809   0.025   -1.737  1.00 18.70 ? 106 GLU A C    1 
ATOM   351  O  O    . GLU A 1 26 ? 6.195   0.941   -1.188  1.00 20.27 ? 106 GLU A O    1 
ATOM   352  C  CB   . GLU A 1 26 ? 6.891   -1.907  -0.154  1.00 20.77 ? 106 GLU A CB   1 
ATOM   353  C  CG   . GLU A 1 26 ? 6.166   -2.968  -0.968  1.00 20.99 ? 106 GLU A CG   1 
ATOM   354  C  CD   . GLU A 1 26 ? 5.739   -4.163  -0.108  1.00 21.43 ? 106 GLU A CD   1 
ATOM   355  O  OE1  . GLU A 1 26 ? 6.351   -4.354  0.964   1.00 22.60 ? 106 GLU A OE1  1 
ATOM   356  O  OE2  . GLU A 1 26 ? 4.813   -4.911  -0.506  1.00 21.98 ? 106 GLU A OE2  1 
ATOM   357  H  H    . GLU A 1 26 ? 8.314   -0.235  0.821   1.00 24.87 ? 106 GLU A H    1 
ATOM   358  H  HA   . GLU A 1 26 ? 8.305   -1.375  -1.545  1.00 25.12 ? 106 GLU A HA   1 
ATOM   359  H  HB2  . GLU A 1 26 ? 7.484   -2.373  0.457   1.00 24.93 ? 106 GLU A HB2  1 
ATOM   360  H  HB3  . GLU A 1 26 ? 6.216   -1.422  0.345   1.00 24.93 ? 106 GLU A HB3  1 
ATOM   361  H  HG2  . GLU A 1 26 ? 5.370   -2.579  -1.363  1.00 25.19 ? 106 GLU A HG2  1 
ATOM   362  H  HG3  . GLU A 1 26 ? 6.757   -3.293  -1.666  1.00 25.19 ? 106 GLU A HG3  1 
ATOM   363  N  N    . ARG A 1 27 ? 6.724   -0.220  -3.035  1.00 17.66 ? 107 ARG A N    1 
ATOM   364  C  CA   . ARG A 1 27 ? 5.806   0.514   -3.884  1.00 17.26 ? 107 ARG A CA   1 
ATOM   365  C  C    . ARG A 1 27 ? 4.501   -0.243  -4.037  1.00 16.65 ? 107 ARG A C    1 
ATOM   366  O  O    . ARG A 1 27 ? 4.457   -1.481  -4.032  1.00 17.14 ? 107 ARG A O    1 
ATOM   367  C  CB   . ARG A 1 27 ? 6.447   0.830   -5.228  1.00 18.71 ? 107 ARG A CB   1 
ATOM   368  C  CG   . ARG A 1 27 ? 7.678   1.683   -5.060  1.00 20.41 ? 107 ARG A CG   1 
ATOM   369  C  CD   . ARG A 1 27 ? 8.344   2.049   -6.390  1.00 26.34 ? 107 ARG A CD   1 
ATOM   370  N  NE   . ARG A 1 27 ? 8.521   0.854   -7.199  1.00 29.98 ? 107 ARG A NE   1 
ATOM   371  C  CZ   . ARG A 1 27 ? 7.920   0.626   -8.365  1.00 33.05 ? 107 ARG A CZ   1 
ATOM   372  N  NH1  . ARG A 1 27 ? 7.107   1.529   -8.901  1.00 34.72 ? 107 ARG A NH1  1 
ATOM   373  N  NH2  . ARG A 1 27 ? 8.127   -0.525  -8.983  1.00 32.83 ? 107 ARG A NH2  1 
ATOM   374  H  H    . ARG A 1 27 ? 7.192   -0.811  -3.448  1.00 21.20 ? 107 ARG A H    1 
ATOM   375  H  HA   . ARG A 1 27 ? 5.585   1.366   -3.477  1.00 20.72 ? 107 ARG A HA   1 
ATOM   376  H  HB2  . ARG A 1 27 ? 6.705   0.004   -5.664  1.00 22.46 ? 107 ARG A HB2  1 
ATOM   377  H  HB3  . ARG A 1 27 ? 5.813   1.314   -5.781  1.00 22.46 ? 107 ARG A HB3  1 
ATOM   378  H  HG2  . ARG A 1 27 ? 7.431   2.507   -4.614  1.00 24.50 ? 107 ARG A HG2  1 
ATOM   379  H  HG3  . ARG A 1 27 ? 8.326   1.197   -4.528  1.00 24.50 ? 107 ARG A HG3  1 
ATOM   380  H  HD2  . ARG A 1 27 ? 7.783   2.674   -6.875  1.00 31.62 ? 107 ARG A HD2  1 
ATOM   381  H  HD3  . ARG A 1 27 ? 9.213   2.445   -6.223  1.00 31.62 ? 107 ARG A HD3  1 
ATOM   382  H  HE   . ARG A 1 27 ? 9.053   0.248   -6.902  1.00 35.98 ? 107 ARG A HE   1 
ATOM   383  H  HH11 . ARG A 1 27 ? 6.961   2.273   -8.493  1.00 41.67 ? 107 ARG A HH11 1 
ATOM   384  H  HH12 . ARG A 1 27 ? 6.725   1.371   -9.655  1.00 41.67 ? 107 ARG A HH12 1 
ATOM   385  H  HH21 . ARG A 1 27 ? 8.644   -1.116  -8.632  1.00 39.40 ? 107 ARG A HH21 1 
ATOM   386  H  HH22 . ARG A 1 27 ? 7.745   -0.683  -9.738  1.00 39.40 ? 107 ARG A HH22 1 
ATOM   387  N  N    . LEU A 1 28 ? 3.429   0.533   -4.150  1.00 15.84 ? 108 LEU A N    1 
ATOM   388  C  CA   . LEU A 1 28 ? 2.061   0.051   -4.136  1.00 17.27 ? 108 LEU A CA   1 
ATOM   389  C  C    . LEU A 1 28 ? 1.329   0.781   -5.246  1.00 18.17 ? 108 LEU A C    1 
ATOM   390  O  O    . LEU A 1 28 ? 1.425   2.006   -5.364  1.00 21.38 ? 108 LEU A O    1 
ATOM   391  C  CB   . LEU A 1 28 ? 1.393   0.328   -2.777  1.00 18.56 ? 108 LEU A CB   1 
ATOM   392  C  CG   . LEU A 1 28 ? 2.059   -0.436  -1.627  1.00 19.94 ? 108 LEU A CG   1 
ATOM   393  C  CD1  . LEU A 1 28 ? 2.156   0.392   -0.375  1.00 24.47 ? 108 LEU A CD1  1 
ATOM   394  C  CD2  . LEU A 1 28 ? 1.351   -1.735  -1.304  1.00 19.85 ? 108 LEU A CD2  1 
ATOM   395  H  H    . LEU A 1 28 ? 3.474   1.385   -4.241  1.00 19.01 ? 108 LEU A H    1 
ATOM   396  H  HA   . LEU A 1 28 ? 2.021   -0.906  -4.293  1.00 20.73 ? 108 LEU A HA   1 
ATOM   397  H  HB2  . LEU A 1 28 ? 1.454   1.277   -2.584  1.00 22.28 ? 108 LEU A HB2  1 
ATOM   398  H  HB3  . LEU A 1 28 ? 0.464   0.056   -2.821  1.00 22.28 ? 108 LEU A HB3  1 
ATOM   399  H  HG   . LEU A 1 28 ? 2.956   -0.644  -1.934  1.00 23.93 ? 108 LEU A HG   1 
ATOM   400  H  HD11 . LEU A 1 28 ? 2.580   -0.136  0.320   1.00 29.37 ? 108 LEU A HD11 1 
ATOM   401  H  HD12 . LEU A 1 28 ? 2.685   1.183   -0.559  1.00 29.37 ? 108 LEU A HD12 1 
ATOM   402  H  HD13 . LEU A 1 28 ? 1.263   0.648   -0.096  1.00 29.37 ? 108 LEU A HD13 1 
ATOM   403  H  HD21 . LEU A 1 28 ? 1.897   -2.247  -0.686  1.00 23.83 ? 108 LEU A HD21 1 
ATOM   404  H  HD22 . LEU A 1 28 ? 0.492   -1.535  -0.900  1.00 23.83 ? 108 LEU A HD22 1 
ATOM   405  H  HD23 . LEU A 1 28 ? 1.221   -2.238  -2.124  1.00 23.83 ? 108 LEU A HD23 1 
ATOM   406  N  N    . GLN A 1 29 ? 0.611   0.024   -6.058  1.00 17.66 ? 109 GLN A N    1 
ATOM   407  C  CA   . GLN A 1 29 ? -0.211  0.576   -7.119  1.00 19.03 ? 109 GLN A CA   1 
ATOM   408  C  C    . GLN A 1 29 ? -1.636  0.633   -6.593  1.00 19.81 ? 109 GLN A C    1 
ATOM   409  O  O    . GLN A 1 29 ? -2.190  -0.386  -6.167  1.00 20.07 ? 109 GLN A O    1 
ATOM   410  C  CB   . GLN A 1 29 ? -0.122  -0.301  -8.363  1.00 23.16 ? 109 GLN A CB   1 
ATOM   411  C  CG   . GLN A 1 29 ? -0.783  0.308   -9.559  1.00 28.33 ? 109 GLN A CG   1 
ATOM   412  C  CD   . GLN A 1 29 ? -0.067  1.542   -10.037 1.00 32.19 ? 109 GLN A CD   1 
ATOM   413  O  OE1  . GLN A 1 29 ? 1.145   1.685   -9.856  1.00 32.20 ? 109 GLN A OE1  1 
ATOM   414  N  NE2  . GLN A 1 29 ? -0.814  2.455   -10.644 1.00 35.61 ? 109 GLN A NE2  1 
ATOM   415  H  H    . GLN A 1 29 ? 0.582   -0.834  -6.013  1.00 21.20 ? 109 GLN A H    1 
ATOM   416  H  HA   . GLN A 1 29 ? 0.076   1.469   -7.364  1.00 22.84 ? 109 GLN A HA   1 
ATOM   417  H  HB2  . GLN A 1 29 ? 0.812   -0.446  -8.578  1.00 27.80 ? 109 GLN A HB2  1 
ATOM   418  H  HB3  . GLN A 1 29 ? -0.556  -1.149  -8.180  1.00 27.80 ? 109 GLN A HB3  1 
ATOM   419  H  HG2  . GLN A 1 29 ? -0.788  -0.339  -10.283 1.00 34.01 ? 109 GLN A HG2  1 
ATOM   420  H  HG3  . GLN A 1 29 ? -1.693  0.555   -9.330  1.00 34.01 ? 109 GLN A HG3  1 
ATOM   421  H  HE21 . GLN A 1 29 ? -1.658  2.322   -10.744 1.00 42.73 ? 109 GLN A HE21 1 
ATOM   422  H  HE22 . GLN A 1 29 ? -0.455  3.180   -10.937 1.00 42.73 ? 109 GLN A HE22 1 
ATOM   423  N  N    . ILE A 1 30 ? -2.215  1.823   -6.592  1.00 22.53 ? 110 ILE A N    1 
ATOM   424  C  CA   . ILE A 1 30 ? -3.553  1.988   -6.048  1.00 25.88 ? 110 ILE A CA   1 
ATOM   425  C  C    . ILE A 1 30 ? -4.543  1.559   -7.120  1.00 28.84 ? 110 ILE A C    1 
ATOM   426  O  O    . ILE A 1 30 ? -4.523  2.073   -8.245  1.00 30.75 ? 110 ILE A O    1 
ATOM   427  C  CB   . ILE A 1 30 ? -3.791  3.430   -5.589  1.00 29.65 ? 110 ILE A CB   1 
ATOM   428  C  CG1  . ILE A 1 30 ? -2.692  3.856   -4.610  1.00 30.51 ? 110 ILE A CG1  1 
ATOM   429  C  CG2  . ILE A 1 30 ? -5.136  3.550   -4.924  1.00 30.02 ? 110 ILE A CG2  1 
ATOM   430  C  CD1  . ILE A 1 30 ? -2.536  2.936   -3.398  1.00 29.59 ? 110 ILE A CD1  1 
ATOM   431  H  H    . ILE A 1 30 ? -1.857  2.543   -6.898  1.00 27.05 ? 110 ILE A H    1 
ATOM   432  H  HA   . ILE A 1 30 ? -3.671  1.416   -5.274  1.00 31.06 ? 110 ILE A HA   1 
ATOM   433  H  HB   . ILE A 1 30 ? -3.768  4.007   -6.368  1.00 35.58 ? 110 ILE A HB   1 
ATOM   434  H  HG12 . ILE A 1 30 ? -1.845  3.867   -5.081  1.00 36.61 ? 110 ILE A HG12 1 
ATOM   435  H  HG13 . ILE A 1 30 ? -2.901  4.744   -4.279  1.00 36.61 ? 110 ILE A HG13 1 
ATOM   436  H  HG21 . ILE A 1 30 ? -5.198  4.417   -4.492  1.00 36.03 ? 110 ILE A HG21 1 
ATOM   437  H  HG22 . ILE A 1 30 ? -5.829  3.466   -5.598  1.00 36.03 ? 110 ILE A HG22 1 
ATOM   438  H  HG23 . ILE A 1 30 ? -5.227  2.845   -4.265  1.00 36.03 ? 110 ILE A HG23 1 
ATOM   439  H  HD11 . ILE A 1 30 ? -1.911  3.339   -2.775  1.00 35.52 ? 110 ILE A HD11 1 
ATOM   440  H  HD12 . ILE A 1 30 ? -3.401  2.824   -2.974  1.00 35.52 ? 110 ILE A HD12 1 
ATOM   441  H  HD13 . ILE A 1 30 ? -2.200  2.076   -3.695  1.00 35.52 ? 110 ILE A HD13 1 
ATOM   442  N  N    . VAL A 1 31 ? -5.371  0.577   -6.785  1.00 30.27 ? 111 VAL A N    1 
ATOM   443  C  CA   . VAL A 1 31 ? -6.418  0.090   -7.656  1.00 34.73 ? 111 VAL A CA   1 
ATOM   444  C  C    . VAL A 1 31 ? -7.664  0.929   -7.407  1.00 39.52 ? 111 VAL A C    1 
ATOM   445  O  O    . VAL A 1 31 ? -8.514  1.074   -8.281  1.00 42.20 ? 111 VAL A O    1 
ATOM   446  C  CB   . VAL A 1 31 ? -6.701  -1.402  -7.407  1.00 35.81 ? 111 VAL A CB   1 
ATOM   447  C  CG1  . VAL A 1 31 ? -7.712  -1.920  -8.425  1.00 37.15 ? 111 VAL A CG1  1 
ATOM   448  C  CG2  . VAL A 1 31 ? -5.410  -2.210  -7.456  1.00 39.43 ? 111 VAL A CG2  1 
ATOM   449  H  H    . VAL A 1 31 ? -5.341  0.165   -6.031  1.00 36.33 ? 111 VAL A H    1 
ATOM   450  H  HA   . VAL A 1 31 ? -6.149  0.172   -8.585  1.00 41.68 ? 111 VAL A HA   1 
ATOM   451  H  HB   . VAL A 1 31 ? -7.082  -1.510  -6.521  1.00 42.98 ? 111 VAL A HB   1 
ATOM   452  H  HG11 . VAL A 1 31 ? -7.858  -2.866  -8.271  1.00 44.58 ? 111 VAL A HG11 1 
ATOM   453  H  HG12 . VAL A 1 31 ? -8.545  -1.435  -8.317  1.00 44.58 ? 111 VAL A HG12 1 
ATOM   454  H  HG13 . VAL A 1 31 ? -7.362  -1.780  -9.318  1.00 44.58 ? 111 VAL A HG13 1 
ATOM   455  H  HG21 . VAL A 1 31 ? -5.620  -3.148  -7.326  1.00 47.33 ? 111 VAL A HG21 1 
ATOM   456  H  HG22 . VAL A 1 31 ? -4.990  -2.082  -8.320  1.00 47.33 ? 111 VAL A HG22 1 
ATOM   457  H  HG23 . VAL A 1 31 ? -4.818  -1.903  -6.751  1.00 47.33 ? 111 VAL A HG23 1 
ATOM   458  N  N    . GLY A 1 36 ? -11.140 7.714   0.503   1.00 48.84 ? 116 GLY A N    1 
ATOM   459  C  CA   . GLY A 1 36 ? -11.253 7.182   1.849   1.00 47.52 ? 116 GLY A CA   1 
ATOM   460  C  C    . GLY A 1 36 ? -9.927  7.061   2.586   1.00 44.56 ? 116 GLY A C    1 
ATOM   461  O  O    . GLY A 1 36 ? -8.885  7.516   2.111   1.00 48.31 ? 116 GLY A O    1 
ATOM   462  H  H    . GLY A 1 36 ? -11.004 8.564   0.473   1.00 58.61 ? 116 GLY A H    1 
ATOM   463  H  HA2  . GLY A 1 36 ? -11.830 7.762   2.369   1.00 57.03 ? 116 GLY A HA2  1 
ATOM   464  H  HA3  . GLY A 1 36 ? -11.650 6.298   1.805   1.00 57.03 ? 116 GLY A HA3  1 
ATOM   465  N  N    . ASP A 1 37 ? -9.961  6.445   3.764   1.00 40.21 ? 117 ASP A N    1 
ATOM   466  C  CA   . ASP A 1 37 ? -8.754  6.275   4.561   1.00 35.35 ? 117 ASP A CA   1 
ATOM   467  C  C    . ASP A 1 37 ? -8.030  4.977   4.268   1.00 26.99 ? 117 ASP A C    1 
ATOM   468  O  O    . ASP A 1 37 ? -6.852  4.837   4.617   1.00 28.34 ? 117 ASP A O    1 
ATOM   469  C  CB   . ASP A 1 37 ? -9.114  6.290   6.045   1.00 39.03 ? 117 ASP A CB   1 
ATOM   470  C  CG   . ASP A 1 37 ? -9.438  7.676   6.546   1.00 42.13 ? 117 ASP A CG   1 
ATOM   471  O  OD1  . ASP A 1 37 ? -9.327  8.639   5.754   1.00 43.81 ? 117 ASP A OD1  1 
ATOM   472  O  OD2  . ASP A 1 37 ? -9.805  7.799   7.733   1.00 43.42 ? 117 ASP A OD2  1 
ATOM   473  H  H    . ASP A 1 37 ? -10.671 6.116   4.122   1.00 48.25 ? 117 ASP A H    1 
ATOM   474  H  HA   . ASP A 1 37 ? -8.153  7.012   4.373   1.00 42.43 ? 117 ASP A HA   1 
ATOM   475  H  HB2  . ASP A 1 37 ? -9.892  5.729   6.189   1.00 46.84 ? 117 ASP A HB2  1 
ATOM   476  H  HB3  . ASP A 1 37 ? -8.363  5.953   6.558   1.00 46.84 ? 117 ASP A HB3  1 
ATOM   477  N  N    . TRP A 1 38 ? -8.714  4.021   3.659   1.00 23.04 ? 118 TRP A N    1 
ATOM   478  C  CA   . TRP A 1 38 ? -8.138  2.745   3.281   1.00 18.76 ? 118 TRP A CA   1 
ATOM   479  C  C    . TRP A 1 38 ? -8.335  2.575   1.788   1.00 18.60 ? 118 TRP A C    1 
ATOM   480  O  O    . TRP A 1 38 ? -9.451  2.717   1.282   1.00 22.25 ? 118 TRP A O    1 
ATOM   481  C  CB   . TRP A 1 38 ? -8.830  1.618   4.050   1.00 19.46 ? 118 TRP A CB   1 
ATOM   482  C  CG   . TRP A 1 38 ? -8.447  1.611   5.496   1.00 18.51 ? 118 TRP A CG   1 
ATOM   483  C  CD1  . TRP A 1 38 ? -8.984  2.373   6.494   1.00 22.72 ? 118 TRP A CD1  1 
ATOM   484  C  CD2  . TRP A 1 38 ? -7.415  0.820   6.103   1.00 17.64 ? 118 TRP A CD2  1 
ATOM   485  N  NE1  . TRP A 1 38 ? -8.363  2.091   7.684   1.00 22.83 ? 118 TRP A NE1  1 
ATOM   486  C  CE2  . TRP A 1 38 ? -7.396  1.145   7.468   1.00 19.86 ? 118 TRP A CE2  1 
ATOM   487  C  CE3  . TRP A 1 38 ? -6.536  -0.161  5.633   1.00 16.29 ? 118 TRP A CE3  1 
ATOM   488  C  CZ2  . TRP A 1 38 ? -6.523  0.542   8.364   1.00 20.89 ? 118 TRP A CZ2  1 
ATOM   489  C  CZ3  . TRP A 1 38 ? -5.661  -0.748  6.526   1.00 17.02 ? 118 TRP A CZ3  1 
ATOM   490  C  CH2  . TRP A 1 38 ? -5.671  -0.405  7.876   1.00 19.48 ? 118 TRP A CH2  1 
ATOM   491  H  H    . TRP A 1 38 ? -9.544  4.093   3.448   1.00 27.65 ? 118 TRP A H    1 
ATOM   492  H  HA   . TRP A 1 38 ? -7.188  2.709   3.475   1.00 22.51 ? 118 TRP A HA   1 
ATOM   493  H  HB2  . TRP A 1 38 ? -9.790  1.735   3.991   1.00 23.36 ? 118 TRP A HB2  1 
ATOM   494  H  HB3  . TRP A 1 38 ? -8.574  0.766   3.664   1.00 23.36 ? 118 TRP A HB3  1 
ATOM   495  H  HD1  . TRP A 1 38 ? -9.670  2.991   6.382   1.00 27.28 ? 118 TRP A HD1  1 
ATOM   496  H  HE1  . TRP A 1 38 ? -8.550  2.450   8.443   1.00 27.41 ? 118 TRP A HE1  1 
ATOM   497  H  HE3  . TRP A 1 38 ? -6.542  -0.413  4.737   1.00 19.56 ? 118 TRP A HE3  1 
ATOM   498  H  HZ2  . TRP A 1 38 ? -6.520  0.777   9.265   1.00 25.07 ? 118 TRP A HZ2  1 
ATOM   499  H  HZ3  . TRP A 1 38 ? -5.054  -1.383  6.219   1.00 20.44 ? 118 TRP A HZ3  1 
ATOM   500  H  HH2  . TRP A 1 38 ? -5.084  -0.831  8.458   1.00 23.38 ? 118 TRP A HH2  1 
ATOM   501  N  N    . TRP A 1 39 ? -7.257  2.262   1.097   1.00 16.37 ? 119 TRP A N    1 
ATOM   502  C  CA   . TRP A 1 39 ? -7.248  2.161   -0.347  1.00 16.91 ? 119 TRP A CA   1 
ATOM   503  C  C    . TRP A 1 39 ? -6.909  0.738   -0.750  1.00 16.79 ? 119 TRP A C    1 
ATOM   504  O  O    . TRP A 1 39 ? -6.060  0.095   -0.130  1.00 16.89 ? 119 TRP A O    1 
ATOM   505  C  CB   . TRP A 1 39 ? -6.150  3.066   -0.872  1.00 18.19 ? 119 TRP A CB   1 
ATOM   506  C  CG   . TRP A 1 39 ? -6.436  4.521   -0.810  1.00 19.53 ? 119 TRP A CG   1 
ATOM   507  C  CD1  . TRP A 1 39 ? -7.586  5.138   -0.412  1.00 22.33 ? 119 TRP A CD1  1 
ATOM   508  C  CD2  . TRP A 1 39 ? -5.533  5.557   -1.181  1.00 22.01 ? 119 TRP A CD2  1 
ATOM   509  N  NE1  . TRP A 1 39 ? -7.453  6.501   -0.526  1.00 24.90 ? 119 TRP A NE1  1 
ATOM   510  C  CE2  . TRP A 1 39 ? -6.199  6.781   -1.001  1.00 23.20 ? 119 TRP A CE2  1 
ATOM   511  C  CE3  . TRP A 1 39 ? -4.220  5.565   -1.656  1.00 22.33 ? 119 TRP A CE3  1 
ATOM   512  C  CZ2  . TRP A 1 39 ? -5.592  8.004   -1.273  1.00 24.28 ? 119 TRP A CZ2  1 
ATOM   513  C  CZ3  . TRP A 1 39 ? -3.621  6.776   -1.930  1.00 25.43 ? 119 TRP A CZ3  1 
ATOM   514  C  CH2  . TRP A 1 39 ? -4.306  7.978   -1.745  1.00 25.61 ? 119 TRP A CH2  1 
ATOM   515  H  H    . TRP A 1 39 ? -6.493  2.099   1.455   1.00 19.65 ? 119 TRP A H    1 
ATOM   516  H  HA   . TRP A 1 39 ? -8.113  2.396   -0.718  1.00 20.29 ? 119 TRP A HA   1 
ATOM   517  H  HB2  . TRP A 1 39 ? -5.348  2.906   -0.350  1.00 21.84 ? 119 TRP A HB2  1 
ATOM   518  H  HB3  . TRP A 1 39 ? -5.990  2.843   -1.802  1.00 21.84 ? 119 TRP A HB3  1 
ATOM   519  H  HD1  . TRP A 1 39 ? -8.349  4.698   -0.108  1.00 26.80 ? 119 TRP A HD1  1 
ATOM   520  H  HE1  . TRP A 1 39 ? -8.057  7.081   -0.331  1.00 29.88 ? 119 TRP A HE1  1 
ATOM   521  H  HE3  . TRP A 1 39 ? -3.759  4.768   -1.785  1.00 26.80 ? 119 TRP A HE3  1 
ATOM   522  H  HZ2  . TRP A 1 39 ? -6.041  8.807   -1.139  1.00 29.15 ? 119 TRP A HZ2  1 
ATOM   523  H  HZ3  . TRP A 1 39 ? -2.745  6.791   -2.243  1.00 30.53 ? 119 TRP A HZ3  1 
ATOM   524  H  HH2  . TRP A 1 39 ? -3.880  8.781   -1.946  1.00 30.74 ? 119 TRP A HH2  1 
ATOM   525  N  N    . LEU A 1 40 ? -7.546  0.258   -1.812  1.00 17.17 ? 120 LEU A N    1 
ATOM   526  C  CA   . LEU A 1 40 ? -7.194  -1.038  -2.369  1.00 17.96 ? 120 LEU A CA   1 
ATOM   527  C  C    . LEU A 1 40 ? -5.937  -0.874  -3.204  1.00 17.51 ? 120 LEU A C    1 
ATOM   528  O  O    . LEU A 1 40 ? -5.880  -0.022  -4.099  1.00 19.94 ? 120 LEU A O    1 
ATOM   529  C  CB   . LEU A 1 40 ? -8.316  -1.566  -3.252  1.00 18.94 ? 120 LEU A CB   1 
ATOM   530  C  CG   . LEU A 1 40 ? -8.126  -2.996  -3.749  1.00 22.63 ? 120 LEU A CG   1 
ATOM   531  C  CD1  . LEU A 1 40 ? -8.190  -3.999  -2.623  1.00 22.03 ? 120 LEU A CD1  1 
ATOM   532  C  CD2  . LEU A 1 40 ? -9.166  -3.311  -4.822  1.00 24.92 ? 120 LEU A CD2  1 
ATOM   533  H  H    . LEU A 1 40 ? -8.182  0.664   -2.224  1.00 20.61 ? 120 LEU A H    1 
ATOM   534  H  HA   . LEU A 1 40 ? -7.044  -1.675  -1.654  1.00 21.56 ? 120 LEU A HA   1 
ATOM   535  H  HB2  . LEU A 1 40 ? -9.143  -1.543  -2.744  1.00 22.73 ? 120 LEU A HB2  1 
ATOM   536  H  HB3  . LEU A 1 40 ? -8.389  -0.995  -4.031  1.00 22.73 ? 120 LEU A HB3  1 
ATOM   537  H  HG   . LEU A 1 40 ? -7.242  -3.076  -4.138  1.00 27.16 ? 120 LEU A HG   1 
ATOM   538  H  HD11 . LEU A 1 40 ? -8.171  -4.895  -2.997  1.00 26.44 ? 120 LEU A HD11 1 
ATOM   539  H  HD12 . LEU A 1 40 ? -7.425  -3.869  -2.041  1.00 26.44 ? 120 LEU A HD12 1 
ATOM   540  H  HD13 . LEU A 1 40 ? -9.010  -3.865  -2.126  1.00 26.44 ? 120 LEU A HD13 1 
ATOM   541  H  HD21 . LEU A 1 40 ? -9.042  -4.225  -5.125  1.00 29.90 ? 120 LEU A HD21 1 
ATOM   542  H  HD22 . LEU A 1 40 ? -10.053 -3.207  -4.443  1.00 29.90 ? 120 LEU A HD22 1 
ATOM   543  H  HD23 . LEU A 1 40 ? -9.050  -2.698  -5.564  1.00 29.90 ? 120 LEU A HD23 1 
ATOM   544  N  N    . ALA A 1 41 ? -4.938  -1.693  -2.919  1.00 16.58 ? 121 ALA A N    1 
ATOM   545  C  CA   . ALA A 1 41 ? -3.645  -1.549  -3.550  1.00 16.93 ? 121 ALA A CA   1 
ATOM   546  C  C    . ALA A 1 41 ? -3.090  -2.910  -3.915  1.00 16.87 ? 121 ALA A C    1 
ATOM   547  O  O    . ALA A 1 41 ? -3.434  -3.930  -3.319  1.00 18.82 ? 121 ALA A O    1 
ATOM   548  C  CB   . ALA A 1 41 ? -2.672  -0.874  -2.585  1.00 18.42 ? 121 ALA A CB   1 
ATOM   549  H  H    . ALA A 1 41 ? -4.988  -2.344  -2.359  1.00 19.91 ? 121 ALA A H    1 
ATOM   550  H  HA   . ALA A 1 41 ? -3.741  -1.030  -4.364  1.00 20.32 ? 121 ALA A HA   1 
ATOM   551  H  HB1  . ALA A 1 41 ? -1.808  -0.790  -3.016  1.00 22.11 ? 121 ALA A HB1  1 
ATOM   552  H  HB2  . ALA A 1 41 ? -3.013  0.004   -2.355  1.00 22.11 ? 121 ALA A HB2  1 
ATOM   553  H  HB3  . ALA A 1 41 ? -2.592  -1.418  -1.786  1.00 22.11 ? 121 ALA A HB3  1 
ATOM   554  N  N    . ARG A 1 42 ? -2.180  -2.906  -4.878  1.00 17.47 ? 122 ARG A N    1 
ATOM   555  C  CA   . ARG A 1 42 ? -1.414  -4.088  -5.224  1.00 17.82 ? 122 ARG A CA   1 
ATOM   556  C  C    . ARG A 1 42 ? 0.040   -3.784  -4.916  1.00 15.68 ? 122 ARG A C    1 
ATOM   557  O  O    . ARG A 1 42 ? 0.585   -2.782  -5.394  1.00 17.15 ? 122 ARG A O    1 
ATOM   558  C  CB   . ARG A 1 42 ? -1.560  -4.411  -6.710  1.00 21.15 ? 122 ARG A CB   1 
ATOM   559  C  CG   . ARG A 1 42 ? -0.760  -5.630  -7.185  1.00 25.57 ? 122 ARG A CG   1 
ATOM   560  C  CD   . ARG A 1 42 ? -1.057  -5.994  -8.656  1.00 32.82 ? 122 ARG A CD   1 
ATOM   561  N  NE   . ARG A 1 42 ? -0.912  -4.839  -9.542  1.00 38.65 ? 122 ARG A NE   1 
ATOM   562  C  CZ   . ARG A 1 42 ? -1.916  -4.076  -9.976  1.00 41.90 ? 122 ARG A CZ   1 
ATOM   563  N  NH1  . ARG A 1 42 ? -3.173  -4.336  -9.630  1.00 42.75 ? 122 ARG A NH1  1 
ATOM   564  N  NH2  . ARG A 1 42 ? -1.654  -3.044  -10.769 1.00 42.78 ? 122 ARG A NH2  1 
ATOM   565  H  H    . ARG A 1 42 ? -1.986  -2.216  -5.353  1.00 20.97 ? 122 ARG A H    1 
ATOM   566  H  HA   . ARG A 1 42 ? -1.713  -4.855  -4.712  1.00 21.38 ? 122 ARG A HA   1 
ATOM   567  H  HB2  . ARG A 1 42 ? -2.496  -4.587  -6.896  1.00 25.38 ? 122 ARG A HB2  1 
ATOM   568  H  HB3  . ARG A 1 42 ? -1.258  -3.646  -7.223  1.00 25.38 ? 122 ARG A HB3  1 
ATOM   569  H  HG2  . ARG A 1 42 ? 0.188   -5.437  -7.109  1.00 30.69 ? 122 ARG A HG2  1 
ATOM   570  H  HG3  . ARG A 1 42 ? -0.988  -6.394  -6.634  1.00 30.69 ? 122 ARG A HG3  1 
ATOM   571  H  HD2  . ARG A 1 42 ? -0.436  -6.680  -8.947  1.00 39.38 ? 122 ARG A HD2  1 
ATOM   572  H  HD3  . ARG A 1 42 ? -1.967  -6.319  -8.727  1.00 39.38 ? 122 ARG A HD3  1 
ATOM   573  H  HE   . ARG A 1 42 ? -0.118  -4.636  -9.803  1.00 46.38 ? 122 ARG A HE   1 
ATOM   574  H  HH11 . ARG A 1 42 ? -3.349  -5.004  -9.119  1.00 51.31 ? 122 ARG A HH11 1 
ATOM   575  H  HH12 . ARG A 1 42 ? -3.810  -3.836  -9.919  1.00 51.31 ? 122 ARG A HH12 1 
ATOM   576  H  HH21 . ARG A 1 42 ? -0.843  -2.871  -10.998 1.00 51.34 ? 122 ARG A HH21 1 
ATOM   577  H  HH22 . ARG A 1 42 ? -2.296  -2.547  -11.054 1.00 51.34 ? 122 ARG A HH22 1 
ATOM   578  N  N    . SER A 1 43 ? 0.662   -4.641  -4.121  1.00 15.58 ? 123 SER A N    1 
ATOM   579  C  CA   . SER A 1 43 ? 2.080   -4.498  -3.867  1.00 16.22 ? 123 SER A CA   1 
ATOM   580  C  C    . SER A 1 43 ? 2.885   -4.769  -5.130  1.00 15.66 ? 123 SER A C    1 
ATOM   581  O  O    . SER A 1 43 ? 2.723   -5.811  -5.783  1.00 16.55 ? 123 SER A O    1 
ATOM   582  C  CB   . SER A 1 43 ? 2.526   -5.487  -2.803  1.00 16.77 ? 123 SER A CB   1 
ATOM   583  O  OG   . SER A 1 43 ? 3.940   -5.507  -2.744  1.00 17.33 ? 123 SER A OG   1 
ATOM   584  H  H    . SER A 1 43 ? 0.289   -5.307  -3.724  1.00 18.70 ? 123 SER A H    1 
ATOM   585  H  HA   . SER A 1 43 ? 2.246   -3.592  -3.566  1.00 19.47 ? 123 SER A HA   1 
ATOM   586  H  HB2  . SER A 1 43 ? 2.171   -5.214  -1.942  1.00 20.13 ? 123 SER A HB2  1 
ATOM   587  H  HB3  . SER A 1 43 ? 2.201   -6.372  -3.031  1.00 20.13 ? 123 SER A HB3  1 
ATOM   588  H  HG   . SER A 1 43 ? 4.230   -4.741  -2.553  1.00 20.81 ? 123 SER A HG   1 
ATOM   589  N  N    . LEU A 1 44 ? 3.792   -3.856  -5.453  1.00 16.74 ? 124 LEU A N    1 
ATOM   590  C  CA   . LEU A 1 44 ? 4.693   -4.043  -6.581  1.00 17.27 ? 124 LEU A CA   1 
ATOM   591  C  C    . LEU A 1 44 ? 5.915   -4.868  -6.217  1.00 17.96 ? 124 LEU A C    1 
ATOM   592  O  O    . LEU A 1 44 ? 6.715   -5.176  -7.106  1.00 18.14 ? 124 LEU A O    1 
ATOM   593  C  CB   . LEU A 1 44 ? 5.041   -2.688  -7.181  1.00 18.76 ? 124 LEU A CB   1 
ATOM   594  C  CG   . LEU A 1 44 ? 3.796   -1.940  -7.665  1.00 18.23 ? 124 LEU A CG   1 
ATOM   595  C  CD1  . LEU A 1 44 ? 4.216   -0.569  -8.200  1.00 21.02 ? 124 LEU A CD1  1 
ATOM   596  C  CD2  . LEU A 1 44 ? 2.984   -2.671  -8.694  1.00 20.37 ? 124 LEU A CD2  1 
ATOM   597  H  H    . LEU A 1 44 ? 3.905   -3.115  -5.031  1.00 20.10 ? 124 LEU A H    1 
ATOM   598  H  HA   . LEU A 1 44 ? 4.254   -4.536  -7.293  1.00 20.72 ? 124 LEU A HA   1 
ATOM   599  H  HB2  . LEU A 1 44 ? 5.479   -2.144  -6.508  1.00 22.52 ? 124 LEU A HB2  1 
ATOM   600  H  HB3  . LEU A 1 44 ? 5.633   -2.817  -7.940  1.00 22.52 ? 124 LEU A HB3  1 
ATOM   601  H  HG   . LEU A 1 44 ? 3.203   -1.850  -6.902  1.00 21.88 ? 124 LEU A HG   1 
ATOM   602  H  HD11 . LEU A 1 44 ? 3.426   -0.083  -8.483  1.00 25.23 ? 124 LEU A HD11 1 
ATOM   603  H  HD12 . LEU A 1 44 ? 4.669   -0.080  -7.495  1.00 25.23 ? 124 LEU A HD12 1 
ATOM   604  H  HD13 . LEU A 1 44 ? 4.815   -0.693  -8.953  1.00 25.23 ? 124 LEU A HD13 1 
ATOM   605  H  HD21 . LEU A 1 44 ? 2.331   -2.061  -9.071  1.00 24.45 ? 124 LEU A HD21 1 
ATOM   606  H  HD22 . LEU A 1 44 ? 3.575   -2.995  -9.390  1.00 24.45 ? 124 LEU A HD22 1 
ATOM   607  H  HD23 . LEU A 1 44 ? 2.533   -3.417  -8.269  1.00 24.45 ? 124 LEU A HD23 1 
ATOM   608  N  N    . THR A 1 45 ? 6.026   -5.303  -4.960  1.00 17.04 ? 125 THR A N    1 
ATOM   609  C  CA   . THR A 1 45 ? 6.994   -6.303  -4.533  1.00 17.97 ? 125 THR A CA   1 
ATOM   610  C  C    . THR A 1 45 ? 6.390   -7.704  -4.559  1.00 19.06 ? 125 THR A C    1 
ATOM   611  O  O    . THR A 1 45 ? 6.963   -8.614  -5.158  1.00 19.15 ? 125 THR A O    1 
ATOM   612  C  CB   . THR A 1 45 ? 7.510   -5.983  -3.128  1.00 20.88 ? 125 THR A CB   1 
ATOM   613  O  OG1  . THR A 1 45 ? 8.298   -4.787  -3.160  1.00 22.15 ? 125 THR A OG1  1 
ATOM   614  C  CG2  . THR A 1 45 ? 8.358   -7.117  -2.596  1.00 21.19 ? 125 THR A CG2  1 
ATOM   615  H  H    . THR A 1 45 ? 5.533   -5.021  -4.315  1.00 20.45 ? 125 THR A H    1 
ATOM   616  H  HA   . THR A 1 45 ? 7.751   -6.280  -5.138  1.00 21.57 ? 125 THR A HA   1 
ATOM   617  H  HB   . THR A 1 45 ? 6.754   -5.859  -2.533  1.00 25.07 ? 125 THR A HB   1 
ATOM   618  H  HG1  . THR A 1 45 ? 7.829   -4.141  -3.422  1.00 26.59 ? 125 THR A HG1  1 
ATOM   619  H  HG21 . THR A 1 45 ? 8.912   -6.802  -1.865  1.00 25.43 ? 125 THR A HG21 1 
ATOM   620  H  HG22 . THR A 1 45 ? 7.789   -7.834  -2.274  1.00 25.43 ? 125 THR A HG22 1 
ATOM   621  H  HG23 . THR A 1 45 ? 8.931   -7.462  -3.299  1.00 25.43 ? 125 THR A HG23 1 
ATOM   622  N  N    . THR A 1 46 ? 5.232   -7.899  -3.935  1.00 19.09 ? 126 THR A N    1 
ATOM   623  C  CA   . THR A 1 46 ? 4.698   -9.244  -3.794  1.00 19.89 ? 126 THR A CA   1 
ATOM   624  C  C    . THR A 1 46 ? 3.585   -9.568  -4.782  1.00 19.70 ? 126 THR A C    1 
ATOM   625  O  O    . THR A 1 46 ? 3.254   -10.745 -4.948  1.00 21.63 ? 126 THR A O    1 
ATOM   626  C  CB   . THR A 1 46 ? 4.138   -9.443  -2.383  1.00 19.77 ? 126 THR A CB   1 
ATOM   627  O  OG1  . THR A 1 46 ? 2.984   -8.613  -2.263  1.00 18.69 ? 126 THR A OG1  1 
ATOM   628  C  CG2  . THR A 1 46 ? 5.150   -9.070  -1.313  1.00 22.10 ? 126 THR A CG2  1 
ATOM   629  H  H    . THR A 1 46 ? 4.747   -7.277  -3.591  1.00 22.91 ? 126 THR A H    1 
ATOM   630  H  HA   . THR A 1 46 ? 5.424   -9.871  -3.937  1.00 23.88 ? 126 THR A HA   1 
ATOM   631  H  HB   . THR A 1 46 ? 3.918   -10.377 -2.240  1.00 23.73 ? 126 THR A HB   1 
ATOM   632  H  HG1  . THR A 1 46 ? 2.651   -8.694  -1.495  1.00 22.43 ? 126 THR A HG1  1 
ATOM   633  H  HG21 . THR A 1 46 ? 4.809   -9.309  -0.437  1.00 26.52 ? 126 THR A HG21 1 
ATOM   634  H  HG22 . THR A 1 46 ? 5.983   -9.543  -1.465  1.00 26.52 ? 126 THR A HG22 1 
ATOM   635  H  HG23 . THR A 1 46 ? 5.319   -8.116  -1.336  1.00 26.52 ? 126 THR A HG23 1 
ATOM   636  N  N    . GLY A 1 47 ? 2.999   -8.571  -5.434  1.00 18.71 ? 127 GLY A N    1 
ATOM   637  C  CA   . GLY A 1 47 ? 1.831   -8.775  -6.260  1.00 18.94 ? 127 GLY A CA   1 
ATOM   638  C  C    . GLY A 1 47 ? 0.542   -9.037  -5.512  1.00 18.83 ? 127 GLY A C    1 
ATOM   639  O  O    . GLY A 1 47 ? -0.499  -9.240  -6.152  1.00 23.20 ? 127 GLY A O    1 
ATOM   640  H  H    . GLY A 1 47 ? 3.267   -7.754  -5.409  1.00 22.46 ? 127 GLY A H    1 
ATOM   641  H  HA2  . GLY A 1 47 ? 1.697   -7.985  -6.807  1.00 22.73 ? 127 GLY A HA2  1 
ATOM   642  H  HA3  . GLY A 1 47 ? 1.993   -9.536  -6.840  1.00 22.73 ? 127 GLY A HA3  1 
ATOM   643  N  N    . LYS A 1 48 ? 0.560   -9.003  -4.185  1.00 17.19 ? 128 LYS A N    1 
ATOM   644  C  CA   . LYS A 1 48 ? -0.641  -9.248  -3.415  1.00 18.46 ? 128 LYS A CA   1 
ATOM   645  C  C    . LYS A 1 48 ? -1.467  -7.976  -3.374  1.00 17.06 ? 128 LYS A C    1 
ATOM   646  O  O    . LYS A 1 48 ? -0.935  -6.865  -3.357  1.00 17.73 ? 128 LYS A O    1 
ATOM   647  C  CB   . LYS A 1 48 ? -0.257  -9.667  -2.004  1.00 20.84 ? 128 LYS A CB   1 
ATOM   648  C  CG   . LYS A 1 48 ? -1.403  -10.132 -1.159  1.00 29.53 ? 128 LYS A CG   1 
ATOM   649  C  CD   . LYS A 1 48 ? -0.981  -10.291 0.286   1.00 34.76 ? 128 LYS A CD   1 
ATOM   650  C  CE   . LYS A 1 48 ? -1.970  -11.163 1.054   1.00 38.50 ? 128 LYS A CE   1 
ATOM   651  N  NZ   . LYS A 1 48 ? -1.298  -11.832 2.206   1.00 42.99 ? 128 LYS A NZ   1 
ATOM   652  H  H    . LYS A 1 48 ? 1.259   -8.839  -3.712  1.00 20.63 ? 128 LYS A H    1 
ATOM   653  H  HA   . LYS A 1 48 ? -1.175  -9.956  -3.807  1.00 22.15 ? 128 LYS A HA   1 
ATOM   654  H  HB2  . LYS A 1 48 ? 0.379   -10.397 -2.061  1.00 25.01 ? 128 LYS A HB2  1 
ATOM   655  H  HB3  . LYS A 1 48 ? 0.147   -8.908  -1.556  1.00 25.01 ? 128 LYS A HB3  1 
ATOM   656  H  HG2  . LYS A 1 48 ? -2.121  -9.480  -1.199  1.00 35.44 ? 128 LYS A HG2  1 
ATOM   657  H  HG3  . LYS A 1 48 ? -1.717  -10.990 -1.484  1.00 35.44 ? 128 LYS A HG3  1 
ATOM   658  H  HD2  . LYS A 1 48 ? -0.108  -10.713 0.322   1.00 41.71 ? 128 LYS A HD2  1 
ATOM   659  H  HD3  . LYS A 1 48 ? -0.946  -9.420  0.710   1.00 41.71 ? 128 LYS A HD3  1 
ATOM   660  H  HE2  . LYS A 1 48 ? -2.691  -10.611 1.396   1.00 46.21 ? 128 LYS A HE2  1 
ATOM   661  H  HE3  . LYS A 1 48 ? -2.325  -11.846 0.465   1.00 46.21 ? 128 LYS A HE3  1 
ATOM   662  H  HZ1  . LYS A 1 48 ? -1.882  -12.340 2.645   1.00 51.60 ? 128 LYS A HZ1  1 
ATOM   663  H  HZ2  . LYS A 1 48 ? -0.632  -12.345 1.913   1.00 51.60 ? 128 LYS A HZ2  1 
ATOM   664  H  HZ3  . LYS A 1 48 ? -0.970  -11.221 2.763   1.00 51.60 ? 128 LYS A HZ3  1 
ATOM   665  N  N    . THR A 1 49 ? -2.776  -8.153  -3.369  1.00 17.96 ? 129 THR A N    1 
ATOM   666  C  CA   A THR A 1 49 ? -3.738  -7.060  -3.352  0.42 19.59 ? 129 THR A CA   1 
ATOM   667  C  CA   B THR A 1 49 ? -3.724  -7.046  -3.336  0.58 19.06 ? 129 THR A CA   1 
ATOM   668  C  C    . THR A 1 49 ? -4.449  -7.039  -2.004  1.00 20.37 ? 129 THR A C    1 
ATOM   669  O  O    . THR A 1 49 ? -4.792  -8.087  -1.457  1.00 25.08 ? 129 THR A O    1 
ATOM   670  C  CB   A THR A 1 49 ? -4.756  -7.282  -4.471  0.42 22.34 ? 129 THR A CB   1 
ATOM   671  C  CB   B THR A 1 49 ? -4.756  -7.195  -4.436  0.58 22.19 ? 129 THR A CB   1 
ATOM   672  O  OG1  A THR A 1 49 ? -5.535  -6.104  -4.692  0.42 24.89 ? 129 THR A OG1  1 
ATOM   673  O  OG1  B THR A 1 49 ? -5.467  -8.411  -4.203  0.58 28.91 ? 129 THR A OG1  1 
ATOM   674  C  CG2  A THR A 1 49 ? -5.699  -8.400  -4.088  0.42 23.41 ? 129 THR A CG2  1 
ATOM   675  C  CG2  B THR A 1 49 ? -4.076  -7.185  -5.777  0.58 19.26 ? 129 THR A CG2  1 
ATOM   676  H  H    A THR A 1 49 ? -3.149  -8.927  -3.375  0.42 21.56 ? 129 THR A H    1 
ATOM   677  H  H    B THR A 1 49 ? -3.153  -8.925  -3.385  0.58 21.56 ? 129 THR A H    1 
ATOM   678  H  HA   . THR A 1 49 ? -3.300  -6.203  -3.476  1.00 22.88 ? 129 THR A HA   1 
ATOM   679  H  HB   A THR A 1 49 ? -4.279  -7.506  -5.285  0.42 26.81 ? 129 THR A HB   1 
ATOM   680  H  HB   B THR A 1 49 ? -5.391  -6.461  -4.444  0.58 26.63 ? 129 THR A HB   1 
ATOM   681  H  HG1  A THR A 1 49 ? -6.092  -6.238  -5.306  0.42 29.87 ? 129 THR A HG1  1 
ATOM   682  H  HG1  B THR A 1 49 ? -6.049  -8.523  -4.797  0.58 34.69 ? 129 THR A HG1  1 
ATOM   683  H  HG21 A THR A 1 49 ? -6.317  -8.576  -4.814  0.42 28.10 ? 129 THR A HG21 1 
ATOM   684  H  HG21 B THR A 1 49 ? -4.645  -7.606  -6.441  0.58 23.12 ? 129 THR A HG21 1 
ATOM   685  H  HG22 A THR A 1 49 ? -5.197  -9.208  -3.900  0.42 28.10 ? 129 THR A HG22 1 
ATOM   686  H  HG22 B THR A 1 49 ? -3.893  -6.273  -6.051  0.58 23.12 ? 129 THR A HG22 1 
ATOM   687  H  HG23 A THR A 1 49 ? -6.204  -8.152  -3.298  0.42 28.10 ? 129 THR A HG23 1 
ATOM   688  H  HG23 B THR A 1 49 ? -3.238  -7.672  -5.729  0.58 23.12 ? 129 THR A HG23 1 
ATOM   689  N  N    . GLY A 1 50 ? -4.697  -5.849  -1.495  1.00 17.17 ? 130 GLY A N    1 
ATOM   690  C  CA   . GLY A 1 50 ? -5.427  -5.700  -0.250  1.00 15.68 ? 130 GLY A CA   1 
ATOM   691  C  C    . GLY A 1 50 ? -5.483  -4.235  0.119   1.00 14.69 ? 130 GLY A C    1 
ATOM   692  O  O    . GLY A 1 50 ? -4.971  -3.368  -0.596  1.00 16.31 ? 130 GLY A O    1 
ATOM   693  H  H    . GLY A 1 50 ? -4.453  -5.104  -1.851  1.00 20.61 ? 130 GLY A H    1 
ATOM   694  H  HA2  . GLY A 1 50 ? -6.331  -6.040  -0.350  1.00 18.83 ? 130 GLY A HA2  1 
ATOM   695  H  HA3  . GLY A 1 50 ? -4.984  -6.191  0.459   1.00 18.83 ? 130 GLY A HA3  1 
ATOM   696  N  N    . TYR A 1 51 ? -6.111  -3.956  1.248   1.00 14.60 ? 131 TYR A N    1 
ATOM   697  C  CA   . TYR A 1 51 ? -6.304  -2.583  1.672   1.00 14.34 ? 131 TYR A CA   1 
ATOM   698  C  C    . TYR A 1 51 ? -5.130  -2.081  2.487   1.00 14.34 ? 131 TYR A C    1 
ATOM   699  O  O    . TYR A 1 51 ? -4.578  -2.797  3.337   1.00 15.00 ? 131 TYR A O    1 
ATOM   700  C  CB   . TYR A 1 51 ? -7.602  -2.471  2.457   1.00 14.69 ? 131 TYR A CB   1 
ATOM   701  C  CG   . TYR A 1 51 ? -8.794  -2.616  1.556   1.00 15.18 ? 131 TYR A CG   1 
ATOM   702  C  CD1  . TYR A 1 51 ? -9.260  -1.532  0.830   1.00 16.56 ? 131 TYR A CD1  1 
ATOM   703  C  CD2  . TYR A 1 51 ? -9.424  -3.838  1.392   1.00 16.16 ? 131 TYR A CD2  1 
ATOM   704  C  CE1  . TYR A 1 51 ? -10.330 -1.638  -0.010  1.00 17.64 ? 131 TYR A CE1  1 
ATOM   705  C  CE2  . TYR A 1 51 ? -10.518 -3.962  0.549   1.00 17.05 ? 131 TYR A CE2  1 
ATOM   706  C  CZ   . TYR A 1 51 ? -10.944 -2.859  -0.174  1.00 16.98 ? 131 TYR A CZ   1 
ATOM   707  O  OH   . TYR A 1 51 ? -12.011 -2.960  -1.032  1.00 18.25 ? 131 TYR A OH   1 
ATOM   708  H  H    . TYR A 1 51 ? -6.434  -4.544  1.785   1.00 17.53 ? 131 TYR A H    1 
ATOM   709  H  HA   . TYR A 1 51 ? -6.360  -2.005  0.895   1.00 17.22 ? 131 TYR A HA   1 
ATOM   710  H  HB2  . TYR A 1 51 ? -7.634  -3.173  3.126   1.00 17.63 ? 131 TYR A HB2  1 
ATOM   711  H  HB3  . TYR A 1 51 ? -7.645  -1.603  2.887   1.00 17.63 ? 131 TYR A HB3  1 
ATOM   712  H  HD1  . TYR A 1 51 ? -8.834  -0.710  0.917   1.00 19.87 ? 131 TYR A HD1  1 
ATOM   713  H  HD2  . TYR A 1 51 ? -9.110  -4.583  1.852   1.00 19.40 ? 131 TYR A HD2  1 
ATOM   714  H  HE1  . TYR A 1 51 ? -10.641 -0.892  -0.468  1.00 21.17 ? 131 TYR A HE1  1 
ATOM   715  H  HE2  . TYR A 1 51 ? -10.961 -4.775  0.469   1.00 20.47 ? 131 TYR A HE2  1 
ATOM   716  H  HH   . TYR A 1 51 ? -12.321 -3.740  -1.015  1.00 21.91 ? 131 TYR A HH   1 
ATOM   717  N  N    . ILE A 1 52 ? -4.785  -0.823  2.240   1.00 14.28 ? 132 ILE A N    1 
ATOM   718  C  CA   . ILE A 1 52 ? -3.698  -0.171  2.944   1.00 13.81 ? 132 ILE A CA   1 
ATOM   719  C  C    . ILE A 1 52 ? -4.195  1.132   3.544   1.00 13.95 ? 132 ILE A C    1 
ATOM   720  O  O    . ILE A 1 52 ? -5.103  1.788   3.013   1.00 14.33 ? 132 ILE A O    1 
ATOM   721  C  CB   . ILE A 1 52 ? -2.488  0.089   2.033   1.00 14.40 ? 132 ILE A CB   1 
ATOM   722  C  CG1  . ILE A 1 52 ? -2.843  1.009   0.867   1.00 15.89 ? 132 ILE A CG1  1 
ATOM   723  C  CG2  . ILE A 1 52 ? -1.949  -1.229  1.537   1.00 15.48 ? 132 ILE A CG2  1 
ATOM   724  C  CD1  . ILE A 1 52 ? -1.646  1.513   0.136   1.00 19.40 ? 132 ILE A CD1  1 
ATOM   725  H  H    . ILE A 1 52 ? -5.173  -0.322  1.659   1.00 17.14 ? 132 ILE A H    1 
ATOM   726  H  HA   . ILE A 1 52 ? -3.419  -0.762  3.662   1.00 16.58 ? 132 ILE A HA   1 
ATOM   727  H  HB   . ILE A 1 52 ? -1.806  0.546   2.552   1.00 17.28 ? 132 ILE A HB   1 
ATOM   728  H  HG12 . ILE A 1 52 ? -3.393  0.518   0.237   1.00 19.07 ? 132 ILE A HG12 1 
ATOM   729  H  HG13 . ILE A 1 52 ? -3.329  1.775   1.208   1.00 19.07 ? 132 ILE A HG13 1 
ATOM   730  H  HG21 . ILE A 1 52 ? -1.113  -1.073  1.072   1.00 18.58 ? 132 ILE A HG21 1 
ATOM   731  H  HG22 . ILE A 1 52 ? -1.803  -1.815  2.295   1.00 18.58 ? 132 ILE A HG22 1 
ATOM   732  H  HG23 . ILE A 1 52 ? -2.595  -1.625  0.932   1.00 18.58 ? 132 ILE A HG23 1 
ATOM   733  H  HD11 . ILE A 1 52 ? -1.933  2.145   -0.541  1.00 23.28 ? 132 ILE A HD11 1 
ATOM   734  H  HD12 . ILE A 1 52 ? -1.052  1.949   0.767   1.00 23.28 ? 132 ILE A HD12 1 
ATOM   735  H  HD13 . ILE A 1 52 ? -1.193  0.764   -0.281  1.00 23.28 ? 132 ILE A HD13 1 
ATOM   736  N  N    . PRO A 1 53 ? -3.577  1.571   4.633   1.00 14.86 ? 133 PRO A N    1 
ATOM   737  C  CA   . PRO A 1 53 ? -3.930  2.877   5.201   1.00 16.77 ? 133 PRO A CA   1 
ATOM   738  C  C    . PRO A 1 53 ? -3.292  3.976   4.355   1.00 16.83 ? 133 PRO A C    1 
ATOM   739  O  O    . PRO A 1 53 ? -2.067  4.024   4.205   1.00 17.12 ? 133 PRO A O    1 
ATOM   740  C  CB   . PRO A 1 53 ? -3.336  2.820   6.614   1.00 21.85 ? 133 PRO A CB   1 
ATOM   741  C  CG   . PRO A 1 53 ? -2.383  1.687   6.612   1.00 20.50 ? 133 PRO A CG   1 
ATOM   742  C  CD   . PRO A 1 53 ? -2.581  0.834   5.426   1.00 18.11 ? 133 PRO A CD   1 
ATOM   743  H  HA   . PRO A 1 53 ? -4.890  3.006   5.259   1.00 20.13 ? 133 PRO A HA   1 
ATOM   744  H  HB2  . PRO A 1 53 ? -2.880  3.652   6.809   1.00 26.23 ? 133 PRO A HB2  1 
ATOM   745  H  HB3  . PRO A 1 53 ? -4.045  2.671   7.259   1.00 26.23 ? 133 PRO A HB3  1 
ATOM   746  H  HG2  . PRO A 1 53 ? -1.482  2.045   6.607   1.00 24.61 ? 133 PRO A HG2  1 
ATOM   747  H  HG3  . PRO A 1 53 ? -2.528  1.163   7.416   1.00 24.61 ? 133 PRO A HG3  1 
ATOM   748  H  HD2  . PRO A 1 53 ? -1.752  0.735   4.932   1.00 21.73 ? 133 PRO A HD2  1 
ATOM   749  H  HD3  . PRO A 1 53 ? -2.921  -0.037  5.682   1.00 21.73 ? 133 PRO A HD3  1 
ATOM   750  N  N    . SER A 1 54 ? -4.135  4.853   3.768   1.00 18.10 ? 134 SER A N    1 
ATOM   751  C  CA   . SER A 1 54 ? -3.646  5.813   2.771   1.00 18.95 ? 134 SER A CA   1 
ATOM   752  C  C    . SER A 1 54 ? -2.631  6.789   3.353   1.00 18.61 ? 134 SER A C    1 
ATOM   753  O  O    . SER A 1 54 ? -1.754  7.269   2.626   1.00 18.21 ? 134 SER A O    1 
ATOM   754  C  CB   . SER A 1 54 ? -4.803  6.564   2.104   1.00 21.99 ? 134 SER A CB   1 
ATOM   755  O  OG   . SER A 1 54 ? -5.440  7.430   3.016   1.00 23.04 ? 134 SER A OG   1 
ATOM   756  H  H    . SER A 1 54 ? -4.978  4.907   3.930   1.00 21.73 ? 134 SER A H    1 
ATOM   757  H  HA   . SER A 1 54 ? -3.199  5.305   2.075   1.00 22.74 ? 134 SER A HA   1 
ATOM   758  H  HB2  . SER A 1 54 ? -4.453  7.087   1.366   1.00 26.39 ? 134 SER A HB2  1 
ATOM   759  H  HB3  . SER A 1 54 ? -5.450  5.920   1.777   1.00 26.39 ? 134 SER A HB3  1 
ATOM   760  H  HG   . SER A 1 54 ? -6.071  7.833   2.637   1.00 27.65 ? 134 SER A HG   1 
ATOM   761  N  N    . ASN A 1 55 ? -2.702  7.061   4.655   1.00 17.98 ? 135 ASN A N    1 
ATOM   762  C  CA   A ASN A 1 55 ? -1.756  7.965   5.297   0.47 18.23 ? 135 ASN A CA   1 
ATOM   763  C  CA   B ASN A 1 55 ? -1.758  7.966   5.294   0.53 17.67 ? 135 ASN A CA   1 
ATOM   764  C  C    . ASN A 1 55 ? -0.379  7.340   5.468   1.00 17.00 ? 135 ASN A C    1 
ATOM   765  O  O    . ASN A 1 55 ? 0.555   8.049   5.851   1.00 18.32 ? 135 ASN A O    1 
ATOM   766  C  CB   A ASN A 1 55 ? -2.287  8.448   6.661   0.47 21.80 ? 135 ASN A CB   1 
ATOM   767  C  CB   B ASN A 1 55 ? -2.335  8.379   6.650   0.53 20.70 ? 135 ASN A CB   1 
ATOM   768  C  CG   A ASN A 1 55 ? -2.658  7.298   7.620   0.47 23.52 ? 135 ASN A CG   1 
ATOM   769  C  CG   B ASN A 1 55 ? -1.610  9.545   7.275   0.53 21.27 ? 135 ASN A CG   1 
ATOM   770  O  OD1  A ASN A 1 55 ? -3.229  6.286   7.217   0.47 30.25 ? 135 ASN A OD1  1 
ATOM   771  O  OD1  B ASN A 1 55 ? -1.324  10.540  6.616   0.53 22.49 ? 135 ASN A OD1  1 
ATOM   772  N  ND2  A ASN A 1 55 ? -2.370  7.490   8.910   0.47 28.45 ? 135 ASN A ND2  1 
ATOM   773  N  ND2  B ASN A 1 55 ? -1.293  9.420   8.557   0.53 22.06 ? 135 ASN A ND2  1 
ATOM   774  H  H    . ASN A 1 55 ? -3.291  6.733   5.190   1.00 21.58 ? 135 ASN A H    1 
ATOM   775  H  HA   . ASN A 1 55 ? -1.665  8.752   4.737   1.00 21.21 ? 135 ASN A HA   1 
ATOM   776  H  HB2  A ASN A 1 55 ? -1.603  8.984   7.091   0.47 26.17 ? 135 ASN A HB2  1 
ATOM   777  H  HB2  B ASN A 1 55 ? -3.264  8.633   6.533   0.53 24.85 ? 135 ASN A HB2  1 
ATOM   778  H  HB3  A ASN A 1 55 ? -3.084  8.982   6.516   0.47 26.17 ? 135 ASN A HB3  1 
ATOM   779  H  HB3  B ASN A 1 55 ? -2.272  7.627   7.260   0.53 24.85 ? 135 ASN A HB3  1 
ATOM   780  H  HD21 A ASN A 1 55 ? -2.555  6.881   9.488   0.47 34.14 ? 135 ASN A HD21 1 
ATOM   781  H  HD21 B ASN A 1 55 ? -0.879  10.057  8.961   0.53 26.48 ? 135 ASN A HD21 1 
ATOM   782  H  HD22 A ASN A 1 55 ? -1.997  8.223   9.164   0.47 34.14 ? 135 ASN A HD22 1 
ATOM   783  H  HD22 B ASN A 1 55 ? -1.502  8.703   8.983   0.53 26.48 ? 135 ASN A HD22 1 
ATOM   784  N  N    . TYR A 1 56 ? -0.227  6.040   5.198   1.00 16.24 ? 136 TYR A N    1 
ATOM   785  C  CA   . TYR A 1 56 ? 1.062   5.379   5.336   1.00 17.26 ? 136 TYR A CA   1 
ATOM   786  C  C    . TYR A 1 56 ? 1.878   5.407   4.053   1.00 15.00 ? 136 TYR A C    1 
ATOM   787  O  O    . TYR A 1 56 ? 2.991   4.871   4.027   1.00 17.38 ? 136 TYR A O    1 
ATOM   788  C  CB   . TYR A 1 56 ? 0.883   3.916   5.730   1.00 17.13 ? 136 TYR A CB   1 
ATOM   789  C  CG   . TYR A 1 56 ? 0.780   3.689   7.199   1.00 18.24 ? 136 TYR A CG   1 
ATOM   790  C  CD1  . TYR A 1 56 ? -0.104  4.423   7.982   1.00 20.18 ? 136 TYR A CD1  1 
ATOM   791  C  CD2  . TYR A 1 56 ? 1.573   2.736   7.811   1.00 18.95 ? 136 TYR A CD2  1 
ATOM   792  C  CE1  . TYR A 1 56 ? -0.192  4.200   9.334   1.00 23.46 ? 136 TYR A CE1  1 
ATOM   793  C  CE2  . TYR A 1 56 ? 1.494   2.508   9.174   1.00 23.29 ? 136 TYR A CE2  1 
ATOM   794  C  CZ   . TYR A 1 56 ? 0.607   3.240   9.924   1.00 23.48 ? 136 TYR A CZ   1 
ATOM   795  O  OH   . TYR A 1 56 ? 0.522   3.015   11.271  1.00 30.13 ? 136 TYR A OH   1 
ATOM   796  H  H    . TYR A 1 56 ? -0.862  5.523   4.934   1.00 19.50 ? 136 TYR A H    1 
ATOM   797  H  HA   . TYR A 1 56 ? 1.548   5.836   6.040   1.00 20.71 ? 136 TYR A HA   1 
ATOM   798  H  HB2  . TYR A 1 56 ? 0.068   3.582   5.324   1.00 20.56 ? 136 TYR A HB2  1 
ATOM   799  H  HB3  . TYR A 1 56 ? 1.646   3.411   5.408   1.00 20.56 ? 136 TYR A HB3  1 
ATOM   800  H  HD1  . TYR A 1 56 ? -0.641  5.071   7.585   1.00 24.22 ? 136 TYR A HD1  1 
ATOM   801  H  HD2  . TYR A 1 56 ? 2.170   2.240   7.298   1.00 22.75 ? 136 TYR A HD2  1 
ATOM   802  H  HE1  . TYR A 1 56 ? -0.787  4.695   9.852   1.00 28.15 ? 136 TYR A HE1  1 
ATOM   803  H  HE2  . TYR A 1 56 ? 2.035   1.868   9.576   1.00 27.96 ? 136 TYR A HE2  1 
ATOM   804  H  HH   . TYR A 1 56 ? 1.063   2.415   11.497  1.00 36.17 ? 136 TYR A HH   1 
ATOM   805  N  N    . VAL A 1 57 ? 1.331   5.966   2.978   1.00 15.43 ? 137 VAL A N    1 
ATOM   806  C  CA   . VAL A 1 57 ? 1.978   5.951   1.678   1.00 16.10 ? 137 VAL A CA   1 
ATOM   807  C  C    . VAL A 1 57 ? 1.957   7.349   1.081   1.00 16.22 ? 137 VAL A C    1 
ATOM   808  O  O    . VAL A 1 57 ? 1.103   8.182   1.402   1.00 17.44 ? 137 VAL A O    1 
ATOM   809  C  CB   . VAL A 1 57 ? 1.314   4.932   0.721   1.00 15.73 ? 137 VAL A CB   1 
ATOM   810  C  CG1  . VAL A 1 57 ? 1.418   3.520   1.299   1.00 16.79 ? 137 VAL A CG1  1 
ATOM   811  C  CG2  . VAL A 1 57 ? -0.124  5.281   0.423   1.00 16.72 ? 137 VAL A CG2  1 
ATOM   812  H  H    . VAL A 1 57 ? 0.571   6.367   2.981   1.00 18.53 ? 137 VAL A H    1 
ATOM   813  H  HA   . VAL A 1 57 ? 2.907   5.700   1.793   1.00 19.33 ? 137 VAL A HA   1 
ATOM   814  H  HB   . VAL A 1 57 ? 1.790   4.964   -0.124  1.00 18.88 ? 137 VAL A HB   1 
ATOM   815  H  HG11 . VAL A 1 57 ? 1.019   2.893   0.675   1.00 20.16 ? 137 VAL A HG11 1 
ATOM   816  H  HG12 . VAL A 1 57 ? 2.354   3.301   1.433   1.00 20.16 ? 137 VAL A HG12 1 
ATOM   817  H  HG13 . VAL A 1 57 ? 0.947   3.490   2.147   1.00 20.16 ? 137 VAL A HG13 1 
ATOM   818  H  HG21 . VAL A 1 57 ? -0.528  4.556   -0.078  1.00 20.07 ? 137 VAL A HG21 1 
ATOM   819  H  HG22 . VAL A 1 57 ? -0.598  5.407   1.260   1.00 20.07 ? 137 VAL A HG22 1 
ATOM   820  H  HG23 . VAL A 1 57 ? -0.150  6.098   -0.098  1.00 20.07 ? 137 VAL A HG23 1 
ATOM   821  N  N    . ALA A 1 58 ? 2.918   7.615   0.219   1.00 16.37 ? 138 ALA A N    1 
ATOM   822  C  CA   . ALA A 1 58 ? 2.992   8.894   -0.462  1.00 18.07 ? 138 ALA A CA   1 
ATOM   823  C  C    . ALA A 1 58 ? 3.274   8.668   -1.934  1.00 17.11 ? 138 ALA A C    1 
ATOM   824  O  O    . ALA A 1 58 ? 3.803   7.619   -2.323  1.00 17.29 ? 138 ALA A O    1 
ATOM   825  C  CB   . ALA A 1 58 ? 4.082   9.789   0.144   1.00 21.35 ? 138 ALA A CB   1 
ATOM   826  H  H    . ALA A 1 58 ? 3.546   7.066   0.011   1.00 19.65 ? 138 ALA A H    1 
ATOM   827  H  HA   . ALA A 1 58 ? 2.141   9.353   -0.377  1.00 21.69 ? 138 ALA A HA   1 
ATOM   828  H  HB1  . ALA A 1 58 ? 4.099   10.633  -0.334  1.00 25.62 ? 138 ALA A HB1  1 
ATOM   829  H  HB2  . ALA A 1 58 ? 3.881   9.943   1.080   1.00 25.62 ? 138 ALA A HB2  1 
ATOM   830  H  HB3  . ALA A 1 58 ? 4.940   9.343   0.058   1.00 25.62 ? 138 ALA A HB3  1 
ATOM   831  N  N    . PRO A 1 59 ? 2.947   9.640   -2.781  1.00 18.77 ? 139 PRO A N    1 
ATOM   832  C  CA   . PRO A 1 59 ? 3.149   9.446   -4.221  1.00 20.64 ? 139 PRO A CA   1 
ATOM   833  C  C    . PRO A 1 59 ? 4.592   9.115   -4.563  1.00 21.61 ? 139 PRO A C    1 
ATOM   834  O  O    . PRO A 1 59 ? 5.533   9.658   -3.986  1.00 23.70 ? 139 PRO A O    1 
ATOM   835  C  CB   . PRO A 1 59 ? 2.726   10.792  -4.820  1.00 23.64 ? 139 PRO A CB   1 
ATOM   836  C  CG   . PRO A 1 59 ? 1.712   11.278  -3.868  1.00 24.46 ? 139 PRO A CG   1 
ATOM   837  C  CD   . PRO A 1 59 ? 2.208   10.889  -2.500  1.00 22.21 ? 139 PRO A CD   1 
ATOM   838  H  HA   . PRO A 1 59 ? 2.574   8.737   -4.548  1.00 24.78 ? 139 PRO A HA   1 
ATOM   839  H  HB2  . PRO A 1 59 ? 3.485   11.394  -4.867  1.00 28.38 ? 139 PRO A HB2  1 
ATOM   840  H  HB3  . PRO A 1 59 ? 2.349   10.664  -5.704  1.00 28.38 ? 139 PRO A HB3  1 
ATOM   841  H  HG2  . PRO A 1 59 ? 1.630   12.241  -3.941  1.00 29.35 ? 139 PRO A HG2  1 
ATOM   842  H  HG3  . PRO A 1 59 ? 0.859   10.856  -4.055  1.00 29.35 ? 139 PRO A HG3  1 
ATOM   843  H  HD2  . PRO A 1 59 ? 2.796   11.569  -2.136  1.00 26.66 ? 139 PRO A HD2  1 
ATOM   844  H  HD3  . PRO A 1 59 ? 1.470   10.730  -1.893  1.00 26.66 ? 139 PRO A HD3  1 
ATOM   845  N  N    . SER A 1 60 ? 4.748   8.228   -5.543  1.00 22.01 ? 140 SER A N    1 
ATOM   846  C  CA   . SER A 1 60 ? 6.040   7.774   -6.051  1.00 26.24 ? 140 SER A CA   1 
ATOM   847  C  C    . SER A 1 60 ? 5.980   7.802   -7.574  1.00 30.16 ? 140 SER A C    1 
ATOM   848  O  O    . SER A 1 60 ? 5.027   7.287   -8.170  1.00 31.54 ? 140 SER A O    1 
ATOM   849  C  CB   . SER A 1 60 ? 6.346   6.358   -5.519  1.00 29.81 ? 140 SER A CB   1 
ATOM   850  O  OG   . SER A 1 60 ? 7.492   5.766   -6.116  1.00 32.12 ? 140 SER A OG   1 
ATOM   851  H  H    . SER A 1 60 ? 4.088   7.857   -5.950  1.00 26.42 ? 140 SER A H    1 
ATOM   852  H  HA   . SER A 1 60 ? 6.761   8.359   -5.770  1.00 31.49 ? 140 SER A HA   1 
ATOM   853  H  HB2  . SER A 1 60 ? 6.496   6.417   -4.563  1.00 35.78 ? 140 SER A HB2  1 
ATOM   854  H  HB3  . SER A 1 60 ? 5.581   5.791   -5.701  1.00 35.78 ? 140 SER A HB3  1 
ATOM   855  H  HG   . SER A 1 60 ? 7.630   5.008   -5.782  1.00 38.54 ? 140 SER A HG   1 
ATOM   856  N  N    . ASP A 1 61 ? 6.983   8.439   -8.188  1.00 32.08 ? 141 ASP A N    1 
ATOM   857  C  CA   . ASP A 1 61 ? 7.066   8.599   -9.644  1.00 36.33 ? 141 ASP A CA   1 
ATOM   858  C  C    . ASP A 1 61 ? 8.178   7.706   -10.179 1.00 40.19 ? 141 ASP A C    1 
ATOM   859  O  O    . ASP A 1 61 ? 8.793   7.998   -11.208 1.00 43.41 ? 141 ASP A O    1 
ATOM   860  C  CB   . ASP A 1 61 ? 7.365   10.061  -10.008 1.00 37.43 ? 141 ASP A CB   1 
ATOM   861  O  OXT  . ASP A 1 61 ? 8.480   6.674   -9.573  1.00 41.71 ? 141 ASP A OXT  1 
ATOM   862  H  H    . ASP A 1 61 ? 7.646   8.797   -7.772  1.00 38.50 ? 141 ASP A H    1 
ATOM   863  H  HA   . ASP A 1 61 ? 6.222   8.357   -10.057 1.00 43.60 ? 141 ASP A HA   1 
HETATM 864  C  C1   . ZB1 B 2 .  ? 2.607   -18.967 -9.406  0.56 19.52 ? 1   ZB1 B C1   1 
HETATM 865  C  C2   . ZB1 B 2 .  ? 1.385   -18.350 -8.720  0.56 19.56 ? 1   ZB1 B C2   1 
HETATM 866  C  C3   . ZB1 B 2 .  ? 1.477   -16.830 -8.734  0.56 20.37 ? 1   ZB1 B C3   1 
HETATM 867  C  C3M  . ZB1 B 2 .  ? -0.569  -15.613 -8.792  0.56 23.78 ? 1   ZB1 B C3M  1 
HETATM 868  C  C4   . ZB1 B 2 .  ? 2.809   -16.422 -8.113  0.56 19.20 ? 1   ZB1 B C4   1 
HETATM 869  C  C5   . ZB1 B 2 .  ? 3.990   -17.164 -8.724  0.56 20.62 ? 1   ZB1 B C5   1 
HETATM 870  C  C6   . ZB1 B 2 .  ? 5.326   -16.902 -8.016  0.56 26.20 ? 1   ZB1 B C6   1 
HETATM 871  O  O2   . ZB1 B 2 .  ? 0.208   -18.820 -9.380  0.56 24.23 ? 1   ZB1 B O2   1 
HETATM 872  O  O3   . ZB1 B 2 .  ? 0.402   -16.273 -7.978  0.56 21.14 ? 1   ZB1 B O3   1 
HETATM 873  O  O4   . ZB1 B 2 .  ? 2.971   -15.025 -8.368  0.56 19.67 ? 1   ZB1 B O4   1 
HETATM 874  O  O5   . ZB1 B 2 .  ? 3.791   -18.580 -8.716  0.56 20.85 ? 1   ZB1 B O5   1 
HETATM 875  O  O6   . ZB1 B 2 .  ? 5.175   -16.847 -6.591  0.56 32.08 ? 1   ZB1 B O6   1 
HETATM 876  H  H1   . ZB1 B 2 .  ? 2.502   -20.061 -9.390  0.56 23.43 ? 1   ZB1 B H1   1 
HETATM 877  H  H2   . ZB1 B 2 .  ? 1.341   -18.659 -7.666  0.56 23.48 ? 1   ZB1 B H2   1 
HETATM 878  H  HO2  . ZB1 B 2 .  ? 0.052   -19.745 -9.142  0.56 29.09 ? 1   ZB1 B HO2  1 
HETATM 879  H  H3   . ZB1 B 2 .  ? 1.407   -16.453 -9.765  0.56 24.45 ? 1   ZB1 B H3   1 
HETATM 880  H  H3M1 . ZB1 B 2 .  ? -1.199  -16.335 -9.243  0.56 28.54 ? 1   ZB1 B H3M1 1 
HETATM 881  H  H3M2 . ZB1 B 2 .  ? -1.151  -14.963 -8.191  0.56 28.54 ? 1   ZB1 B H3M2 1 
HETATM 882  H  H3M3 . ZB1 B 2 .  ? -0.077  -15.053 -9.544  0.56 28.54 ? 1   ZB1 B H3M3 1 
HETATM 883  H  H4   . ZB1 B 2 .  ? 2.794   -16.661 -7.041  0.56 23.05 ? 1   ZB1 B H4   1 
HETATM 884  H  H5   . ZB1 B 2 .  ? 4.040   -16.776 -9.751  0.56 24.75 ? 1   ZB1 B H5   1 
HETATM 885  H  H61  . ZB1 B 2 .  ? 6.030   -17.698 -8.271  0.56 31.45 ? 1   ZB1 B H61  1 
HETATM 886  H  H62  . ZB1 B 2 .  ? 5.743   -15.958 -8.370  0.56 31.45 ? 1   ZB1 B H62  1 
HETATM 887  H  HO6  . ZB1 B 2 .  ? 5.910   -16.349 -6.207  0.56 38.50 ? 1   ZB1 B HO6  1 
HETATM 888  C  C1   . GLC B 2 .  ? 2.821   -14.182 -7.232  0.56 21.08 ? 2   GLC B C1   1 
HETATM 889  C  C2   . GLC B 2 .  ? 2.280   -12.831 -7.700  0.56 20.21 ? 2   GLC B C2   1 
HETATM 890  C  C3   . GLC B 2 .  ? 3.260   -12.062 -8.579  0.56 20.36 ? 2   GLC B C3   1 
HETATM 891  C  C4   . GLC B 2 .  ? 4.616   -12.001 -7.887  0.56 21.07 ? 2   GLC B C4   1 
HETATM 892  C  C5   . GLC B 2 .  ? 5.060   -13.392 -7.435  0.56 22.68 ? 2   GLC B C5   1 
HETATM 893  C  C6   . GLC B 2 .  ? 6.410   -13.330 -6.721  0.56 24.63 ? 2   GLC B C6   1 
HETATM 894  O  O2   . GLC B 2 .  ? 1.069   -13.048 -8.434  0.56 21.49 ? 2   GLC B O2   1 
HETATM 895  O  O3   . GLC B 2 .  ? 2.722   -10.764 -8.856  0.56 21.79 ? 2   GLC B O3   1 
HETATM 896  O  O4   . GLC B 2 .  ? 5.551   -11.472 -8.822  0.56 20.91 ? 2   GLC B O4   1 
HETATM 897  O  O5   . GLC B 2 .  ? 4.070   -13.971 -6.580  0.56 21.24 ? 2   GLC B O5   1 
HETATM 898  O  O6   . GLC B 2 .  ? 6.306   -12.478 -5.576  0.56 26.36 ? 2   GLC B O6   1 
HETATM 899  H  H1   . GLC B 2 .  ? 2.125   -14.653 -6.525  0.56 25.31 ? 2   GLC B H1   1 
HETATM 900  H  H2   . GLC B 2 .  ? 2.102   -12.223 -6.802  0.56 24.26 ? 2   GLC B H2   1 
HETATM 901  H  H3   . GLC B 2 .  ? 3.405   -12.567 -9.544  0.56 24.44 ? 2   GLC B H3   1 
HETATM 902  H  H4   . GLC B 2 .  ? 4.556   -11.362 -6.994  0.56 25.29 ? 2   GLC B H4   1 
HETATM 903  H  H5   . GLC B 2 .  ? 5.171   -14.029 -8.324  0.56 27.22 ? 2   GLC B H5   1 
HETATM 904  H  H61  . GLC B 2 .  ? 7.172   -12.944 -7.402  0.56 29.56 ? 2   GLC B H61  1 
HETATM 905  H  H62  . GLC B 2 .  ? 6.712   -14.332 -6.411  0.56 29.56 ? 2   GLC B H62  1 
HETATM 906  H  HO2  . GLC B 2 .  ? 0.372   -12.479 -8.079  0.56 25.79 ? 2   GLC B HO2  1 
HETATM 907  H  HO3  . GLC B 2 .  ? 1.967   -10.849 -9.454  0.56 26.16 ? 2   GLC B HO3  1 
HETATM 908  H  HO6  . GLC B 2 .  ? 5.374   -12.331 -5.366  0.56 31.64 ? 2   GLC B HO6  1 
HETATM 909  C  C1   . GLC B 2 .  ? 6.408   -10.433 -8.337  0.56 21.21 ? 3   GLC B C1   1 
HETATM 910  C  C2   . GLC B 2 .  ? 6.336   -9.256  -9.306  0.56 20.77 ? 3   GLC B C2   1 
HETATM 911  C  C3   . GLC B 2 .  ? 6.841   -9.695  -10.674 0.56 21.71 ? 3   GLC B C3   1 
HETATM 912  C  C4   . GLC B 2 .  ? 8.230   -10.322 -10.581 0.56 23.98 ? 3   GLC B C4   1 
HETATM 913  C  C5   . GLC B 2 .  ? 8.230   -11.416 -9.524  0.56 26.00 ? 3   GLC B C5   1 
HETATM 914  C  C6   . GLC B 2 .  ? 9.637   -11.984 -9.348  0.56 30.33 ? 3   GLC B C6   1 
HETATM 915  O  O2   . GLC B 2 .  ? 4.988   -8.799  -9.434  0.56 20.52 ? 3   GLC B O2   1 
HETATM 916  O  O3   . GLC B 2 .  ? 6.866   -8.594  -11.578 0.56 24.56 ? 3   GLC B O3   1 
HETATM 917  O  O4   . GLC B 2 .  ? 8.548   -10.857 -11.864 0.56 26.19 ? 3   GLC B O4   1 
HETATM 918  O  O5   . GLC B 2 .  ? 7.752   -10.920 -8.273  0.56 25.20 ? 3   GLC B O5   1 
HETATM 919  O  O6   . GLC B 2 .  ? 9.623   -12.980 -8.322  0.56 34.09 ? 3   GLC B O6   1 
HETATM 920  H  H1   . GLC B 2 .  ? 6.089   -10.102 -7.339  0.56 25.46 ? 3   GLC B H1   1 
HETATM 921  H  H2   . GLC B 2 .  ? 6.956   -8.436  -8.916  0.56 24.93 ? 3   GLC B H2   1 
HETATM 922  H  H3   . GLC B 2 .  ? 6.144   -10.454 -11.057 0.56 26.06 ? 3   GLC B H3   1 
HETATM 923  H  H4   . GLC B 2 .  ? 8.983   -9.575  -10.295 0.56 28.78 ? 3   GLC B H4   1 
HETATM 924  H  H5   . GLC B 2 .  ? 7.553   -12.213 -9.862  0.56 31.21 ? 3   GLC B H5   1 
HETATM 925  H  H61  . GLC B 2 .  ? 10.329  -11.184 -9.079  0.56 36.40 ? 3   GLC B H61  1 
HETATM 926  H  H62  . GLC B 2 .  ? 9.981   -12.423 -10.287 0.56 36.40 ? 3   GLC B H62  1 
HETATM 927  H  HO2  . GLC B 2 .  ? 4.801   -8.146  -8.745  0.56 24.64 ? 3   GLC B HO2  1 
HETATM 928  H  HO3  . GLC B 2 .  ? 6.201   -8.727  -12.267 0.56 29.48 ? 3   GLC B HO3  1 
HETATM 929  H  HO6  . GLC B 2 .  ? 9.375   -12.573 -7.480  0.56 40.91 ? 3   GLC B HO6  1 
HETATM 930  C  C1   . ZB2 B 2 .  ? 9.878   -10.612 -12.319 0.56 26.83 ? 4   ZB2 B C1   1 
HETATM 931  C  C2   . ZB2 B 2 .  ? 9.838   -9.940  -13.681 0.56 26.28 ? 4   ZB2 B C2   1 
HETATM 932  C  C2M  . ZB2 B 2 .  ? 9.949   -7.564  -13.486 0.56 21.65 ? 4   ZB2 B C2M  1 
HETATM 933  C  C3   . ZB2 B 2 .  ? 9.123   -10.830 -14.691 0.56 27.47 ? 4   ZB2 B C3   1 
HETATM 934  C  C4   . ZB2 B 2 .  ? 9.842   -12.178 -14.710 0.56 31.29 ? 4   ZB2 B C4   1 
HETATM 935  C  C5   . ZB2 B 2 .  ? 9.908   -12.770 -13.309 0.56 32.45 ? 4   ZB2 B C5   1 
HETATM 936  C  C6   . ZB2 B 2 .  ? 10.688  -14.081 -13.285 0.56 37.46 ? 4   ZB2 B C6   1 
HETATM 937  O  O2   . ZB2 B 2 .  ? 9.119   -8.716  -13.616 0.56 23.98 ? 4   ZB2 B O2   1 
HETATM 938  O  O3   . ZB2 B 2 .  ? 9.112   -10.214 -15.976 0.56 28.10 ? 4   ZB2 B O3   1 
HETATM 939  O  O4   . ZB2 B 2 .  ? 9.133   -13.055 -15.577 0.56 33.84 ? 4   ZB2 B O4   1 
HETATM 940  O  O5   . ZB2 B 2 .  ? 10.552  -11.868 -12.404 0.56 29.93 ? 4   ZB2 B O5   1 
HETATM 941  O  O6   . ZB2 B 2 .  ? 11.707  -13.970 -12.282 0.56 40.95 ? 4   ZB2 B O6   1 
HETATM 942  H  H1   . ZB2 B 2 .  ? 10.411  -9.937  -11.635 0.56 32.20 ? 4   ZB2 B H1   1 
HETATM 943  H  H2   . ZB2 B 2 .  ? 10.876  -9.754  -13.988 0.56 31.54 ? 4   ZB2 B H2   1 
HETATM 944  H  H2M1 . ZB2 B 2 .  ? 9.995   -7.056  -14.414 0.56 25.99 ? 4   ZB2 B H2M1 1 
HETATM 945  H  H2M2 . ZB2 B 2 .  ? 9.544   -6.919  -12.750 0.56 25.99 ? 4   ZB2 B H2M2 1 
HETATM 946  H  H2M3 . ZB2 B 2 .  ? 10.924  -7.861  -13.198 0.56 25.99 ? 4   ZB2 B H2M3 1 
HETATM 947  H  H3   . ZB2 B 2 .  ? 8.071   -10.980 -14.410 0.56 32.97 ? 4   ZB2 B H3   1 
HETATM 948  H  HO3  . ZB2 B 2 .  ? 8.304   -10.463 -16.445 0.56 33.72 ? 4   ZB2 B HO3  1 
HETATM 949  H  H4   . ZB2 B 2 .  ? 10.869  -12.044 -15.075 0.56 37.55 ? 4   ZB2 B H4   1 
HETATM 950  H  H5   . ZB2 B 2 .  ? 8.869   -12.947 -12.997 0.56 38.94 ? 4   ZB2 B H5   1 
HETATM 951  H  H61  . ZB2 B 2 .  ? 10.020  -14.914 -13.054 0.56 44.96 ? 4   ZB2 B H61  1 
HETATM 952  H  H62  . ZB2 B 2 .  ? 11.138  -14.272 -14.261 0.56 44.96 ? 4   ZB2 B H62  1 
HETATM 953  H  HO6  . ZB2 B 2 .  ? 12.532  -13.677 -12.692 0.56 49.14 ? 4   ZB2 B HO6  1 
HETATM 954  C  C1   . ZB3 B 2 .  ? 9.913   -13.587 -16.646 0.56 39.44 ? 5   ZB3 B C1   1 
HETATM 955  C  C2   . ZB3 B 2 .  ? 9.106   -13.487 -17.933 0.56 41.47 ? 5   ZB3 B C2   1 
HETATM 956  C  C2M  . ZB3 B 2 .  ? 9.765   -11.380 -18.767 0.56 44.65 ? 5   ZB3 B C2M  1 
HETATM 957  C  C3   . ZB3 B 2 .  ? 7.854   -14.352 -17.858 0.56 39.96 ? 5   ZB3 B C3   1 
HETATM 958  C  C4   . ZB3 B 2 .  ? 8.198   -15.791 -17.462 0.56 38.40 ? 5   ZB3 B C4   1 
HETATM 959  C  C5   . ZB3 B 2 .  ? 9.050   -15.767 -16.194 0.56 41.89 ? 5   ZB3 B C5   1 
HETATM 960  C  C6   . ZB3 B 2 .  ? 9.542   -17.151 -15.760 0.56 46.08 ? 5   ZB3 B C6   1 
HETATM 961  C  C6M  . ZB3 B 2 .  ? 10.236  -18.277 -13.775 0.56 51.55 ? 5   ZB3 B C6M  1 
HETATM 962  O  O2   . ZB3 B 2 .  ? 8.732   -12.126 -18.127 0.56 42.30 ? 5   ZB3 B O2   1 
HETATM 963  O  O3   . ZB3 B 2 .  ? 7.180   -14.307 -19.120 0.56 39.34 ? 5   ZB3 B O3   1 
HETATM 964  O  O4   . ZB3 B 2 .  ? 6.970   -16.501 -17.249 0.56 32.15 ? 5   ZB3 B O4   1 
HETATM 965  O  O5   . ZB3 B 2 .  ? 10.216  -14.948 -16.367 0.56 40.83 ? 5   ZB3 B O5   1 
HETATM 966  O  O6   . ZB3 B 2 .  ? 10.195  -17.042 -14.491 0.56 49.80 ? 5   ZB3 B O6   1 
HETATM 967  H  H1   . ZB3 B 2 .  ? 10.846  -13.020 -16.769 0.56 47.33 ? 5   ZB3 B H1   1 
HETATM 968  H  H2   . ZB3 B 2 .  ? 9.720   -13.838 -18.775 0.56 49.77 ? 5   ZB3 B H2   1 
HETATM 969  H  H2M1 . ZB3 B 2 .  ? 9.612   -11.391 -19.815 0.56 53.59 ? 5   ZB3 B H2M1 1 
HETATM 970  H  H2M2 . ZB3 B 2 .  ? 9.746   -10.380 -18.418 0.56 53.59 ? 5   ZB3 B H2M2 1 
HETATM 971  H  H2M3 . ZB3 B 2 .  ? 10.705  -11.814 -18.543 0.56 53.59 ? 5   ZB3 B H2M3 1 
HETATM 972  H  H3   . ZB3 B 2 .  ? 7.183   -13.957 -17.083 0.56 47.96 ? 5   ZB3 B H3   1 
HETATM 973  H  HO3  . ZB3 B 2 .  ? 6.535   -15.026 -19.168 0.56 47.22 ? 5   ZB3 B HO3  1 
HETATM 974  H  H4   . ZB3 B 2 .  ? 8.768   -16.301 -18.252 0.56 46.08 ? 5   ZB3 B H4   1 
HETATM 975  H  H5   . ZB3 B 2 .  ? 8.384   -15.360 -15.420 0.56 50.27 ? 5   ZB3 B H5   1 
HETATM 976  H  H61  . ZB3 B 2 .  ? 8.699   -17.840 -15.686 0.56 55.30 ? 5   ZB3 B H61  1 
HETATM 977  H  H62  . ZB3 B 2 .  ? 10.237  -17.549 -16.503 0.56 55.30 ? 5   ZB3 B H62  1 
HETATM 978  H  H6M1 . ZB3 B 2 .  ? 11.131  -18.329 -13.211 0.56 61.86 ? 5   ZB3 B H6M1 1 
HETATM 979  H  H6M2 . ZB3 B 2 .  ? 9.405   -18.334 -13.123 0.56 61.86 ? 5   ZB3 B H6M2 1 
HETATM 980  H  H6M3 . ZB3 B 2 .  ? 10.203  -19.083 -14.461 0.56 61.86 ? 5   ZB3 B H6M3 1 
HETATM 981  C  C1   . ZB2 B 2 .  ? 6.770   -17.723 -17.956 0.56 30.75 ? 6   ZB2 B C1   1 
HETATM 982  C  C2   . ZB2 B 2 .  ? 5.312   -17.875 -18.370 0.56 33.08 ? 6   ZB2 B C2   1 
HETATM 983  C  C2M  . ZB2 B 2 .  ? 4.590   -16.876 -20.430 0.56 40.79 ? 6   ZB2 B C2M  1 
HETATM 984  C  C3   . ZB2 B 2 .  ? 4.377   -18.065 -17.179 0.56 30.33 ? 6   ZB2 B C3   1 
HETATM 985  C  C4   . ZB2 B 2 .  ? 4.859   -19.100 -16.157 0.56 25.80 ? 6   ZB2 B C4   1 
HETATM 986  C  C5   . ZB2 B 2 .  ? 6.329   -18.820 -15.861 0.56 25.52 ? 6   ZB2 B C5   1 
HETATM 987  C  C6   . ZB2 B 2 .  ? 6.961   -19.846 -14.913 0.56 25.48 ? 6   ZB2 B C6   1 
HETATM 988  O  O2   . ZB2 B 2 .  ? 4.915   -16.683 -19.057 0.56 37.68 ? 6   ZB2 B O2   1 
HETATM 989  O  O3   . ZB2 B 2 .  ? 3.083   -18.459 -17.662 0.56 32.44 ? 6   ZB2 B O3   1 
HETATM 990  O  O4   . ZB2 B 2 .  ? 4.044   -19.002 -14.977 0.56 21.84 ? 6   ZB2 B O4   1 
HETATM 991  O  O5   . ZB2 B 2 .  ? 7.097   -18.796 -17.075 0.56 27.03 ? 6   ZB2 B O5   1 
HETATM 992  O  O6   . ZB2 B 2 .  ? 7.001   -21.156 -15.507 0.56 27.32 ? 6   ZB2 B O6   1 
HETATM 993  H  H1   . ZB2 B 2 .  ? 7.388   -17.730 -18.865 0.56 36.91 ? 6   ZB2 B H1   1 
HETATM 994  H  H2   . ZB2 B 2 .  ? 5.238   -18.767 -19.008 0.56 39.70 ? 6   ZB2 B H2   1 
HETATM 995  H  H2M1 . ZB2 B 2 .  ? 3.593   -17.221 -20.511 0.56 48.95 ? 6   ZB2 B H2M1 1 
HETATM 996  H  H2M2 . ZB2 B 2 .  ? 4.690   -15.959 -20.948 0.56 48.95 ? 6   ZB2 B H2M2 1 
HETATM 997  H  H2M3 . ZB2 B 2 .  ? 5.247   -17.593 -20.850 0.56 48.95 ? 6   ZB2 B H2M3 1 
HETATM 998  H  H3   . ZB2 B 2 .  ? 4.340   -17.100 -16.655 0.56 36.40 ? 6   ZB2 B H3   1 
HETATM 999  H  HO3  . ZB2 B 2 .  ? 2.412   -18.232 -17.005 0.56 38.93 ? 6   ZB2 B HO3  1 
HETATM 1000 H  H4   . ZB2 B 2 .  ? 4.765   -20.126 -16.539 0.56 30.97 ? 6   ZB2 B H4   1 
HETATM 1001 H  H5   . ZB2 B 2 .  ? 6.353   -17.836 -15.370 0.56 30.63 ? 6   ZB2 B H5   1 
HETATM 1002 H  H61  . ZB2 B 2 .  ? 6.385   -19.885 -13.987 0.56 30.59 ? 6   ZB2 B H61  1 
HETATM 1003 H  H62  . ZB2 B 2 .  ? 7.976   -19.531 -14.664 0.56 30.59 ? 6   ZB2 B H62  1 
HETATM 1004 H  HO6  . ZB2 B 2 .  ? 6.102   -21.500 -15.590 0.56 32.79 ? 6   ZB2 B HO6  1 
HETATM 1005 C  C1   . ZB0 B 2 .  ? 3.651   -20.263 -14.408 0.56 22.58 ? 7   ZB0 B C1   1 
HETATM 1006 C  C2   . ZB0 B 2 .  ? 2.175   -20.261 -14.015 0.56 24.94 ? 7   ZB0 B C2   1 
HETATM 1007 C  C2M  . ZB0 B 2 .  ? 1.023   -21.026 -15.940 0.56 28.30 ? 7   ZB0 B C2M  1 
HETATM 1008 C  C3   . ZB0 B 2 .  ? 1.898   -19.288 -12.879 0.56 21.97 ? 7   ZB0 B C3   1 
HETATM 1009 C  C3M  . ZB0 B 2 .  ? -0.240  -18.303 -12.648 0.56 29.87 ? 7   ZB0 B C3M  1 
HETATM 1010 C  C4   . ZB0 B 2 .  ? 2.853   -19.513 -11.711 0.56 19.67 ? 7   ZB0 B C4   1 
HETATM 1011 C  C5   . ZB0 B 2 .  ? 4.281   -19.498 -12.235 0.56 20.78 ? 7   ZB0 B C5   1 
HETATM 1012 C  C6   . ZB0 B 2 .  ? 5.281   -19.786 -11.122 0.56 24.36 ? 7   ZB0 B C6   1 
HETATM 1013 O  O2   . ZB0 B 2 .  ? 1.435   -19.892 -15.180 0.56 27.27 ? 7   ZB0 B O2   1 
HETATM 1014 O  O3   . ZB0 B 2 .  ? 0.559   -19.460 -12.420 0.56 25.88 ? 7   ZB0 B O3   1 
HETATM 1015 O  O4   . ZB0 B 2 .  ? 2.681   -18.483 -10.749 0.56 19.47 ? 7   ZB0 B O4   1 
HETATM 1016 O  O5   . ZB0 B 2 .  ? 4.438   -20.505 -13.242 0.56 20.79 ? 7   ZB0 B O5   1 
HETATM 1017 O  O6   . ZB0 B 2 .  ? 4.836   -20.912 -10.362 0.56 28.03 ? 7   ZB0 B O6   1 
HETATM 1018 H  H1   . ZB0 B 2 .  ? 3.794   -21.052 -15.159 0.56 27.10 ? 7   ZB0 B H1   1 
HETATM 1019 H  H2   . ZB0 B 2 .  ? 1.877   -21.255 -13.658 0.56 29.93 ? 7   ZB0 B H2   1 
HETATM 1020 H  H2M1 . ZB0 B 2 .  ? 0.128   -21.417 -15.532 0.56 33.96 ? 7   ZB0 B H2M1 1 
HETATM 1021 H  H2M2 . ZB0 B 2 .  ? 0.855   -20.735 -16.945 0.56 33.96 ? 7   ZB0 B H2M2 1 
HETATM 1022 H  H2M3 . ZB0 B 2 .  ? 1.779   -21.766 -15.908 0.56 33.96 ? 7   ZB0 B H2M3 1 
HETATM 1023 H  H3   . ZB0 B 2 .  ? 2.040   -18.267 -13.260 0.56 26.37 ? 7   ZB0 B H3   1 
HETATM 1024 H  H3M1 . ZB0 B 2 .  ? -1.252  -18.592 -12.769 0.56 35.85 ? 7   ZB0 B H3M1 1 
HETATM 1025 H  H3M2 . ZB0 B 2 .  ? 0.093   -17.811 -13.525 0.56 35.85 ? 7   ZB0 B H3M2 1 
HETATM 1026 H  H3M3 . ZB0 B 2 .  ? -0.156  -17.647 -11.821 0.56 35.85 ? 7   ZB0 B H3M3 1 
HETATM 1027 H  H4   . ZB0 B 2 .  ? 2.642   -20.480 -11.231 0.56 23.61 ? 7   ZB0 B H4   1 
HETATM 1028 H  H5   . ZB0 B 2 .  ? 4.474   -18.500 -12.652 0.56 24.95 ? 7   ZB0 B H5   1 
HETATM 1029 H  H61  . ZB0 B 2 .  ? 6.263   -19.992 -11.551 0.56 29.24 ? 7   ZB0 B H61  1 
HETATM 1030 H  H62  . ZB0 B 2 .  ? 5.375   -18.913 -10.472 0.56 29.24 ? 7   ZB0 B H62  1 
HETATM 1031 H  HO6  . ZB0 B 2 .  ? 5.485   -21.112 -9.673  0.56 33.64 ? 7   ZB0 B HO6  1 
HETATM 1032 CU CU   . CU  C 3 .  ? -1.929  8.685   -12.865 1.00 65.40 ? 201 CU  A CU   1 
HETATM 1033 O  O    . HOH D 4 .  ? 6.871   -13.915 -21.319 1.00 31.61 ? 301 HOH A O    1 
HETATM 1034 O  O    . HOH D 4 .  ? -5.186  6.680   6.090   1.00 29.27 ? 302 HOH A O    1 
HETATM 1035 O  O    . HOH D 4 .  ? 13.306  -14.070 -10.468 1.00 40.84 ? 303 HOH A O    1 
HETATM 1036 O  O    . HOH D 4 .  ? 7.261   4.827   -8.510  1.00 39.04 ? 304 HOH A O    1 
HETATM 1037 O  O    . HOH D 4 .  ? -5.061  5.850   8.902   1.00 35.70 ? 305 HOH A O    1 
HETATM 1038 O  O    . HOH D 4 .  ? -4.523  -9.758  5.044   1.00 32.35 ? 306 HOH A O    1 
HETATM 1039 O  O    . HOH D 4 .  ? 3.712   -6.867  1.024   1.00 35.94 ? 307 HOH A O    1 
HETATM 1040 O  O    . HOH D 4 .  ? 12.231  -1.532  4.106   1.00 33.02 ? 308 HOH A O    1 
HETATM 1041 O  O    . HOH D 4 .  ? 6.047   -6.862  1.701   1.00 39.53 ? 309 HOH A O    1 
HETATM 1042 O  O    . HOH D 4 .  ? 5.163   1.357   11.339  1.00 32.27 ? 310 HOH A O    1 
HETATM 1043 O  O    . HOH D 4 .  ? 1.919   9.894   7.445   1.00 22.82 ? 311 HOH A O    1 
HETATM 1044 O  O    . HOH D 4 .  ? 2.345   -8.907  0.317   1.00 30.99 ? 312 HOH A O    1 
HETATM 1045 O  O    . HOH D 4 .  ? 0.207   -9.732  10.075  1.00 38.17 ? 313 HOH A O    1 
HETATM 1046 O  O    . HOH D 4 .  ? 8.517   -3.205  -7.692  1.00 23.34 ? 314 HOH A O    1 
HETATM 1047 O  O    . HOH D 4 .  ? -3.678  -10.475 9.309   1.00 29.11 ? 315 HOH A O    1 
HETATM 1048 O  O    . HOH D 4 .  ? 10.517  2.706   -3.556  1.00 22.87 ? 316 HOH A O    1 
HETATM 1049 O  O    . HOH D 4 .  ? -2.807  11.736  4.626   1.00 30.59 ? 317 HOH A O    1 
HETATM 1050 O  O    . HOH D 4 .  ? -12.560 -1.502  -3.306  1.00 38.87 ? 318 HOH A O    1 
HETATM 1051 O  O    . HOH D 4 .  ? 9.636   5.072   -4.527  1.00 29.18 ? 319 HOH A O    1 
HETATM 1052 O  O    . HOH D 4 .  ? -11.259 2.451   -0.800  1.00 40.53 ? 320 HOH A O    1 
HETATM 1053 O  O    . HOH D 4 .  ? 8.971   7.982   6.378   1.00 36.88 ? 321 HOH A O    1 
HETATM 1054 O  O    . HOH D 4 .  ? 2.120   -2.195  11.964  1.00 27.70 ? 322 HOH A O    1 
HETATM 1055 O  O    . HOH D 4 .  ? -4.730  -6.458  -8.461  1.00 36.72 ? 323 HOH A O    1 
HETATM 1056 O  O    . HOH D 4 .  ? 8.267   -2.233  -4.499  1.00 24.32 ? 324 HOH A O    1 
HETATM 1057 O  O    . HOH D 4 .  ? 4.207   -15.602 -4.173  1.00 37.24 ? 325 HOH A O    1 
HETATM 1058 O  O    . HOH D 4 .  ? 9.163   -4.433  -0.405  1.00 30.69 ? 326 HOH A O    1 
HETATM 1059 O  O    . HOH D 4 .  ? 6.561   11.128  8.594   1.00 40.31 ? 327 HOH A O    1 
HETATM 1060 O  O    . HOH D 4 .  ? 11.687  -2.245  6.547   1.00 40.18 ? 328 HOH A O    1 
HETATM 1061 O  O    . HOH D 4 .  ? -4.377  10.179  2.903   1.00 35.55 ? 329 HOH A O    1 
HETATM 1062 O  O    . HOH D 4 .  ? -0.056  -17.169 -5.199  1.00 29.71 ? 330 HOH A O    1 
HETATM 1063 O  O    . HOH D 4 .  ? 8.663   2.044   9.656   1.00 34.10 ? 331 HOH A O    1 
HETATM 1064 O  O    . HOH D 4 .  ? 1.614   -5.327  -11.032 1.00 39.70 ? 332 HOH A O    1 
HETATM 1065 O  O    . HOH D 4 .  ? 5.410   -5.722  7.047   1.00 30.78 ? 333 HOH A O    1 
HETATM 1066 O  O    . HOH D 4 .  ? 2.216   0.548   12.093  1.00 40.43 ? 334 HOH A O    1 
HETATM 1067 O  O    . HOH D 4 .  ? 11.150  -2.260  0.670   1.00 37.44 ? 335 HOH A O    1 
HETATM 1068 O  O    . HOH D 4 .  ? -6.102  9.301   5.465   1.00 34.50 ? 336 HOH A O    1 
HETATM 1069 O  O    . HOH D 4 .  ? 5.774   -7.158  4.515   1.00 39.86 ? 337 HOH A O    1 
HETATM 1070 O  O    . HOH D 4 .  ? 12.831  -3.888  2.525   1.00 48.05 ? 338 HOH A O    1 
HETATM 1071 O  O    . HOH D 4 .  ? 4.209   -2.842  13.286  1.00 37.97 ? 339 HOH A O    1 
HETATM 1072 O  O    . HOH D 4 .  ? 5.802   -0.593  13.427  1.00 37.46 ? 340 HOH A O    1 
# 
loop_
_atom_site_anisotrop.id 
_atom_site_anisotrop.type_symbol 
_atom_site_anisotrop.pdbx_label_atom_id 
_atom_site_anisotrop.pdbx_label_alt_id 
_atom_site_anisotrop.pdbx_label_comp_id 
_atom_site_anisotrop.pdbx_label_asym_id 
_atom_site_anisotrop.pdbx_label_seq_id 
_atom_site_anisotrop.pdbx_PDB_ins_code 
_atom_site_anisotrop.U[1][1] 
_atom_site_anisotrop.U[2][2] 
_atom_site_anisotrop.U[3][3] 
_atom_site_anisotrop.U[1][2] 
_atom_site_anisotrop.U[1][3] 
_atom_site_anisotrop.U[2][3] 
_atom_site_anisotrop.pdbx_auth_seq_id 
_atom_site_anisotrop.pdbx_auth_comp_id 
_atom_site_anisotrop.pdbx_auth_asym_id 
_atom_site_anisotrop.pdbx_auth_atom_id 
1    N  N   . SER A 2  ? 0.5420 0.6887 0.9712 -0.0489 0.1794  -0.1119 82  SER A N   
2    C  CA  . SER A 2  ? 0.5564 0.6435 0.9434 -0.0396 0.1548  -0.0828 82  SER A CA  
3    C  C   . SER A 2  ? 0.5884 0.5399 0.8528 -0.0145 0.1092  -0.0018 82  SER A C   
4    O  O   . SER A 2  ? 0.5521 0.5806 0.9492 -0.0166 0.0942  -0.0608 82  SER A O   
5    C  CB  . SER A 2  ? 0.5430 0.6508 0.9479 -0.0606 0.1821  -0.0867 82  SER A CB  
7    N  N   . HIS A 3  ? 0.6748 0.3677 0.6246 0.0168  0.0756  0.1659  83  HIS A N   
8    C  CA  . HIS A 3  ? 0.6343 0.3150 0.6037 0.0135  0.0327  0.1503  83  HIS A CA  
9    C  C   . HIS A 3  ? 0.6392 0.2577 0.4814 0.0402  0.0162  0.1710  83  HIS A C   
10   O  O   . HIS A 3  ? 0.6604 0.3068 0.5868 0.0737  0.0022  0.1021  83  HIS A O   
11   C  CB  . HIS A 3  ? 0.6412 0.3223 0.6444 0.0176  -0.0066 0.1394  83  HIS A CB  
12   C  CG  . HIS A 3  ? 0.6562 0.3024 0.7079 0.0228  -0.0510 0.1283  83  HIS A CG  
13   N  ND1 . HIS A 3  ? 0.6953 0.2710 0.6561 0.0615  -0.0914 0.1641  83  HIS A ND1 
14   C  CD2 . HIS A 3  ? 0.6620 0.2827 0.7449 0.0047  -0.0563 0.1237  83  HIS A CD2 
15   C  CE1 . HIS A 3  ? 0.6763 0.3379 0.7199 0.0509  -0.0948 0.1030  83  HIS A CE1 
16   N  NE2 . HIS A 3  ? 0.6813 0.3070 0.7316 0.0299  -0.0793 0.1177  83  HIS A NE2 
23   N  N   . MET A 4  ? 0.5846 0.2742 0.3787 0.0499  0.0096  0.1401  84  MET A N   
24   C  CA  . MET A 4  ? 0.4968 0.3050 0.3675 0.0472  0.0057  0.0746  84  MET A CA  
25   C  C   . MET A 4  ? 0.4221 0.2125 0.2730 -0.0050 0.0163  0.0575  84  MET A C   
26   O  O   . MET A 4  ? 0.4078 0.2506 0.2671 -0.0061 0.0381  0.0261  84  MET A O   
27   C  CB  . MET A 4  ? 0.5069 0.3737 0.4185 0.0669  0.0072  0.0618  84  MET A CB  
28   C  CG  . MET A 4  ? 0.5082 0.4875 0.5853 0.0924  0.0074  -0.0213 84  MET A CG  
29   S  SD  . MET A 4  ? 0.5246 0.5772 0.7275 0.1313  0.0113  -0.0790 84  MET A SD  
30   C  CE  . MET A 4  ? 0.5217 0.5838 0.7484 0.1356  0.0051  -0.0849 84  MET A CE  
40   N  N   . THR A 5  ? 0.4164 0.2213 0.2204 -0.0314 0.0154  -0.0047 85  THR A N   
41   C  CA  . THR A 5  ? 0.4242 0.2123 0.2155 -0.0160 0.0060  -0.0360 85  THR A CA  
42   C  C   . THR A 5  ? 0.4064 0.1499 0.2404 -0.0064 0.0035  -0.0365 85  THR A C   
43   O  O   . THR A 5  ? 0.4476 0.1429 0.2817 -0.0136 0.0034  -0.0147 85  THR A O   
44   C  CB  . THR A 5  ? 0.4581 0.2835 0.2352 0.0075  0.0569  -0.0501 85  THR A CB  
45   O  OG1 . THR A 5  ? 0.5184 0.3273 0.2803 0.0088  0.0535  -0.0765 85  THR A OG1 
46   C  CG2 . THR A 5  ? 0.4451 0.2931 0.2864 0.0259  0.0449  -0.0630 85  THR A CG2 
54   N  N   . PHE A 6  ? 0.3359 0.1301 0.2130 0.0005  0.0244  -0.0388 86  PHE A N   
55   C  CA  . PHE A 6  ? 0.2899 0.1293 0.1984 -0.0061 0.0351  -0.0403 86  PHE A CA  
56   C  C   . PHE A 6  ? 0.2794 0.1322 0.1980 -0.0005 0.0419  -0.0492 86  PHE A C   
57   O  O   . PHE A 6  ? 0.3002 0.1174 0.2335 0.0075  0.0372  -0.0704 86  PHE A O   
58   C  CB  . PHE A 6  ? 0.2884 0.1223 0.2354 0.0032  0.0318  -0.0481 86  PHE A CB  
59   C  CG  . PHE A 6  ? 0.2845 0.1771 0.2330 0.0205  0.0359  -0.0345 86  PHE A CG  
60   C  CD1 . PHE A 6  ? 0.2826 0.1545 0.2876 0.0146  0.0251  -0.0411 86  PHE A CD1 
61   C  CD2 . PHE A 6  ? 0.3213 0.3140 0.3171 0.0699  0.0544  -0.0778 86  PHE A CD2 
62   C  CE1 . PHE A 6  ? 0.2838 0.1709 0.3710 -0.0054 0.0424  -0.0341 86  PHE A CE1 
63   C  CE2 . PHE A 6  ? 0.3503 0.3360 0.3280 0.0893  0.0366  -0.0516 86  PHE A CE2 
64   C  CZ  . PHE A 6  ? 0.3166 0.2148 0.3607 0.0622  0.0462  0.0156  86  PHE A CZ  
74   N  N   . VAL A 7  ? 0.2772 0.1359 0.1910 0.0083  0.0404  -0.0563 87  VAL A N   
75   C  CA  . VAL A 7  ? 0.2464 0.1519 0.2196 0.0175  0.0544  -0.0636 87  VAL A CA  
76   C  C   . VAL A 7  ? 0.2003 0.1592 0.2166 0.0162  0.0482  -0.0694 87  VAL A C   
77   O  O   . VAL A 7  ? 0.2305 0.1595 0.2315 0.0192  0.0680  -0.0863 87  VAL A O   
78   C  CB  . VAL A 7  ? 0.2639 0.1972 0.2493 0.0184  0.0679  -0.0701 87  VAL A CB  
79   C  CG1 . VAL A 7  ? 0.2378 0.1999 0.2762 -0.0053 0.0644  -0.0756 87  VAL A CG1 
80   C  CG2 . VAL A 7  ? 0.2640 0.2291 0.2359 0.0110  0.0615  -0.0610 87  VAL A CG2 
90   N  N   . ALA A 8  ? 0.2265 0.1692 0.2018 0.0215  0.0468  -0.0607 88  ALA A N   
91   C  CA  . ALA A 8  ? 0.2219 0.1903 0.2040 -0.0027 0.0283  -0.0426 88  ALA A CA  
92   C  C   . ALA A 8  ? 0.2202 0.2147 0.2184 -0.0218 0.0445  -0.0575 88  ALA A C   
93   O  O   . ALA A 8  ? 0.2353 0.2380 0.2492 -0.0304 0.0453  -0.0778 88  ALA A O   
94   C  CB  . ALA A 8  ? 0.2344 0.1946 0.2299 0.0023  0.0111  -0.0583 88  ALA A CB  
100  N  N   . LEU A 9  ? 0.2582 0.2104 0.2173 -0.0310 0.0304  -0.0830 89  LEU A N   
101  C  CA  . LEU A 9  ? 0.2858 0.1995 0.2370 -0.0185 0.0175  -0.0561 89  LEU A CA  
102  C  C   . LEU A 9  ? 0.2603 0.2301 0.2636 -0.0266 -0.0262 -0.0525 89  LEU A C   
103  O  O   . LEU A 9  ? 0.2842 0.2395 0.2923 -0.0513 -0.0317 -0.0534 89  LEU A O   
104  C  CB  . LEU A 9  ? 0.3043 0.1883 0.2638 -0.0389 0.0161  -0.0699 89  LEU A CB  
105  C  CG  . LEU A 9  ? 0.3025 0.1909 0.2671 -0.0351 0.0258  -0.0518 89  LEU A CG  
106  C  CD1 . LEU A 9  ? 0.3655 0.2252 0.2556 -0.0269 0.0342  -0.0981 89  LEU A CD1 
107  C  CD2 . LEU A 9  ? 0.3201 0.2633 0.3790 -0.0330 0.0283  -0.0840 89  LEU A CD2 
119  N  N   . TYR A 10 ? 0.2600 0.2613 0.2648 -0.0473 -0.0111 -0.0690 90  TYR A N   
120  C  CA  . TYR A 10 ? 0.3050 0.2583 0.2460 -0.0437 -0.0245 -0.0559 90  TYR A CA  
121  C  C   . TYR A 10 ? 0.2786 0.2683 0.2444 -0.0383 -0.0115 -0.0441 90  TYR A C   
122  O  O   . TYR A 10 ? 0.2602 0.2477 0.2372 -0.0360 -0.0277 -0.0539 90  TYR A O   
123  C  CB  . TYR A 10 ? 0.3632 0.2261 0.2255 -0.0265 -0.0139 -0.0356 90  TYR A CB  
124  C  CG  . TYR A 10 ? 0.3750 0.2114 0.2186 -0.0557 -0.0023 -0.0618 90  TYR A CG  
125  C  CD1 . TYR A 10 ? 0.3622 0.2522 0.2618 -0.0604 0.0190  -0.0780 90  TYR A CD1 
126  C  CD2 . TYR A 10 ? 0.3454 0.1981 0.2801 -0.0271 0.0172  -0.0763 90  TYR A CD2 
127  C  CE1 . TYR A 10 ? 0.3291 0.2482 0.2638 -0.0459 0.0012  -0.0838 90  TYR A CE1 
128  C  CE2 . TYR A 10 ? 0.3147 0.2369 0.2633 -0.0129 -0.0002 -0.0949 90  TYR A CE2 
129  C  CZ  . TYR A 10 ? 0.3697 0.2075 0.2248 -0.0296 -0.0051 -0.0598 90  TYR A CZ  
130  O  OH  . TYR A 10 ? 0.3697 0.2319 0.2684 -0.0561 0.0044  -0.0912 90  TYR A OH  
140  N  N   . ASP A 11 ? 0.2612 0.2569 0.2821 -0.0400 -0.0244 -0.0209 91  ASP A N   
141  C  CA  . ASP A 11 ? 0.2818 0.2401 0.2936 -0.0301 -0.0085 0.0114  91  ASP A CA  
142  C  C   . ASP A 11 ? 0.2792 0.2491 0.3050 -0.0305 0.0050  -0.0277 91  ASP A C   
143  O  O   . ASP A 11 ? 0.3097 0.2696 0.2930 -0.0527 0.0069  -0.0552 91  ASP A O   
144  C  CB  . ASP A 11 ? 0.2897 0.2916 0.3469 -0.0001 -0.0387 0.0125  91  ASP A CB  
145  C  CG  . ASP A 11 ? 0.3386 0.3850 0.3163 0.0339  -0.0660 0.0097  91  ASP A CG  
146  O  OD1 . ASP A 11 ? 0.2829 0.3883 0.3550 0.0004  -0.0491 0.0016  91  ASP A OD1 
147  O  OD2 . ASP A 11 ? 0.3780 0.4443 0.3765 0.0496  -0.0708 -0.0206 91  ASP A OD2 
152  N  N   . TYR A 12 ? 0.2658 0.2186 0.2999 -0.0141 0.0137  -0.0170 92  TYR A N   
153  C  CA  . TYR A 12 ? 0.2433 0.2133 0.2642 -0.0202 0.0227  -0.0304 92  TYR A CA  
154  C  C   . TYR A 12 ? 0.2632 0.2294 0.2145 -0.0071 0.0069  -0.0326 92  TYR A C   
155  O  O   . TYR A 12 ? 0.2513 0.2229 0.2570 -0.0035 0.0118  -0.0404 92  TYR A O   
156  C  CB  . TYR A 12 ? 0.2535 0.2000 0.2588 -0.0176 0.0318  -0.0498 92  TYR A CB  
157  C  CG  . TYR A 12 ? 0.2824 0.1861 0.2215 -0.0174 0.0365  -0.0603 92  TYR A CG  
158  C  CD1 . TYR A 12 ? 0.2857 0.1760 0.2397 -0.0136 0.0329  -0.0632 92  TYR A CD1 
159  C  CD2 . TYR A 12 ? 0.2802 0.1768 0.2183 -0.0143 0.0226  -0.0670 92  TYR A CD2 
160  C  CE1 . TYR A 12 ? 0.2897 0.1724 0.2316 -0.0139 0.0438  -0.0753 92  TYR A CE1 
161  C  CE2 . TYR A 12 ? 0.2569 0.1474 0.2400 -0.0105 0.0130  -0.0609 92  TYR A CE2 
162  C  CZ  . TYR A 12 ? 0.2438 0.1526 0.2630 -0.0226 0.0392  -0.0778 92  TYR A CZ  
163  O  OH  . TYR A 12 ? 0.2900 0.1612 0.2380 -0.0226 0.0331  -0.0675 92  TYR A OH  
173  N  N   . GLU A 13 ? 0.2707 0.2175 0.2415 -0.0222 0.0125  -0.0434 93  GLU A N   
174  C  CA  . GLU A 13 ? 0.2992 0.1978 0.2504 0.0000  -0.0022 -0.0201 93  GLU A CA  
175  C  C   . GLU A 13 ? 0.2824 0.1656 0.2546 -0.0190 0.0167  -0.0382 93  GLU A C   
176  O  O   . GLU A 13 ? 0.2983 0.2088 0.2466 -0.0231 0.0423  -0.0702 93  GLU A O   
177  C  CB  . GLU A 13 ? 0.3254 0.2447 0.3092 0.0179  -0.0212 -0.0227 93  GLU A CB  
180  N  N   . SER A 14 ? 0.3129 0.1598 0.2300 0.0174  0.0297  -0.0386 94  SER A N   
181  C  CA  . SER A 14 ? 0.2912 0.1918 0.2200 -0.0089 0.0431  -0.0498 94  SER A CA  
182  C  C   . SER A 14 ? 0.3269 0.2053 0.2035 -0.0092 0.0344  -0.0370 94  SER A C   
183  O  O   . SER A 14 ? 0.3242 0.2244 0.2401 -0.0131 0.0252  -0.0116 94  SER A O   
184  C  CB  . SER A 14 ? 0.3317 0.2869 0.2233 -0.0229 0.0427  -0.1043 94  SER A CB  
185  O  OG  . SER A 14 ? 0.4186 0.2743 0.2960 -0.0359 0.0618  -0.1142 94  SER A OG  
191  N  N   . ARG A 15 ? 0.3139 0.2095 0.1581 -0.0299 0.0324  -0.0536 95  ARG A N   
192  C  CA  . ARG A 15 ? 0.3367 0.2370 0.1935 -0.0582 0.0314  -0.0909 95  ARG A CA  
193  C  C   . ARG A 15 ? 0.3679 0.2378 0.1858 -0.0535 0.0250  -0.0544 95  ARG A C   
194  O  O   . ARG A 15 ? 0.3997 0.2404 0.1976 -0.0623 0.0379  -0.0490 95  ARG A O   
195  C  CB  . ARG A 15 ? 0.3429 0.2304 0.2682 -0.0307 0.0352  -0.1012 95  ARG A CB  
196  C  CG  . ARG A 15 ? 0.3197 0.2262 0.2826 -0.0176 0.0405  -0.0886 95  ARG A CG  
197  C  CD  . ARG A 15 ? 0.3088 0.2357 0.2378 -0.0053 0.0241  -0.0909 95  ARG A CD  
198  N  NE  . ARG A 15 ? 0.3399 0.2142 0.2234 -0.0166 0.0251  -0.0846 95  ARG A NE  
199  C  CZ  . ARG A 15 ? 0.3565 0.2253 0.2523 -0.0464 0.0451  -0.0681 95  ARG A CZ  
200  N  NH1 . ARG A 15 ? 0.3412 0.3034 0.2321 -0.0337 0.0592  -0.0778 95  ARG A NH1 
201  N  NH2 . ARG A 15 ? 0.4029 0.2422 0.2592 -0.0773 0.0383  -0.0815 95  ARG A NH2 
215  N  N   . THR A 16 ? 0.3462 0.2378 0.2173 -0.0633 0.0365  -0.0633 96  THR A N   
216  C  CA  . THR A 16 ? 0.3543 0.2436 0.2435 -0.0484 0.0464  -0.0636 96  THR A CA  
217  C  C   . THR A 16 ? 0.3594 0.1996 0.2733 -0.0582 0.0005  -0.0729 96  THR A C   
218  O  O   . THR A 16 ? 0.3656 0.2186 0.3205 -0.0370 -0.0169 -0.1151 96  THR A O   
219  C  CB  . THR A 16 ? 0.3647 0.3024 0.2839 0.0073  0.0435  -0.0932 96  THR A CB  
220  O  OG1 . THR A 16 ? 0.3778 0.2999 0.2945 0.0177  0.0334  -0.0899 96  THR A OG1 
221  C  CG2 . THR A 16 ? 0.4093 0.3455 0.3002 0.0484  0.0478  -0.1160 96  THR A CG2 
229  N  N   . GLU A 17 ? 0.3771 0.2072 0.2734 -0.0533 -0.0109 -0.0638 97  GLU A N   
230  C  CA  . GLU A 17 ? 0.4184 0.2145 0.2649 -0.0434 -0.0348 -0.0952 97  GLU A CA  
231  C  C   . GLU A 17 ? 0.4042 0.1821 0.2254 0.0054  -0.0350 -0.0901 97  GLU A C   
232  O  O   . GLU A 17 ? 0.4451 0.1951 0.2644 0.0421  -0.0348 -0.1067 97  GLU A O   
233  C  CB  . GLU A 17 ? 0.4072 0.2898 0.3976 -0.0603 -0.0293 -0.1572 97  GLU A CB  
236  N  N   . THR A 18 ? 0.2524 0.1731 0.2237 -0.0253 0.0185  -0.0928 98  THR A N   
237  C  CA  . THR A 18 ? 0.2440 0.1434 0.2142 -0.0032 0.0198  -0.0619 98  THR A CA  
238  C  C   . THR A 18 ? 0.2261 0.1418 0.2042 0.0003  0.0243  -0.0639 98  THR A C   
239  O  O   . THR A 18 ? 0.2379 0.1550 0.2224 -0.0146 0.0304  -0.0687 98  THR A O   
240  C  CB  . THR A 18 ? 0.2359 0.1866 0.2934 -0.0034 0.0326  -0.1268 98  THR A CB  
241  O  OG1 . THR A 18 ? 0.2488 0.2463 0.3311 0.0136  0.0147  -0.1655 98  THR A OG1 
242  C  CG2 . THR A 18 ? 0.2329 0.2145 0.2856 -0.0430 0.0438  -0.1296 98  THR A CG2 
250  N  N   . ASP A 19 ? 0.2245 0.1445 0.2012 0.0024  0.0237  -0.0641 99  ASP A N   
251  C  CA  . ASP A 19 ? 0.2213 0.1535 0.2078 0.0032  0.0331  -0.0644 99  ASP A CA  
252  C  C   . ASP A 19 ? 0.2581 0.1553 0.2231 0.0115  0.0498  -0.0761 99  ASP A C   
253  O  O   . ASP A 19 ? 0.2951 0.1471 0.4000 0.0213  0.1296  -0.0470 99  ASP A O   
254  C  CB  . ASP A 19 ? 0.2182 0.1835 0.2140 -0.0056 0.0202  -0.0850 99  ASP A CB  
255  C  CG  . ASP A 19 ? 0.2844 0.1998 0.2354 -0.0324 0.0150  -0.0909 99  ASP A CG  
256  O  OD1 . ASP A 19 ? 0.4061 0.1901 0.2639 -0.0352 -0.0358 -0.0642 99  ASP A OD1 
257  O  OD2 . ASP A 19 ? 0.2660 0.1968 0.2237 -0.0191 0.0290  -0.0899 99  ASP A OD2 
262  N  N   . LEU A 20 ? 0.2303 0.1521 0.2613 0.0134  0.0423  -0.0875 100 LEU A N   
263  C  CA  . LEU A 20 ? 0.2901 0.1276 0.2244 0.0119  0.0610  -0.0626 100 LEU A CA  
264  C  C   . LEU A 20 ? 0.2342 0.1826 0.2263 0.0306  0.0432  -0.0991 100 LEU A C   
265  O  O   . LEU A 20 ? 0.2399 0.1962 0.3333 0.0164  0.0322  -0.1365 100 LEU A O   
266  C  CB  . LEU A 20 ? 0.3472 0.1500 0.3369 0.0135  0.0799  -0.0828 100 LEU A CB  
267  C  CG  . LEU A 20 ? 0.4039 0.1716 0.2535 0.0526  0.0748  -0.0681 100 LEU A CG  
268  C  CD1 . LEU A 20 ? 0.4091 0.2084 0.3108 0.0712  0.0847  -0.0941 100 LEU A CD1 
269  C  CD2 . LEU A 20 ? 0.2935 0.1731 0.2577 0.0286  0.0793  -0.0753 100 LEU A CD2 
281  N  N   . SER A 21 ? 0.2481 0.1767 0.2777 -0.0007 0.0530  -0.0892 101 SER A N   
282  C  CA  . SER A 21 ? 0.2292 0.2067 0.2808 0.0071  0.0410  -0.0752 101 SER A CA  
283  C  C   . SER A 21 ? 0.2218 0.2094 0.3091 0.0011  0.0456  -0.0860 101 SER A C   
284  O  O   . SER A 21 ? 0.2596 0.2515 0.3286 0.0043  0.0702  -0.1116 101 SER A O   
285  C  CB  . SER A 21 ? 0.2862 0.2320 0.2902 0.0239  0.0482  -0.0575 101 SER A CB  
286  O  OG  . SER A 21 ? 0.3121 0.2207 0.3362 0.0530  0.0488  -0.0445 101 SER A OG  
292  N  N   . PHE A 22 ? 0.2158 0.1930 0.3044 0.0092  0.0356  -0.0604 102 PHE A N   
293  C  CA  . PHE A 22 ? 0.2155 0.2193 0.2798 0.0210  0.0255  -0.0429 102 PHE A CA  
294  C  C   . PHE A 22 ? 0.2730 0.2323 0.2635 0.0052  0.0112  -0.0332 102 PHE A C   
295  O  O   . PHE A 22 ? 0.2286 0.2569 0.2696 -0.0026 0.0072  -0.0460 102 PHE A O   
296  C  CB  . PHE A 22 ? 0.2094 0.2207 0.2907 0.0170  0.0268  -0.0602 102 PHE A CB  
297  C  CG  . PHE A 22 ? 0.2088 0.1901 0.2462 -0.0041 0.0285  -0.0388 102 PHE A CG  
298  C  CD1 . PHE A 22 ? 0.2115 0.2189 0.2559 0.0051  0.0133  -0.0466 102 PHE A CD1 
299  C  CD2 . PHE A 22 ? 0.2217 0.1615 0.2450 0.0027  0.0180  -0.0316 102 PHE A CD2 
300  C  CE1 . PHE A 22 ? 0.2213 0.1996 0.2595 -0.0048 -0.0030 -0.0514 102 PHE A CE1 
301  C  CE2 . PHE A 22 ? 0.2069 0.1650 0.2511 0.0048  0.0047  -0.0452 102 PHE A CE2 
302  C  CZ  . PHE A 22 ? 0.2158 0.1928 0.2422 -0.0028 -0.0043 -0.0481 102 PHE A CZ  
312  N  N   . LYS A 23 ? 0.2360 0.2746 0.2477 -0.0196 0.0307  -0.0354 103 LYS A N   
313  C  CA  . LYS A 23 ? 0.2230 0.2833 0.2881 -0.0089 0.0085  -0.0435 103 LYS A CA  
314  C  C   . LYS A 23 ? 0.2055 0.2968 0.2671 -0.0260 0.0281  -0.0595 103 LYS A C   
315  O  O   . LYS A 23 ? 0.2319 0.2612 0.2836 0.0058  0.0043  -0.0591 103 LYS A O   
316  C  CB  . LYS A 23 ? 0.2323 0.3274 0.3296 0.0335  0.0090  -0.0520 103 LYS A CB  
319  N  N   . LYS A 24 ? 0.2328 0.2683 0.2761 -0.0127 -0.0088 -0.0433 104 LYS A N   
320  C  CA  . LYS A 24 ? 0.2313 0.2881 0.2900 -0.0219 -0.0119 -0.0508 104 LYS A CA  
321  C  C   . LYS A 24 ? 0.2179 0.3239 0.3036 0.0089  0.0154  -0.0608 104 LYS A C   
322  O  O   . LYS A 24 ? 0.2262 0.3418 0.3397 0.0262  0.0219  -0.0512 104 LYS A O   
323  C  CB  . LYS A 24 ? 0.2883 0.3056 0.3362 -0.0303 -0.0212 -0.0537 104 LYS A CB  
324  C  CG  . LYS A 24 ? 0.3086 0.3280 0.3852 -0.0489 -0.0243 -0.0681 104 LYS A CG  
325  C  CD  . LYS A 24 ? 0.3415 0.3845 0.5187 -0.0703 -0.0217 -0.1386 104 LYS A CD  
326  C  CE  . LYS A 24 ? 0.3454 0.4441 0.6254 -0.0678 -0.0164 -0.1966 104 LYS A CE  
327  N  NZ  . LYS A 24 ? 0.3671 0.4796 0.6442 -0.0615 -0.0125 -0.2210 104 LYS A NZ  
341  N  N   . GLY A 25 ? 0.2316 0.3062 0.2805 0.0285  0.0368  -0.0575 105 GLY A N   
342  C  CA  . GLY A 25 ? 0.2324 0.2987 0.2976 0.0574  0.0546  -0.0516 105 GLY A CA  
343  C  C   . GLY A 25 ? 0.2715 0.2550 0.2418 0.0763  0.0855  -0.0218 105 GLY A C   
344  O  O   . GLY A 25 ? 0.2909 0.2553 0.3165 0.0608  0.1109  -0.0497 105 GLY A O   
348  N  N   . GLU A 26 ? 0.2971 0.2475 0.2429 0.0716  0.0401  -0.0469 106 GLU A N   
349  C  CA  . GLU A 26 ? 0.2885 0.2538 0.2529 0.0415  0.0658  -0.0866 106 GLU A CA  
350  C  C   . GLU A 26 ? 0.2893 0.1966 0.2247 0.0566  0.0525  -0.0748 106 GLU A C   
351  O  O   . GLU A 26 ? 0.3287 0.2013 0.2401 0.0777  0.0520  -0.0905 106 GLU A O   
352  C  CB  . GLU A 26 ? 0.2444 0.2450 0.2997 0.0259  0.0638  -0.0872 106 GLU A CB  
353  C  CG  . GLU A 26 ? 0.2780 0.2478 0.2716 0.0268  0.0612  -0.0774 106 GLU A CG  
354  C  CD  . GLU A 26 ? 0.2775 0.2571 0.2797 0.0057  0.0417  -0.0936 106 GLU A CD  
355  O  OE1 . GLU A 26 ? 0.2810 0.2696 0.3082 -0.0057 0.0415  -0.1043 106 GLU A OE1 
356  O  OE2 . GLU A 26 ? 0.2938 0.2722 0.2690 0.0021  0.0448  -0.0956 106 GLU A OE2 
363  N  N   . ARG A 27 ? 0.2457 0.1504 0.2750 0.0370  0.0694  -0.0791 107 ARG A N   
364  C  CA  . ARG A 27 ? 0.2563 0.1491 0.2506 0.0190  0.0783  -0.0802 107 ARG A CA  
365  C  C   . ARG A 27 ? 0.2365 0.1458 0.2505 0.0033  0.0752  -0.0863 107 ARG A C   
366  O  O   . ARG A 27 ? 0.2632 0.1299 0.2581 0.0161  0.0674  -0.0749 107 ARG A O   
367  C  CB  . ARG A 27 ? 0.2571 0.1872 0.2666 0.0185  0.0971  -0.0874 107 ARG A CB  
368  C  CG  . ARG A 27 ? 0.2664 0.2065 0.3027 -0.0233 0.1085  -0.0835 107 ARG A CG  
369  C  CD  . ARG A 27 ? 0.2935 0.2867 0.4208 -0.0145 0.1010  -0.1337 107 ARG A CD  
370  N  NE  . ARG A 27 ? 0.3625 0.3311 0.4454 0.0082  0.1040  -0.1383 107 ARG A NE  
371  C  CZ  . ARG A 27 ? 0.4611 0.3163 0.4783 0.0258  0.0986  -0.1192 107 ARG A CZ  
372  N  NH1 . ARG A 27 ? 0.4627 0.3132 0.5433 0.0396  0.0927  -0.1170 107 ARG A NH1 
373  N  NH2 . ARG A 27 ? 0.4896 0.3163 0.4415 0.0260  0.0993  -0.1149 107 ARG A NH2 
387  N  N   . LEU A 28 ? 0.2319 0.1356 0.2343 0.0110  0.0528  -0.0589 108 LEU A N   
388  C  CA  . LEU A 28 ? 0.2741 0.1546 0.2278 -0.0022 0.0246  -0.0555 108 LEU A CA  
389  C  C   . LEU A 28 ? 0.2969 0.1652 0.2281 -0.0104 0.0247  -0.0479 108 LEU A C   
390  O  O   . LEU A 28 ? 0.3664 0.1452 0.3007 -0.0209 -0.0199 -0.0311 108 LEU A O   
391  C  CB  . LEU A 28 ? 0.2723 0.1901 0.2428 0.0096  0.0666  -0.0240 108 LEU A CB  
392  C  CG  . LEU A 28 ? 0.2900 0.2338 0.2338 0.0066  0.0859  -0.0222 108 LEU A CG  
393  C  CD1 . LEU A 28 ? 0.3945 0.2399 0.2954 0.0036  0.0233  -0.0377 108 LEU A CD1 
394  C  CD2 . LEU A 28 ? 0.3213 0.1855 0.2474 0.0307  0.0515  -0.0541 108 LEU A CD2 
406  N  N   . GLN A 29 ? 0.2970 0.1620 0.2122 -0.0036 0.0260  -0.0503 109 GLN A N   
407  C  CA  . GLN A 29 ? 0.3154 0.2064 0.2012 -0.0077 0.0293  -0.0345 109 GLN A CA  
408  C  C   . GLN A 29 ? 0.3376 0.2167 0.1982 -0.0094 0.0192  -0.0124 109 GLN A C   
409  O  O   . GLN A 29 ? 0.2893 0.2186 0.2546 0.0012  0.0425  -0.0293 109 GLN A O   
410  C  CB  . GLN A 29 ? 0.3724 0.2687 0.2390 -0.0044 0.0269  -0.0450 109 GLN A CB  
411  C  CG  . GLN A 29 ? 0.4741 0.3285 0.2739 -0.0169 0.0154  -0.0559 109 GLN A CG  
412  C  CD  . GLN A 29 ? 0.5167 0.3715 0.3350 -0.0449 0.0273  -0.0703 109 GLN A CD  
413  O  OE1 . GLN A 29 ? 0.5253 0.3825 0.3158 -0.0596 0.0783  -0.0530 109 GLN A OE1 
414  N  NE2 . GLN A 29 ? 0.5489 0.3915 0.4125 -0.0687 0.0224  -0.0944 109 GLN A NE2 
423  N  N   . ILE A 30 ? 0.3492 0.2559 0.2511 0.0062  0.0337  0.0188  110 ILE A N   
424  C  CA  . ILE A 30 ? 0.3900 0.3111 0.2822 0.0490  0.0433  0.0635  110 ILE A CA  
425  C  C   . ILE A 30 ? 0.4080 0.4025 0.2852 0.0483  0.0191  0.0833  110 ILE A C   
426  O  O   . ILE A 30 ? 0.3980 0.4583 0.3122 0.0227  0.0094  0.0630  110 ILE A O   
427  C  CB  . ILE A 30 ? 0.4382 0.3177 0.3706 0.0949  0.0555  0.0264  110 ILE A CB  
428  C  CG1 . ILE A 30 ? 0.4665 0.3025 0.3900 0.1036  0.0750  0.0105  110 ILE A CG1 
429  C  CG2 . ILE A 30 ? 0.4595 0.3352 0.3459 0.1098  0.0772  0.0373  110 ILE A CG2 
430  C  CD1 . ILE A 30 ? 0.4444 0.3031 0.3769 0.1253  0.0859  0.0059  110 ILE A CD1 
442  N  N   . VAL A 31 ? 0.3904 0.4487 0.3109 0.0229  0.0277  0.0772  111 VAL A N   
443  C  CA  . VAL A 31 ? 0.4442 0.5562 0.3191 0.0069  0.0297  0.0139  111 VAL A CA  
444  C  C   . VAL A 31 ? 0.4725 0.6315 0.3978 0.0271  0.0119  -0.0531 111 VAL A C   
445  O  O   . VAL A 31 ? 0.5127 0.6655 0.4251 0.0427  -0.0055 -0.0810 111 VAL A O   
446  C  CB  . VAL A 31 ? 0.4735 0.5928 0.2944 -0.0065 0.0246  -0.0076 111 VAL A CB  
447  C  CG1 . VAL A 31 ? 0.4478 0.6201 0.3435 -0.0270 0.0256  -0.0444 111 VAL A CG1 
448  C  CG2 . VAL A 31 ? 0.4753 0.6345 0.3885 -0.0018 -0.0026 -0.0776 111 VAL A CG2 
458  N  N   . GLY A 36 ? 0.5515 0.5897 0.7145 0.0685  0.0911  -0.1441 116 GLY A N   
459  C  CA  . GLY A 36 ? 0.5141 0.5161 0.7752 0.1051  0.0862  -0.1382 116 GLY A CA  
460  C  C   . GLY A 36 ? 0.4654 0.4108 0.8168 0.1501  0.0759  -0.1145 116 GLY A C   
461  O  O   . GLY A 36 ? 0.4645 0.4384 0.9329 0.1436  0.0778  -0.1576 116 GLY A O   
465  N  N   . ASP A 37 ? 0.4405 0.3517 0.7355 0.1622  0.0704  -0.1143 117 ASP A N   
466  C  CA  . ASP A 37 ? 0.3820 0.3209 0.6402 0.0839  0.1018  -0.1415 117 ASP A CA  
467  C  C   . ASP A 37 ? 0.2638 0.2503 0.5113 0.0099  0.1170  -0.1336 117 ASP A C   
468  O  O   . ASP A 37 ? 0.2343 0.2930 0.5495 -0.0217 0.1106  -0.1873 117 ASP A O   
469  C  CB  . ASP A 37 ? 0.4779 0.3572 0.6477 0.0907  0.1151  -0.1460 117 ASP A CB  
470  C  CG  . ASP A 37 ? 0.5668 0.3943 0.6395 0.1240  0.0965  -0.1286 117 ASP A CG  
471  O  OD1 . ASP A 37 ? 0.5856 0.3916 0.6873 0.1273  0.0773  -0.1406 117 ASP A OD1 
472  O  OD2 . ASP A 37 ? 0.6242 0.4426 0.5828 0.1351  0.0987  -0.1149 117 ASP A OD2 
477  N  N   . TRP A 38 ? 0.2373 0.2198 0.4183 0.0273  0.0750  -0.1161 118 TRP A N   
478  C  CA  . TRP A 38 ? 0.2164 0.2096 0.2867 0.0220  0.0392  -0.0845 118 TRP A CA  
479  C  C   . TRP A 38 ? 0.2062 0.2076 0.2929 0.0387  0.0098  -0.0560 118 TRP A C   
480  O  O   . TRP A 38 ? 0.2265 0.2963 0.3227 0.0725  0.0127  -0.0641 118 TRP A O   
481  C  CB  . TRP A 38 ? 0.2340 0.2253 0.2802 0.0170  0.0334  -0.0902 118 TRP A CB  
482  C  CG  . TRP A 38 ? 0.2459 0.2163 0.2410 0.0086  0.0524  -0.0899 118 TRP A CG  
483  C  CD1 . TRP A 38 ? 0.2776 0.3064 0.2795 0.0269  0.0593  -0.1463 118 TRP A CD1 
484  C  CD2 . TRP A 38 ? 0.2479 0.1960 0.2263 -0.0066 0.0416  -0.0831 118 TRP A CD2 
485  N  NE1 . TRP A 38 ? 0.3127 0.3281 0.2269 0.0346  0.0762  -0.1302 118 TRP A NE1 
486  C  CE2 . TRP A 38 ? 0.2598 0.2659 0.2288 -0.0084 0.0781  -0.1046 118 TRP A CE2 
487  C  CE3 . TRP A 38 ? 0.2369 0.1546 0.2274 -0.0148 0.0219  -0.0889 118 TRP A CE3 
488  C  CZ2 . TRP A 38 ? 0.3291 0.2491 0.2154 -0.0012 0.0459  -0.0884 118 TRP A CZ2 
489  C  CZ3 . TRP A 38 ? 0.2825 0.1640 0.2003 0.0014  0.0266  -0.0765 118 TRP A CZ3 
490  C  CH2 . TRP A 38 ? 0.3233 0.1892 0.2276 -0.0018 0.0199  -0.0807 118 TRP A CH2 
501  N  N   . TRP A 39 ? 0.2016 0.1563 0.2641 0.0199  0.0083  -0.0461 119 TRP A N   
502  C  CA  . TRP A 39 ? 0.2241 0.1936 0.2247 0.0042  0.0008  -0.0595 119 TRP A CA  
503  C  C   . TRP A 39 ? 0.2180 0.1754 0.2448 -0.0021 0.0189  -0.0606 119 TRP A C   
504  O  O   . TRP A 39 ? 0.2446 0.1458 0.2514 0.0121  -0.0142 -0.0732 119 TRP A O   
505  C  CB  . TRP A 39 ? 0.2429 0.2068 0.2416 0.0296  0.0048  -0.0246 119 TRP A CB  
506  C  CG  . TRP A 39 ? 0.2477 0.2140 0.2805 0.0144  0.0126  -0.0258 119 TRP A CG  
507  C  CD1 . TRP A 39 ? 0.2880 0.1909 0.3696 0.0179  0.0113  -0.0308 119 TRP A CD1 
508  C  CD2 . TRP A 39 ? 0.3165 0.2317 0.2880 -0.0096 -0.0022 -0.0450 119 TRP A CD2 
509  N  NE1 . TRP A 39 ? 0.3492 0.2149 0.3819 0.0243  -0.0112 -0.0383 119 TRP A NE1 
510  C  CE2 . TRP A 39 ? 0.3573 0.2072 0.3168 0.0021  -0.0070 -0.0235 119 TRP A CE2 
511  C  CE3 . TRP A 39 ? 0.3370 0.2459 0.2656 -0.0531 0.0123  -0.0518 119 TRP A CE3 
512  C  CZ2 . TRP A 39 ? 0.4044 0.2191 0.2992 -0.0066 -0.0131 -0.0312 119 TRP A CZ2 
513  C  CZ3 . TRP A 39 ? 0.3876 0.2684 0.3104 -0.0591 0.0309  -0.0771 119 TRP A CZ3 
514  C  CH2 . TRP A 39 ? 0.4127 0.2455 0.3147 -0.0364 0.0130  -0.0561 119 TRP A CH2 
525  N  N   . LEU A 40 ? 0.2096 0.1970 0.2459 0.0008  -0.0020 -0.0681 120 LEU A N   
526  C  CA  . LEU A 40 ? 0.2210 0.2217 0.2398 -0.0254 0.0068  -0.0678 120 LEU A CA  
527  C  C   . LEU A 40 ? 0.2419 0.2078 0.2156 -0.0179 0.0105  -0.0395 120 LEU A C   
528  O  O   . LEU A 40 ? 0.2626 0.2527 0.2424 0.0097  0.0048  -0.0266 120 LEU A O   
529  C  CB  . LEU A 40 ? 0.2416 0.2739 0.2039 -0.0256 0.0039  -0.0638 120 LEU A CB  
530  C  CG  . LEU A 40 ? 0.2511 0.3362 0.2726 -0.0435 0.0252  -0.1380 120 LEU A CG  
531  C  CD1 . LEU A 40 ? 0.2646 0.2974 0.2750 -0.0369 0.0393  -0.1420 120 LEU A CD1 
532  C  CD2 . LEU A 40 ? 0.2956 0.3520 0.2991 -0.0626 0.0225  -0.1474 120 LEU A CD2 
544  N  N   . ALA A 41 ? 0.2380 0.1773 0.2149 -0.0189 0.0179  -0.0430 121 ALA A N   
545  C  CA  . ALA A 41 ? 0.2477 0.1600 0.2356 -0.0051 0.0351  -0.0471 121 ALA A CA  
546  C  C   . ALA A 41 ? 0.2540 0.1686 0.2185 -0.0085 0.0499  -0.0610 121 ALA A C   
547  O  O   . ALA A 41 ? 0.3104 0.1657 0.2391 -0.0002 0.0905  -0.0691 121 ALA A O   
548  C  CB  . ALA A 41 ? 0.2352 0.1967 0.2681 -0.0136 0.0449  -0.0944 121 ALA A CB  
554  N  N   . ARG A 42 ? 0.2751 0.1593 0.2294 -0.0022 0.0621  -0.0549 122 ARG A N   
555  C  CA  . ARG A 42 ? 0.2620 0.1725 0.2424 -0.0218 0.0544  -0.1017 122 ARG A CA  
556  C  C   . ARG A 42 ? 0.2679 0.1277 0.2003 -0.0078 0.0466  -0.0781 122 ARG A C   
557  O  O   . ARG A 42 ? 0.2632 0.1383 0.2502 0.0027  0.0484  -0.0864 122 ARG A O   
558  C  CB  . ARG A 42 ? 0.3199 0.2463 0.2372 -0.0486 0.0641  -0.1330 122 ARG A CB  
559  C  CG  . ARG A 42 ? 0.4058 0.3023 0.2635 -0.0524 0.0736  -0.1523 122 ARG A CG  
560  C  CD  . ARG A 42 ? 0.4555 0.4132 0.3782 -0.0612 0.0691  -0.2188 122 ARG A CD  
561  N  NE  . ARG A 42 ? 0.5177 0.4856 0.4652 -0.0480 0.0592  -0.2522 122 ARG A NE  
562  C  CZ  . ARG A 42 ? 0.5345 0.5499 0.5078 -0.0404 0.0747  -0.2795 122 ARG A CZ  
563  N  NH1 . ARG A 42 ? 0.5439 0.6011 0.4794 -0.0355 0.0867  -0.2839 122 ARG A NH1 
564  N  NH2 . ARG A 42 ? 0.5435 0.5170 0.5648 -0.0605 0.0658  -0.2871 122 ARG A NH2 
578  N  N   . SER A 43 ? 0.2437 0.1541 0.1943 -0.0098 0.0676  -0.0851 123 SER A N   
579  C  CA  . SER A 43 ? 0.2317 0.1551 0.2295 -0.0046 0.0747  -0.0904 123 SER A CA  
580  C  C   . SER A 43 ? 0.2409 0.1533 0.2008 0.0071  0.0616  -0.0861 123 SER A C   
581  O  O   . SER A 43 ? 0.2558 0.1456 0.2273 0.0075  0.0521  -0.0918 123 SER A O   
582  C  CB  . SER A 43 ? 0.2218 0.1784 0.2369 0.0111  0.0792  -0.0933 123 SER A CB  
583  O  OG  . SER A 43 ? 0.2543 0.1756 0.2287 0.0145  0.0713  -0.0934 123 SER A OG  
589  N  N   . LEU A 44 ? 0.2504 0.1559 0.2297 -0.0067 0.0814  -0.0877 124 LEU A N   
590  C  CA  . LEU A 44 ? 0.2613 0.1700 0.2247 0.0071  0.0947  -0.0794 124 LEU A CA  
591  C  C   . LEU A 44 ? 0.2755 0.1706 0.2363 0.0230  0.0826  -0.0851 124 LEU A C   
592  O  O   . LEU A 44 ? 0.2615 0.1868 0.2409 0.0045  0.0947  -0.0927 124 LEU A O   
593  C  CB  . LEU A 44 ? 0.2779 0.1834 0.2515 0.0171  0.0929  -0.0826 124 LEU A CB  
594  C  CG  . LEU A 44 ? 0.3015 0.1860 0.2049 0.0076  0.0698  -0.0709 124 LEU A CG  
595  C  CD1 . LEU A 44 ? 0.3196 0.2005 0.2787 0.0044  0.0606  -0.0875 124 LEU A CD1 
596  C  CD2 . LEU A 44 ? 0.3216 0.2013 0.2510 0.0031  0.0735  -0.0933 124 LEU A CD2 
608  N  N   . THR A 45 ? 0.2566 0.1764 0.2145 0.0353  0.0654  -0.0886 125 THR A N   
609  C  CA  . THR A 45 ? 0.2408 0.1821 0.2599 0.0351  0.0861  -0.0713 125 THR A CA  
610  C  C   . THR A 45 ? 0.2614 0.1899 0.2728 0.0321  0.0911  -0.0826 125 THR A C   
611  O  O   . THR A 45 ? 0.2708 0.1788 0.2781 0.0255  0.1101  -0.0759 125 THR A O   
612  C  CB  . THR A 45 ? 0.2806 0.1963 0.3166 0.0368  0.0520  -0.0694 125 THR A CB  
613  O  OG1 . THR A 45 ? 0.2893 0.2014 0.3510 0.0294  0.0715  -0.0794 125 THR A OG1 
614  C  CG2 . THR A 45 ? 0.2608 0.2406 0.3038 0.0275  0.0709  -0.0748 125 THR A CG2 
622  N  N   . THR A 46 ? 0.2633 0.1588 0.3032 0.0301  0.0933  -0.0676 126 THR A N   
623  C  CA  . THR A 46 ? 0.2743 0.1629 0.3186 0.0357  0.0915  -0.0629 126 THR A CA  
624  C  C   . THR A 46 ? 0.3084 0.1775 0.2625 0.0029  0.1055  -0.0835 126 THR A C   
625  O  O   . THR A 46 ? 0.3368 0.1654 0.3198 0.0211  0.0787  -0.0978 126 THR A O   
626  C  CB  . THR A 46 ? 0.2772 0.1955 0.2784 0.0238  0.0708  -0.0430 126 THR A CB  
627  O  OG1 . THR A 46 ? 0.2442 0.2083 0.2573 0.0023  0.0752  -0.0596 126 THR A OG1 
628  C  CG2 . THR A 46 ? 0.2699 0.2281 0.3416 0.0214  0.0886  -0.0469 126 THR A CG2 
636  N  N   . GLY A 47 ? 0.2863 0.1729 0.2518 0.0107  0.0828  -0.0948 127 GLY A N   
637  C  CA  . GLY A 47 ? 0.3143 0.1569 0.2484 0.0215  0.0257  -0.1067 127 GLY A CA  
638  C  C   . GLY A 47 ? 0.2784 0.1833 0.2540 -0.0110 0.0070  -0.1258 127 GLY A C   
639  O  O   . GLY A 47 ? 0.3703 0.2181 0.2931 -0.0167 -0.0033 -0.1221 127 GLY A O   
643  N  N   . LYS A 48 ? 0.2374 0.1587 0.2570 -0.0049 0.0273  -0.1125 128 LYS A N   
644  C  CA  . LYS A 48 ? 0.2301 0.1694 0.3018 -0.0231 0.0412  -0.1217 128 LYS A CA  
645  C  C   . LYS A 48 ? 0.2403 0.1279 0.2799 0.0107  0.0476  -0.0856 128 LYS A C   
646  O  O   . LYS A 48 ? 0.2605 0.1328 0.2803 -0.0040 0.0700  -0.0831 128 LYS A O   
647  C  CB  . LYS A 48 ? 0.2664 0.1888 0.3365 -0.0138 0.0275  -0.0859 128 LYS A CB  
648  C  CG  . LYS A 48 ? 0.3919 0.2939 0.4362 0.0132  0.0463  -0.0864 128 LYS A CG  
649  C  CD  . LYS A 48 ? 0.4550 0.3493 0.5164 0.0044  0.0629  -0.0787 128 LYS A CD  
650  C  CE  . LYS A 48 ? 0.5383 0.3899 0.5349 0.0190  0.0753  -0.0636 128 LYS A CE  
651  N  NZ  . LYS A 48 ? 0.5729 0.4491 0.6114 0.0281  0.0731  -0.1048 128 LYS A NZ  
665  N  N   . THR A 49 ? 0.2463 0.1362 0.2996 -0.0109 0.0351  -0.0989 129 THR A N   
666  C  CA  A THR A 49 ? 0.2486 0.1642 0.3315 -0.0168 0.0672  -0.1108 129 THR A CA  
667  C  CA  B THR A 49 ? 0.2521 0.1569 0.3155 -0.0227 0.0529  -0.1083 129 THR A CA  
668  C  C   . THR A 49 ? 0.2347 0.1729 0.3666 -0.0220 0.0878  -0.1153 129 THR A C   
669  O  O   . THR A 49 ? 0.3210 0.1804 0.4515 -0.0264 0.1695  -0.0899 129 THR A O   
670  C  CB  A THR A 49 ? 0.3046 0.2032 0.3409 -0.0032 0.0795  -0.1087 129 THR A CB  
671  C  CB  B THR A 49 ? 0.3155 0.2007 0.3269 -0.0149 0.0460  -0.1219 129 THR A CB  
672  O  OG1 A THR A 49 ? 0.3581 0.2204 0.3672 0.0315  0.0480  -0.1232 129 THR A OG1 
673  O  OG1 B THR A 49 ? 0.3548 0.2662 0.4774 0.0043  0.0371  -0.1685 129 THR A OG1 
674  C  CG2 A THR A 49 ? 0.3197 0.2358 0.3339 0.0010  0.1163  -0.0986 129 THR A CG2 
675  C  CG2 B THR A 49 ? 0.3310 0.1834 0.2175 0.0028  0.0216  -0.1046 129 THR A CG2 
689  N  N   . GLY A 50 ? 0.2473 0.1331 0.2721 -0.0016 0.0508  -0.0816 130 GLY A N   
690  C  CA  . GLY A 50 ? 0.2301 0.1440 0.2217 0.0043  0.0424  -0.0950 130 GLY A CA  
691  C  C   . GLY A 50 ? 0.2332 0.1194 0.2057 -0.0095 0.0224  -0.0828 130 GLY A C   
692  O  O   . GLY A 50 ? 0.2581 0.1268 0.2348 -0.0180 0.0567  -0.0731 130 GLY A O   
696  N  N   . TYR A 51 ? 0.2192 0.1443 0.1914 -0.0009 0.0310  -0.0840 131 TYR A N   
697  C  CA  . TYR A 51 ? 0.1884 0.1354 0.2212 0.0066  0.0160  -0.0887 131 TYR A CA  
698  C  C   . TYR A 51 ? 0.2132 0.1094 0.2223 0.0091  0.0082  -0.0610 131 TYR A C   
699  O  O   . TYR A 51 ? 0.2325 0.1154 0.2220 -0.0013 0.0057  -0.0521 131 TYR A O   
700  C  CB  . TYR A 51 ? 0.1936 0.1353 0.2291 -0.0052 0.0265  -0.0860 131 TYR A CB  
701  C  CG  . TYR A 51 ? 0.1957 0.1431 0.2380 0.0078  0.0188  -0.0876 131 TYR A CG  
702  C  CD1 . TYR A 51 ? 0.2106 0.1568 0.2617 0.0025  0.0208  -0.0912 131 TYR A CD1 
703  C  CD2 . TYR A 51 ? 0.2036 0.1450 0.2653 0.0050  0.0156  -0.1061 131 TYR A CD2 
704  C  CE1 . TYR A 51 ? 0.2190 0.1543 0.2969 0.0156  0.0095  -0.0915 131 TYR A CE1 
705  C  CE2 . TYR A 51 ? 0.2055 0.1763 0.2662 0.0009  0.0326  -0.1106 131 TYR A CE2 
706  C  CZ  . TYR A 51 ? 0.2139 0.1749 0.2562 0.0187  0.0015  -0.0990 131 TYR A CZ  
707  O  OH  . TYR A 51 ? 0.2276 0.1860 0.2800 0.0134  -0.0023 -0.0901 131 TYR A OH  
717  N  N   . ILE A 52 ? 0.2057 0.1169 0.2199 0.0173  0.0075  -0.0638 132 ILE A N   
718  C  CA  . ILE A 52 ? 0.2041 0.1175 0.2032 0.0103  0.0092  -0.0656 132 ILE A CA  
719  C  C   . ILE A 52 ? 0.1950 0.1400 0.1952 -0.0060 0.0243  -0.0739 132 ILE A C   
720  O  O   . ILE A 52 ? 0.2052 0.1306 0.2089 0.0165  0.0234  -0.0845 132 ILE A O   
721  C  CB  . ILE A 52 ? 0.2227 0.1293 0.1950 0.0209  0.0157  -0.0858 132 ILE A CB  
722  C  CG1 . ILE A 52 ? 0.2449 0.1275 0.2312 -0.0122 0.0319  -0.0861 132 ILE A CG1 
723  C  CG2 . ILE A 52 ? 0.1956 0.1286 0.2638 0.0181  0.0203  -0.0908 132 ILE A CG2 
724  C  CD1 . ILE A 52 ? 0.3021 0.1762 0.2587 -0.0165 0.0431  -0.0948 132 ILE A CD1 
736  N  N   . PRO A 53 ? 0.2237 0.1553 0.1857 -0.0107 0.0188  -0.0776 133 PRO A N   
737  C  CA  . PRO A 53 ? 0.2293 0.1854 0.2223 -0.0291 0.0498  -0.1147 133 PRO A CA  
738  C  C   . PRO A 53 ? 0.2000 0.1638 0.2757 -0.0132 0.0466  -0.1148 133 PRO A C   
739  O  O   . PRO A 53 ? 0.2242 0.1535 0.2726 -0.0149 0.0624  -0.1041 133 PRO A O   
740  C  CB  . PRO A 53 ? 0.2598 0.2899 0.2806 -0.0500 0.0709  -0.1449 133 PRO A CB  
741  C  CG  . PRO A 53 ? 0.3378 0.2342 0.2070 -0.0544 0.0347  -0.0833 133 PRO A CG  
742  C  CD  . PRO A 53 ? 0.2940 0.2029 0.1912 -0.0188 -0.0003 -0.0707 133 PRO A CD  
750  N  N   . SER A 54 ? 0.2085 0.1736 0.3057 -0.0159 0.0490  -0.1235 134 SER A N   
751  C  CA  . SER A 54 ? 0.2328 0.1733 0.3138 -0.0081 0.0260  -0.0994 134 SER A CA  
752  C  C   . SER A 54 ? 0.2221 0.1821 0.3027 0.0036  0.0306  -0.0996 134 SER A C   
753  O  O   . SER A 54 ? 0.2540 0.1741 0.2637 -0.0121 0.0319  -0.0743 134 SER A O   
754  C  CB  . SER A 54 ? 0.2776 0.2489 0.3090 0.0141  0.0119  -0.0994 134 SER A CB  
755  O  OG  . SER A 54 ? 0.3023 0.2439 0.3293 0.0148  0.0045  -0.0866 134 SER A OG  
761  N  N   . ASN A 55 ? 0.2627 0.1618 0.2587 -0.0134 0.0392  -0.1117 135 ASN A N   
762  C  CA  A ASN A 55 ? 0.2875 0.1912 0.2139 0.0021  0.0516  -0.1063 135 ASN A CA  
763  C  CA  B ASN A 55 ? 0.2915 0.1674 0.2125 -0.0096 0.0378  -0.1026 135 ASN A CA  
764  C  C   . ASN A 55 ? 0.2658 0.1558 0.2243 -0.0336 0.0342  -0.0920 135 ASN A C   
765  O  O   . ASN A 55 ? 0.2761 0.1529 0.2670 -0.0244 0.0170  -0.0787 135 ASN A O   
766  C  CB  A ASN A 55 ? 0.3116 0.2498 0.2669 0.0173  0.0725  -0.1351 135 ASN A CB  
767  C  CB  B ASN A 55 ? 0.3073 0.1895 0.2899 -0.0084 0.0246  -0.1329 135 ASN A CB  
768  C  CG  A ASN A 55 ? 0.3995 0.2744 0.2195 0.0396  0.0877  -0.1025 135 ASN A CG  
769  C  CG  B ASN A 55 ? 0.3725 0.1725 0.2629 0.0012  0.0228  -0.1114 135 ASN A CG  
770  O  OD1 A ASN A 55 ? 0.4681 0.3235 0.3577 0.0447  0.0782  -0.1626 135 ASN A OD1 
771  O  OD1 B ASN A 55 ? 0.3777 0.1783 0.2983 0.0018  0.0023  -0.1297 135 ASN A OD1 
772  N  ND2 A ASN A 55 ? 0.3713 0.3085 0.4011 0.0378  0.0155  -0.2022 135 ASN A ND2 
773  N  ND2 B ASN A 55 ? 0.3947 0.1982 0.2454 0.0065  0.0373  -0.1150 135 ASN A ND2 
784  N  N   . TYR A 56 ? 0.2383 0.1657 0.2132 -0.0342 0.0578  -0.1011 136 TYR A N   
785  C  CA  . TYR A 56 ? 0.2684 0.1558 0.2316 -0.0413 0.0556  -0.0799 136 TYR A CA  
786  C  C   . TYR A 56 ? 0.2289 0.1653 0.1756 -0.0252 0.0713  -0.0783 136 TYR A C   
787  O  O   . TYR A 56 ? 0.2465 0.1787 0.2354 -0.0249 0.0521  -0.0785 136 TYR A O   
788  C  CB  . TYR A 56 ? 0.2641 0.1789 0.2079 -0.0458 0.0535  -0.0572 136 TYR A CB  
789  C  CG  . TYR A 56 ? 0.3100 0.2366 0.1462 -0.0849 0.0494  -0.0498 136 TYR A CG  
790  C  CD1 . TYR A 56 ? 0.3195 0.3116 0.1356 -0.0541 0.0392  -0.0533 136 TYR A CD1 
791  C  CD2 . TYR A 56 ? 0.3406 0.2035 0.1759 -0.0738 -0.0042 -0.0334 136 TYR A CD2 
792  C  CE1 . TYR A 56 ? 0.3616 0.3279 0.2017 -0.0398 0.0402  -0.0315 136 TYR A CE1 
793  C  CE2 . TYR A 56 ? 0.3847 0.2704 0.2300 -0.0502 -0.0190 -0.0478 136 TYR A CE2 
794  C  CZ  . TYR A 56 ? 0.4176 0.3338 0.1408 -0.0080 0.0253  0.0012  136 TYR A CZ  
795  O  OH  . TYR A 56 ? 0.4926 0.4117 0.2408 0.0456  0.0497  -0.0336 136 TYR A OH  
805  N  N   . VAL A 57 ? 0.2458 0.1498 0.1908 -0.0155 0.0655  -0.0750 137 VAL A N   
806  C  CA  . VAL A 57 ? 0.2477 0.1335 0.2305 -0.0167 0.0608  -0.0664 137 VAL A CA  
807  C  C   . VAL A 57 ? 0.2650 0.1439 0.2072 -0.0140 0.0769  -0.0767 137 VAL A C   
808  O  O   . VAL A 57 ? 0.2799 0.1367 0.2462 0.0138  0.0878  -0.0564 137 VAL A O   
809  C  CB  . VAL A 57 ? 0.2268 0.1325 0.2382 -0.0115 0.0365  -0.0734 137 VAL A CB  
810  C  CG1 . VAL A 57 ? 0.2557 0.1289 0.2536 0.0017  0.0243  -0.0877 137 VAL A CG1 
811  C  CG2 . VAL A 57 ? 0.2514 0.1635 0.2204 0.0143  0.0059  -0.0515 137 VAL A CG2 
821  N  N   . ALA A 58 ? 0.2581 0.1366 0.2274 -0.0135 0.0727  -0.0800 138 ALA A N   
822  C  CA  . ALA A 58 ? 0.2997 0.1194 0.2673 -0.0265 0.0790  -0.0616 138 ALA A CA  
823  C  C   . ALA A 58 ? 0.2942 0.1029 0.2531 -0.0146 0.0619  -0.0514 138 ALA A C   
824  O  O   . ALA A 58 ? 0.2946 0.1110 0.2514 -0.0019 0.0637  -0.0601 138 ALA A O   
825  C  CB  . ALA A 58 ? 0.3657 0.1827 0.2626 -0.0536 0.0859  -0.0725 138 ALA A CB  
831  N  N   . PRO A 59 ? 0.3307 0.1045 0.2779 -0.0036 0.0635  -0.0423 139 PRO A N   
832  C  CA  . PRO A 59 ? 0.3673 0.1462 0.2710 -0.0074 0.0691  -0.0341 139 PRO A CA  
833  C  C   . PRO A 59 ? 0.3611 0.1695 0.2907 -0.0463 0.0819  -0.0530 139 PRO A C   
834  O  O   . PRO A 59 ? 0.3426 0.2302 0.3276 -0.0686 0.1075  -0.1094 139 PRO A O   
835  C  CB  . PRO A 59 ? 0.4219 0.1507 0.3257 0.0227  0.0516  -0.0362 139 PRO A CB  
836  C  CG  . PRO A 59 ? 0.4471 0.1291 0.3530 0.0223  0.0492  -0.0426 139 PRO A CG  
837  C  CD  . PRO A 59 ? 0.4039 0.1177 0.3223 0.0159  0.0616  -0.0355 139 PRO A CD  
845  N  N   . SER A 60 ? 0.4066 0.1954 0.2343 -0.0417 0.0786  -0.0409 140 SER A N   
846  C  CA  . SER A 60 ? 0.4454 0.2858 0.2658 -0.0242 0.1040  -0.0494 140 SER A CA  
847  C  C   . SER A 60 ? 0.4985 0.3711 0.2764 0.0031  0.0817  -0.1005 140 SER A C   
848  O  O   . SER A 60 ? 0.5303 0.3654 0.3028 -0.0138 0.1002  -0.1189 140 SER A O   
849  C  CB  . SER A 60 ? 0.5282 0.3361 0.2685 0.0614  0.0793  -0.0245 140 SER A CB  
850  O  OG  . SER A 60 ? 0.5514 0.3610 0.3079 0.0667  0.1022  -0.0311 140 SER A OG  
856  N  N   . ASP A 61 ? 0.5380 0.4316 0.2494 0.0410  0.0746  -0.0929 141 ASP A N   
857  C  CA  . ASP A 61 ? 0.5878 0.4755 0.3171 0.0704  0.0646  -0.0909 141 ASP A CA  
858  C  C   . ASP A 61 ? 0.5793 0.5347 0.4131 0.0864  0.0682  -0.1213 141 ASP A C   
859  O  O   . ASP A 61 ? 0.5423 0.6007 0.5063 0.0769  0.0636  -0.1777 141 ASP A O   
860  C  CB  . ASP A 61 ? 0.6356 0.4824 0.3042 0.0753  0.0616  -0.0747 141 ASP A CB  
861  O  OXT . ASP A 61 ? 0.6116 0.5146 0.4584 0.1176  0.0322  -0.1189 141 ASP A OXT 
864  C  C1  . ZB1 B .  ? 0.2955 0.1500 0.2963 0.0658  0.0718  -0.0558 1   ZB1 B C1  
865  C  C2  . ZB1 B .  ? 0.2844 0.1843 0.2746 0.0742  0.0613  -0.0679 1   ZB1 B C2  
866  C  C3  . ZB1 B .  ? 0.2761 0.2109 0.2869 0.0623  0.0710  -0.0932 1   ZB1 B C3  
867  C  C3M . ZB1 B .  ? 0.3166 0.2891 0.2977 0.0661  0.0513  -0.1489 1   ZB1 B C3M 
868  C  C4  . ZB1 B .  ? 0.2939 0.1797 0.2560 0.0674  0.0680  -0.0384 1   ZB1 B C4  
869  C  C5  . ZB1 B .  ? 0.2665 0.2022 0.3146 0.0599  0.0955  -0.0467 1   ZB1 B C5  
870  C  C6  . ZB1 B .  ? 0.2968 0.3014 0.3973 0.0298  0.1159  -0.1133 1   ZB1 B C6  
871  O  O2  . ZB1 B .  ? 0.3225 0.2997 0.2986 0.0928  0.0404  -0.1380 1   ZB1 B O2  
872  O  O3  . ZB1 B .  ? 0.2812 0.2567 0.2653 0.0647  0.0598  -0.1230 1   ZB1 B O3  
873  O  O4  . ZB1 B .  ? 0.2595 0.2040 0.2839 0.0439  0.0767  -0.0597 1   ZB1 B O4  
874  O  O5  . ZB1 B .  ? 0.2880 0.1637 0.3404 0.0696  0.0809  -0.0427 1   ZB1 B O5  
875  O  O6  . ZB1 B .  ? 0.3179 0.3706 0.5302 0.0165  0.1049  -0.1938 1   ZB1 B O6  
888  C  C1  . GLC B .  ? 0.2780 0.2504 0.2728 0.0067  0.0865  -0.1004 2   GLC B C1  
889  C  C2  . GLC B .  ? 0.2811 0.2309 0.2558 0.0034  0.1030  -0.0913 2   GLC B C2  
890  C  C3  . GLC B .  ? 0.3466 0.1859 0.2413 -0.0023 0.0577  -0.0947 2   GLC B C3  
891  C  C4  . GLC B .  ? 0.3511 0.1992 0.2503 -0.0043 0.0426  -0.0947 2   GLC B C4  
892  C  C5  . GLC B .  ? 0.3142 0.2462 0.3011 0.0066  0.0403  -0.1059 2   GLC B C5  
893  C  C6  . GLC B .  ? 0.3458 0.2773 0.3126 0.0224  0.0199  -0.1158 2   GLC B C6  
894  O  O2  . GLC B .  ? 0.2837 0.2035 0.3292 -0.0086 0.1039  -0.0723 2   GLC B O2  
895  O  O3  . GLC B .  ? 0.3546 0.1799 0.2936 -0.0214 0.0485  -0.1199 2   GLC B O3  
896  O  O4  . GLC B .  ? 0.3026 0.1915 0.3002 -0.0073 0.0334  -0.1089 2   GLC B O4  
897  O  O5  . GLC B .  ? 0.2902 0.2312 0.2856 -0.0096 0.0813  -0.0811 2   GLC B O5  
898  O  O6  . GLC B .  ? 0.3655 0.3167 0.3195 0.0394  0.0132  -0.1304 2   GLC B O6  
909  C  C1  . GLC B .  ? 0.2920 0.2281 0.2858 -0.0195 0.0530  -0.1029 3   GLC B C1  
910  C  C2  . GLC B .  ? 0.3222 0.2250 0.2419 -0.0389 0.0790  -0.0958 3   GLC B C2  
911  C  C3  . GLC B .  ? 0.3618 0.1996 0.2635 -0.0415 0.0978  -0.0756 3   GLC B C3  
912  C  C4  . GLC B .  ? 0.2863 0.2279 0.3968 -0.0385 0.0751  -0.1377 3   GLC B C4  
913  C  C5  . GLC B .  ? 0.3029 0.2638 0.4213 -0.0130 0.0476  -0.1407 3   GLC B C5  
914  C  C6  . GLC B .  ? 0.3702 0.2903 0.4919 0.0113  0.0344  -0.1543 3   GLC B C6  
915  O  O2  . GLC B .  ? 0.3333 0.2271 0.2193 -0.0571 0.0640  -0.1093 3   GLC B O2  
916  O  O3  . GLC B .  ? 0.4232 0.2090 0.3008 -0.0560 0.1105  -0.0816 3   GLC B O3  
917  O  O4  . GLC B .  ? 0.2691 0.2414 0.4849 -0.0205 0.1222  -0.1449 3   GLC B O4  
918  O  O5  . GLC B .  ? 0.2945 0.2764 0.3865 -0.0084 0.0374  -0.1393 3   GLC B O5  
919  O  O6  . GLC B .  ? 0.4100 0.3390 0.5462 0.0352  0.0267  -0.1821 3   GLC B O6  
930  C  C1  . ZB2 B .  ? 0.3075 0.2003 0.5116 -0.0047 0.1301  -0.1031 4   ZB2 B C1  
931  C  C2  . ZB2 B .  ? 0.2851 0.2139 0.4996 -0.0057 0.1544  -0.1059 4   ZB2 B C2  
932  C  C2M . ZB2 B .  ? 0.2633 0.1993 0.3601 -0.0051 0.1258  -0.0774 4   ZB2 B C2M 
933  C  C3  . ZB2 B .  ? 0.3562 0.1771 0.5103 -0.0195 0.1754  -0.0639 4   ZB2 B C3  
934  C  C4  . ZB2 B .  ? 0.4093 0.1982 0.5813 0.0179  0.1520  -0.0815 4   ZB2 B C4  
935  C  C5  . ZB2 B .  ? 0.3816 0.2140 0.6371 0.0292  0.1208  -0.1001 4   ZB2 B C5  
936  C  C6  . ZB2 B .  ? 0.4542 0.2577 0.7115 0.0604  0.0887  -0.1258 4   ZB2 B C6  
937  O  O2  . ZB2 B .  ? 0.2499 0.2104 0.4510 0.0161  0.1263  -0.0988 4   ZB2 B O2  
938  O  O3  . ZB2 B .  ? 0.3898 0.1710 0.5069 -0.0427 0.1724  -0.0564 4   ZB2 B O3  
939  O  O4  . ZB2 B .  ? 0.4849 0.2146 0.5864 0.0163  0.1708  -0.0834 4   ZB2 B O4  
940  O  O5  . ZB2 B .  ? 0.3482 0.2011 0.5879 0.0232  0.1235  -0.0904 4   ZB2 B O5  
941  O  O6  . ZB2 B .  ? 0.5179 0.2868 0.7510 0.0725  0.0779  -0.1398 4   ZB2 B O6  
954  C  C1  . ZB3 B .  ? 0.5885 0.2826 0.6273 0.0528  0.1469  -0.1160 5   ZB3 B C1  
955  C  C2  . ZB3 B .  ? 0.6750 0.2784 0.6224 0.0598  0.1348  -0.0962 5   ZB3 B C2  
956  C  C2M . ZB3 B .  ? 0.7502 0.2844 0.6620 0.0723  0.1112  -0.0789 5   ZB3 B C2M 
957  C  C3  . ZB3 B .  ? 0.6880 0.2657 0.5645 0.0438  0.1513  -0.0805 5   ZB3 B C3  
958  C  C4  . ZB3 B .  ? 0.6548 0.2829 0.5212 0.0488  0.1522  -0.0947 5   ZB3 B C4  
959  C  C5  . ZB3 B .  ? 0.6681 0.3124 0.6111 0.0746  0.1284  -0.1276 5   ZB3 B C5  
960  C  C6  . ZB3 B .  ? 0.7281 0.3541 0.6687 0.1017  0.1013  -0.1525 5   ZB3 B C6  
961  C  C6M . ZB3 B .  ? 0.7846 0.4280 0.7460 0.1241  0.0684  -0.1969 5   ZB3 B C6M 
962  O  O2  . ZB3 B .  ? 0.7357 0.2362 0.6351 0.0580  0.1212  -0.0553 5   ZB3 B O2  
963  O  O3  . ZB3 B .  ? 0.7276 0.2290 0.5383 0.0337  0.1655  -0.0369 5   ZB3 B O3  
964  O  O4  . ZB3 B .  ? 0.6190 0.2369 0.3656 0.0284  0.1671  -0.0494 5   ZB3 B O4  
965  O  O5  . ZB3 B .  ? 0.6044 0.3092 0.6379 0.0681  0.1389  -0.1385 5   ZB3 B O5  
966  O  O6  . ZB3 B .  ? 0.7620 0.4056 0.7245 0.1176  0.0798  -0.1836 5   ZB3 B O6  
981  C  C1  . ZB2 B .  ? 0.5703 0.2611 0.3371 0.0263  0.1501  -0.0740 6   ZB2 B C1  
982  C  C2  . ZB2 B .  ? 0.5830 0.2905 0.3834 0.0423  0.1306  -0.0887 6   ZB2 B C2  
983  C  C2M . ZB2 B .  ? 0.6361 0.3816 0.5321 0.0653  0.1056  -0.1652 6   ZB2 B C2M 
984  C  C3  . ZB2 B .  ? 0.5223 0.2877 0.3423 0.0420  0.1180  -0.0917 6   ZB2 B C3  
985  C  C4  . ZB2 B .  ? 0.4509 0.2413 0.2879 0.0357  0.1125  -0.0860 6   ZB2 B C4  
986  C  C5  . ZB2 B .  ? 0.4340 0.2446 0.2909 0.0019  0.1467  -0.0866 6   ZB2 B C5  
987  C  C6  . ZB2 B .  ? 0.3712 0.2604 0.3366 -0.0259 0.1663  -0.1025 6   ZB2 B C6  
988  O  O2  . ZB2 B .  ? 0.6211 0.3405 0.4702 0.0541  0.1238  -0.1216 6   ZB2 B O2  
989  O  O3  . ZB2 B .  ? 0.5577 0.3157 0.3591 0.0602  0.1137  -0.0958 6   ZB2 B O3  
990  O  O4  . ZB2 B .  ? 0.4067 0.1965 0.2265 0.0446  0.1009  -0.0622 6   ZB2 B O4  
991  O  O5  . ZB2 B .  ? 0.4992 0.2410 0.2868 -0.0008 0.1544  -0.0749 6   ZB2 B O5  
992  O  O6  . ZB2 B .  ? 0.3103 0.3129 0.4149 -0.0476 0.1778  -0.1454 6   ZB2 B O6  
1005 C  C1  . ZB0 B .  ? 0.3719 0.2040 0.2820 0.0476  0.0846  -0.0969 7   ZB0 B C1  
1006 C  C2  . ZB0 B .  ? 0.3926 0.2453 0.3098 0.0698  0.0470  -0.1210 7   ZB0 B C2  
1007 C  C2M . ZB0 B .  ? 0.4043 0.3642 0.3068 0.0604  0.0440  -0.1623 7   ZB0 B C2M 
1008 C  C3  . ZB0 B .  ? 0.3487 0.1764 0.3098 0.0583  0.0725  -0.0795 7   ZB0 B C3  
1009 C  C3M . ZB0 B .  ? 0.4011 0.2733 0.4604 0.0374  0.0871  -0.1483 7   ZB0 B C3M 
1010 C  C4  . ZB0 B .  ? 0.3134 0.1412 0.2928 0.0331  0.0872  -0.0644 7   ZB0 B C4  
1011 C  C5  . ZB0 B .  ? 0.3155 0.1621 0.3121 0.0277  0.0909  -0.0850 7   ZB0 B C5  
1012 C  C6  . ZB0 B .  ? 0.3728 0.1645 0.3883 0.0101  0.0880  -0.0977 7   ZB0 B C6  
1013 O  O2  . ZB0 B .  ? 0.4250 0.3122 0.2992 0.0792  0.0237  -0.1329 7   ZB0 B O2  
1014 O  O3  . ZB0 B .  ? 0.3502 0.2198 0.4132 0.0354  0.0820  -0.1138 7   ZB0 B O3  
1015 O  O4  . ZB0 B .  ? 0.3096 0.1398 0.2902 0.0392  0.0793  -0.0642 7   ZB0 B O4  
1016 O  O5  . ZB0 B .  ? 0.3243 0.1612 0.3046 0.0274  0.1025  -0.0762 7   ZB0 B O5  
1017 O  O6  . ZB0 B .  ? 0.4603 0.1723 0.4324 0.0560  0.0646  -0.0895 7   ZB0 B O6  
1032 CU CU  . CU  C .  ? 0.8242 0.9027 0.7580 -0.2051 -0.2492 0.4528  201 CU  A CU  
# 
